data_1ETF
# 
_entry.id   1ETF 
# 
_audit_conform.dict_name       mmcif_pdbx.dic 
_audit_conform.dict_version    5.392 
_audit_conform.dict_location   http://mmcif.pdb.org/dictionaries/ascii/mmcif_pdbx.dic 
# 
loop_
_database_2.database_id 
_database_2.database_code 
_database_2.pdbx_database_accession 
_database_2.pdbx_DOI 
PDB   1ETF         pdb_00001etf 10.2210/pdb1etf/pdb 
WWPDB D_1000173160 ?            ?                   
# 
loop_
_pdbx_audit_revision_history.ordinal 
_pdbx_audit_revision_history.data_content_type 
_pdbx_audit_revision_history.major_revision 
_pdbx_audit_revision_history.minor_revision 
_pdbx_audit_revision_history.revision_date 
1 'Structure model' 1 0 1997-03-12 
2 'Structure model' 1 1 2008-03-03 
3 'Structure model' 1 2 2011-07-13 
4 'Structure model' 1 3 2022-02-16 
5 'Structure model' 1 4 2024-05-22 
# 
_pdbx_audit_revision_details.ordinal             1 
_pdbx_audit_revision_details.revision_ordinal    1 
_pdbx_audit_revision_details.data_content_type   'Structure model' 
_pdbx_audit_revision_details.provider            repository 
_pdbx_audit_revision_details.type                'Initial release' 
_pdbx_audit_revision_details.description         ? 
_pdbx_audit_revision_details.details             ? 
# 
loop_
_pdbx_audit_revision_group.ordinal 
_pdbx_audit_revision_group.revision_ordinal 
_pdbx_audit_revision_group.data_content_type 
_pdbx_audit_revision_group.group 
1 2 'Structure model' 'Version format compliance' 
2 3 'Structure model' 'Version format compliance' 
3 4 'Structure model' 'Database references'       
4 4 'Structure model' 'Derived calculations'      
5 4 'Structure model' Other                       
6 5 'Structure model' 'Data collection'           
# 
loop_
_pdbx_audit_revision_category.ordinal 
_pdbx_audit_revision_category.revision_ordinal 
_pdbx_audit_revision_category.data_content_type 
_pdbx_audit_revision_category.category 
1 4 'Structure model' database_2            
2 4 'Structure model' pdbx_database_status  
3 4 'Structure model' pdbx_struct_assembly  
4 4 'Structure model' pdbx_struct_oper_list 
5 4 'Structure model' struct_ref_seq_dif    
6 5 'Structure model' chem_comp_atom        
7 5 'Structure model' chem_comp_bond        
# 
loop_
_pdbx_audit_revision_item.ordinal 
_pdbx_audit_revision_item.revision_ordinal 
_pdbx_audit_revision_item.data_content_type 
_pdbx_audit_revision_item.item 
1 4 'Structure model' '_database_2.pdbx_DOI'                
2 4 'Structure model' '_database_2.pdbx_database_accession' 
3 4 'Structure model' '_pdbx_database_status.process_site'  
4 4 'Structure model' '_struct_ref_seq_dif.details'         
# 
_pdbx_database_status.status_code                     REL 
_pdbx_database_status.entry_id                        1ETF 
_pdbx_database_status.recvd_initial_deposition_date   1996-08-28 
_pdbx_database_status.deposit_site                    ? 
_pdbx_database_status.process_site                    BNL 
_pdbx_database_status.status_code_sf                  ? 
_pdbx_database_status.status_code_mr                  REL 
_pdbx_database_status.SG_entry                        ? 
_pdbx_database_status.pdb_format_compatible           Y 
_pdbx_database_status.status_code_cs                  ? 
_pdbx_database_status.status_code_nmr_data            ? 
_pdbx_database_status.methods_development_category    ? 
# 
_pdbx_database_related.db_name        PDB 
_pdbx_database_related.db_id          1ETG 
_pdbx_database_related.details        'ENSEMBLE OF 19 STRUCTURES' 
_pdbx_database_related.content_type   ensemble 
# 
loop_
_audit_author.name 
_audit_author.pdbx_ordinal 
'Battiste, J.L.'   1 
'Mao, H.'          2 
'Rao, N.S.'        3 
'Tan, R.'          4 
'Muhandiram, D.R.' 5 
'Kay, L.E.'        6 
'Frankel, A.D.'    7 
'Willamson, J.R.'  8 
# 
loop_
_citation.id 
_citation.title 
_citation.journal_abbrev 
_citation.journal_volume 
_citation.page_first 
_citation.page_last 
_citation.year 
_citation.journal_id_ASTM 
_citation.country 
_citation.journal_id_ISSN 
_citation.journal_id_CSD 
_citation.book_publisher 
_citation.pdbx_database_id_PubMed 
_citation.pdbx_database_id_DOI 
primary 'Alpha helix-RNA major groove recognition in an HIV-1 rev peptide-RRE RNA complex.'                          Science 273 
1547 1551 1996 SCIEAS US 0036-8075 0038 ? 8703216 ? 
1       'Assignment and Modeling of the Rev Response Element RNA Bound to a Rev Peptide Using 13C-Heteronuclear NMR' J.Biomol.NMR 
6   375  ?    1995 JBNME9 NE 0925-2738 0800 ? ?       ? 
2       'Binding of an HIV Rev Peptide to Rev Responsive Element RNA Induces Formation of Purine-Purine Base Pairs'  Biochemistry 
33  2741 ?    1994 BICHAW US 0006-2960 0033 ? ?       ? 
3       'RNA Recognition by an Isolated Alpha Helix'                                                                 
'Cell(Cambridge,Mass.)' 73  1031 ?    1993 CELLB5 US 0092-8674 0998 ? ?       ? 
# 
loop_
_citation_author.citation_id 
_citation_author.name 
_citation_author.ordinal 
_citation_author.identifier_ORCID 
primary 'Battiste, J.L.'   1  ? 
primary 'Mao, H.'          2  ? 
primary 'Rao, N.S.'        3  ? 
primary 'Tan, R.'          4  ? 
primary 'Muhandiram, D.R.' 5  ? 
primary 'Kay, L.E.'        6  ? 
primary 'Frankel, A.D.'    7  ? 
primary 'Williamson, J.R.' 8  ? 
1       'Battiste, J.L.'   9  ? 
1       'Tan, R.'          10 ? 
1       'Frankel, A.D.'    11 ? 
1       'Williamson, J.R.' 12 ? 
2       'Battiste, J.L.'   13 ? 
2       'Tan, R.'          14 ? 
2       'Frankel, A.D.'    15 ? 
2       'Williamson, J.R.' 16 ? 
3       'Tan, R.'          17 ? 
3       'Chen, L.'         18 ? 
3       'Buettner, J.A.'   19 ? 
3       'Hudson, D.'       20 ? 
3       'Frankel, A.D.'    21 ? 
# 
loop_
_entity.id 
_entity.type 
_entity.src_method 
_entity.pdbx_description 
_entity.formula_weight 
_entity.pdbx_number_of_molecules 
_entity.pdbx_ec 
_entity.pdbx_mutation 
_entity.pdbx_fragment 
_entity.details 
1 polymer syn 'REV RESPONSE ELEMENT RNA' 11039.639 1 ? ? ? ? 
2 polymer man 'REV PEPTIDE'              3004.411  1 ? ? ? ? 
# 
loop_
_entity_poly.entity_id 
_entity_poly.type 
_entity_poly.nstd_linkage 
_entity_poly.nstd_monomer 
_entity_poly.pdbx_seq_one_letter_code 
_entity_poly.pdbx_seq_one_letter_code_can 
_entity_poly.pdbx_strand_id 
_entity_poly.pdbx_target_identifier 
1 polyribonucleotide no no GGUCUGGGCGCAGCGCAAGCUGACGGUACAGGCC GGUCUGGGCGCAGCGCAAGCUGACGGUACAGGCC A ? 
2 'polypeptide(L)'   no no DTRQARRNRRRRWRERQRAAAAR            DTRQARRNRRRRWRERQRAAAAR            B ? 
# 
loop_
_entity_poly_seq.entity_id 
_entity_poly_seq.num 
_entity_poly_seq.mon_id 
_entity_poly_seq.hetero 
1 1  G   n 
1 2  G   n 
1 3  U   n 
1 4  C   n 
1 5  U   n 
1 6  G   n 
1 7  G   n 
1 8  G   n 
1 9  C   n 
1 10 G   n 
1 11 C   n 
1 12 A   n 
1 13 G   n 
1 14 C   n 
1 15 G   n 
1 16 C   n 
1 17 A   n 
1 18 A   n 
1 19 G   n 
1 20 C   n 
1 21 U   n 
1 22 G   n 
1 23 A   n 
1 24 C   n 
1 25 G   n 
1 26 G   n 
1 27 U   n 
1 28 A   n 
1 29 C   n 
1 30 A   n 
1 31 G   n 
1 32 G   n 
1 33 C   n 
1 34 C   n 
2 1  ASP n 
2 2  THR n 
2 3  ARG n 
2 4  GLN n 
2 5  ALA n 
2 6  ARG n 
2 7  ARG n 
2 8  ASN n 
2 9  ARG n 
2 10 ARG n 
2 11 ARG n 
2 12 ARG n 
2 13 TRP n 
2 14 ARG n 
2 15 GLU n 
2 16 ARG n 
2 17 GLN n 
2 18 ARG n 
2 19 ALA n 
2 20 ALA n 
2 21 ALA n 
2 22 ALA n 
2 23 ARG n 
# 
_entity_src_gen.entity_id                          2 
_entity_src_gen.pdbx_src_id                        1 
_entity_src_gen.pdbx_alt_source_flag               sample 
_entity_src_gen.pdbx_seq_type                      ? 
_entity_src_gen.pdbx_beg_seq_num                   ? 
_entity_src_gen.pdbx_end_seq_num                   ? 
_entity_src_gen.gene_src_common_name               ? 
_entity_src_gen.gene_src_genus                     Lentivirus 
_entity_src_gen.pdbx_gene_src_gene                 ? 
_entity_src_gen.gene_src_species                   ? 
_entity_src_gen.gene_src_strain                    ? 
_entity_src_gen.gene_src_tissue                    ? 
_entity_src_gen.gene_src_tissue_fraction           ? 
_entity_src_gen.gene_src_details                   ? 
_entity_src_gen.pdbx_gene_src_fragment             ? 
_entity_src_gen.pdbx_gene_src_scientific_name      'Human immunodeficiency virus 1' 
_entity_src_gen.pdbx_gene_src_ncbi_taxonomy_id     11676 
_entity_src_gen.pdbx_gene_src_variant              ? 
_entity_src_gen.pdbx_gene_src_cell_line            ? 
_entity_src_gen.pdbx_gene_src_atcc                 ? 
_entity_src_gen.pdbx_gene_src_organ                ? 
_entity_src_gen.pdbx_gene_src_organelle            ? 
_entity_src_gen.pdbx_gene_src_cell                 ? 
_entity_src_gen.pdbx_gene_src_cellular_location    ? 
_entity_src_gen.host_org_common_name               ? 
_entity_src_gen.pdbx_host_org_scientific_name      'Escherichia coli' 
_entity_src_gen.pdbx_host_org_ncbi_taxonomy_id     562 
_entity_src_gen.host_org_genus                     Escherichia 
_entity_src_gen.pdbx_host_org_gene                 ? 
_entity_src_gen.pdbx_host_org_organ                ? 
_entity_src_gen.host_org_species                   ? 
_entity_src_gen.pdbx_host_org_tissue               ? 
_entity_src_gen.pdbx_host_org_tissue_fraction      ? 
_entity_src_gen.pdbx_host_org_strain               ? 
_entity_src_gen.pdbx_host_org_variant              ? 
_entity_src_gen.pdbx_host_org_cell_line            ? 
_entity_src_gen.pdbx_host_org_atcc                 ? 
_entity_src_gen.pdbx_host_org_culture_collection   ? 
_entity_src_gen.pdbx_host_org_cell                 ? 
_entity_src_gen.pdbx_host_org_organelle            ? 
_entity_src_gen.pdbx_host_org_cellular_location    ? 
_entity_src_gen.pdbx_host_org_vector_type          ? 
_entity_src_gen.pdbx_host_org_vector               ? 
_entity_src_gen.host_org_details                   ? 
_entity_src_gen.expression_system_id               ? 
_entity_src_gen.plasmid_name                       ? 
_entity_src_gen.plasmid_details                    ? 
_entity_src_gen.pdbx_description                   ? 
# 
loop_
_chem_comp.id 
_chem_comp.type 
_chem_comp.mon_nstd_flag 
_chem_comp.name 
_chem_comp.pdbx_synonyms 
_chem_comp.formula 
_chem_comp.formula_weight 
A   'RNA linking'       y "ADENOSINE-5'-MONOPHOSPHATE" ? 'C10 H14 N5 O7 P' 347.221 
ALA 'L-peptide linking' y ALANINE                      ? 'C3 H7 N O2'      89.093  
ARG 'L-peptide linking' y ARGININE                     ? 'C6 H15 N4 O2 1'  175.209 
ASN 'L-peptide linking' y ASPARAGINE                   ? 'C4 H8 N2 O3'     132.118 
ASP 'L-peptide linking' y 'ASPARTIC ACID'              ? 'C4 H7 N O4'      133.103 
C   'RNA linking'       y "CYTIDINE-5'-MONOPHOSPHATE"  ? 'C9 H14 N3 O8 P'  323.197 
G   'RNA linking'       y "GUANOSINE-5'-MONOPHOSPHATE" ? 'C10 H14 N5 O8 P' 363.221 
GLN 'L-peptide linking' y GLUTAMINE                    ? 'C5 H10 N2 O3'    146.144 
GLU 'L-peptide linking' y 'GLUTAMIC ACID'              ? 'C5 H9 N O4'      147.129 
GLY 'peptide linking'   y GLYCINE                      ? 'C2 H5 N O2'      75.067  
ILE 'L-peptide linking' y ISOLEUCINE                   ? 'C6 H13 N O2'     131.173 
SER 'L-peptide linking' y SERINE                       ? 'C3 H7 N O3'      105.093 
THR 'L-peptide linking' y THREONINE                    ? 'C4 H9 N O3'      119.119 
TRP 'L-peptide linking' y TRYPTOPHAN                   ? 'C11 H12 N2 O2'   204.225 
U   'RNA linking'       y "URIDINE-5'-MONOPHOSPHATE"   ? 'C9 H13 N2 O9 P'  324.181 
# 
loop_
_pdbx_poly_seq_scheme.asym_id 
_pdbx_poly_seq_scheme.entity_id 
_pdbx_poly_seq_scheme.seq_id 
_pdbx_poly_seq_scheme.mon_id 
_pdbx_poly_seq_scheme.ndb_seq_num 
_pdbx_poly_seq_scheme.pdb_seq_num 
_pdbx_poly_seq_scheme.auth_seq_num 
_pdbx_poly_seq_scheme.pdb_mon_id 
_pdbx_poly_seq_scheme.auth_mon_id 
_pdbx_poly_seq_scheme.pdb_strand_id 
_pdbx_poly_seq_scheme.pdb_ins_code 
_pdbx_poly_seq_scheme.hetero 
A 1 1  G   1  41 41 G   G   A . n 
A 1 2  G   2  42 42 G   G   A . n 
A 1 3  U   3  43 43 U   U   A . n 
A 1 4  C   4  44 44 C   C   A . n 
A 1 5  U   5  45 45 U   U   A . n 
A 1 6  G   6  46 46 G   G   A . n 
A 1 7  G   7  47 47 G   G   A . n 
A 1 8  G   8  48 48 G   G   A . n 
A 1 9  C   9  49 49 C   C   A . n 
A 1 10 G   10 50 50 G   G   A . n 
A 1 11 C   11 51 51 C   C   A . n 
A 1 12 A   12 52 52 A   A   A . n 
A 1 13 G   13 53 53 G   G   A . n 
A 1 14 C   14 54 54 C   C   A . n 
A 1 15 G   15 55 55 G   G   A . n 
A 1 16 C   16 56 56 C   C   A . n 
A 1 17 A   17 57 57 A   A   A . n 
A 1 18 A   18 58 58 A   A   A . n 
A 1 19 G   19 64 64 G   G   A . n 
A 1 20 C   20 65 65 C   C   A . n 
A 1 21 U   21 66 66 U   U   A . n 
A 1 22 G   22 67 67 G   G   A . n 
A 1 23 A   23 68 68 A   A   A . n 
A 1 24 C   24 69 69 C   C   A . n 
A 1 25 G   25 70 70 G   G   A . n 
A 1 26 G   26 71 71 G   G   A . n 
A 1 27 U   27 72 72 U   U   A . n 
A 1 28 A   28 73 73 A   A   A . n 
A 1 29 C   29 74 74 C   C   A . n 
A 1 30 A   30 75 75 A   A   A . n 
A 1 31 G   31 76 76 G   G   A . n 
A 1 32 G   32 77 77 G   G   A . n 
A 1 33 C   33 78 78 C   C   A . n 
A 1 34 C   34 79 79 C   C   A . n 
B 2 1  ASP 1  33 33 ASP ASP B . n 
B 2 2  THR 2  34 34 THR THR B . n 
B 2 3  ARG 3  35 35 ARG ARG B . n 
B 2 4  GLN 4  36 36 GLN GLN B . n 
B 2 5  ALA 5  37 37 ALA ALA B . n 
B 2 6  ARG 6  38 38 ARG ARG B . n 
B 2 7  ARG 7  39 39 ARG ARG B . n 
B 2 8  ASN 8  40 40 ASN ASN B . n 
B 2 9  ARG 9  41 41 ARG ARG B . n 
B 2 10 ARG 10 42 42 ARG ARG B . n 
B 2 11 ARG 11 43 43 ARG ARG B . n 
B 2 12 ARG 12 44 44 ARG ARG B . n 
B 2 13 TRP 13 45 45 TRP TRP B . n 
B 2 14 ARG 14 46 46 ARG ARG B . n 
B 2 15 GLU 15 47 47 GLU GLU B . n 
B 2 16 ARG 16 48 48 ARG ARG B . n 
B 2 17 GLN 17 49 49 GLN GLN B . n 
B 2 18 ARG 18 50 50 ARG ARG B . n 
B 2 19 ALA 19 51 51 ALA ALA B . n 
B 2 20 ALA 20 52 52 ALA ALA B . n 
B 2 21 ALA 21 53 53 ALA ALA B . n 
B 2 22 ALA 22 54 54 ALA ALA B . n 
B 2 23 ARG 23 55 55 ARG ARG B . n 
# 
_cell.entry_id           1ETF 
_cell.length_a           1.000 
_cell.length_b           1.000 
_cell.length_c           1.000 
_cell.angle_alpha        90.00 
_cell.angle_beta         90.00 
_cell.angle_gamma        90.00 
_cell.Z_PDB              1 
_cell.pdbx_unique_axis   ? 
# 
_symmetry.entry_id                         1ETF 
_symmetry.space_group_name_H-M             'P 1' 
_symmetry.pdbx_full_space_group_name_H-M   ? 
_symmetry.cell_setting                     ? 
_symmetry.Int_Tables_number                1 
# 
_exptl.entry_id          1ETF 
_exptl.method            'SOLUTION NMR' 
_exptl.crystals_number   ? 
# 
_struct.entry_id                  1ETF 
_struct.title                     'REV RESPONSE ELEMENT (RRE) RNA COMPLEXED WITH REV PEPTIDE, NMR, MINIMIZED AVERAGE STRUCTURE' 
_struct.pdbx_model_details        ? 
_struct.pdbx_CASP_flag            ? 
_struct.pdbx_model_type_details   ? 
# 
_struct_keywords.entry_id        1ETF 
_struct_keywords.pdbx_keywords   'Viral protein/RNA' 
_struct_keywords.text            
'COMPLEX (RNA-PEPTIDE), EXPORT REGULATOR, MRNA SPLICING, TRANSCRIPTION REGULATION, Viral protein-RNA COMPLEX' 
# 
loop_
_struct_asym.id 
_struct_asym.pdbx_blank_PDB_chainid_flag 
_struct_asym.pdbx_modified 
_struct_asym.entity_id 
_struct_asym.details 
A N N 1 ? 
B N N 2 ? 
# 
loop_
_struct_ref.id 
_struct_ref.db_name 
_struct_ref.db_code 
_struct_ref.entity_id 
_struct_ref.pdbx_seq_one_letter_code 
_struct_ref.pdbx_align_begin 
_struct_ref.pdbx_db_accession 
_struct_ref.pdbx_db_isoform 
1 UNP REV_HV1W2 2 ? ? P05866 ? 
2 PDB 1ETF      1 ? ? 1ETF   ? 
# 
loop_
_struct_ref_seq.align_id 
_struct_ref_seq.ref_id 
_struct_ref_seq.pdbx_PDB_id_code 
_struct_ref_seq.pdbx_strand_id 
_struct_ref_seq.seq_align_beg 
_struct_ref_seq.pdbx_seq_align_beg_ins_code 
_struct_ref_seq.seq_align_end 
_struct_ref_seq.pdbx_seq_align_end_ins_code 
_struct_ref_seq.pdbx_db_accession 
_struct_ref_seq.db_align_beg 
_struct_ref_seq.pdbx_db_align_beg_ins_code 
_struct_ref_seq.db_align_end 
_struct_ref_seq.pdbx_db_align_end_ins_code 
_struct_ref_seq.pdbx_auth_seq_align_beg 
_struct_ref_seq.pdbx_auth_seq_align_end 
2 1 1ETF B 1 ? 23 ? P05866 7  ? 29 ? 33 55 
1 2 1ETF A 1 ? 34 ? 1ETF   41 ? 79 ? 41 79 
# 
loop_
_struct_ref_seq_dif.align_id 
_struct_ref_seq_dif.pdbx_pdb_id_code 
_struct_ref_seq_dif.mon_id 
_struct_ref_seq_dif.pdbx_pdb_strand_id 
_struct_ref_seq_dif.seq_num 
_struct_ref_seq_dif.pdbx_pdb_ins_code 
_struct_ref_seq_dif.pdbx_seq_db_name 
_struct_ref_seq_dif.pdbx_seq_db_accession_code 
_struct_ref_seq_dif.db_mon_id 
_struct_ref_seq_dif.pdbx_seq_db_seq_num 
_struct_ref_seq_dif.details 
_struct_ref_seq_dif.pdbx_auth_seq_num 
_struct_ref_seq_dif.pdbx_ordinal 
2 1ETF ASP B 1  ? UNP P05866 GLY 7  conflict 33 1 
2 1ETF ALA B 19 ? UNP P05866 GLN 25 conflict 51 2 
2 1ETF ALA B 20 ? UNP P05866 ILE 26 conflict 52 3 
2 1ETF ALA B 21 ? UNP P05866 ARG 27 conflict 53 4 
2 1ETF ALA B 22 ? UNP P05866 SER 28 conflict 54 5 
2 1ETF ARG B 23 ? UNP P05866 ILE 29 conflict 55 6 
# 
_pdbx_struct_assembly.id                   1 
_pdbx_struct_assembly.details              author_defined_assembly 
_pdbx_struct_assembly.method_details       ? 
_pdbx_struct_assembly.oligomeric_details   dimeric 
_pdbx_struct_assembly.oligomeric_count     2 
# 
_pdbx_struct_assembly_gen.assembly_id       1 
_pdbx_struct_assembly_gen.oper_expression   1 
_pdbx_struct_assembly_gen.asym_id_list      A,B 
# 
_pdbx_struct_oper_list.id                   1 
_pdbx_struct_oper_list.type                 'identity operation' 
_pdbx_struct_oper_list.name                 1_555 
_pdbx_struct_oper_list.symmetry_operation   x,y,z 
_pdbx_struct_oper_list.matrix[1][1]         1.0000000000 
_pdbx_struct_oper_list.matrix[1][2]         0.0000000000 
_pdbx_struct_oper_list.matrix[1][3]         0.0000000000 
_pdbx_struct_oper_list.vector[1]            0.0000000000 
_pdbx_struct_oper_list.matrix[2][1]         0.0000000000 
_pdbx_struct_oper_list.matrix[2][2]         1.0000000000 
_pdbx_struct_oper_list.matrix[2][3]         0.0000000000 
_pdbx_struct_oper_list.vector[2]            0.0000000000 
_pdbx_struct_oper_list.matrix[3][1]         0.0000000000 
_pdbx_struct_oper_list.matrix[3][2]         0.0000000000 
_pdbx_struct_oper_list.matrix[3][3]         1.0000000000 
_pdbx_struct_oper_list.vector[3]            0.0000000000 
# 
_struct_biol.id   1 
# 
_struct_conf.conf_type_id            HELX_P 
_struct_conf.id                      HELX_P1 
_struct_conf.pdbx_PDB_helix_id       1 
_struct_conf.beg_label_comp_id       ARG 
_struct_conf.beg_label_asym_id       B 
_struct_conf.beg_label_seq_id        3 
_struct_conf.pdbx_beg_PDB_ins_code   ? 
_struct_conf.end_label_comp_id       ALA 
_struct_conf.end_label_asym_id       B 
_struct_conf.end_label_seq_id        21 
_struct_conf.pdbx_end_PDB_ins_code   ? 
_struct_conf.beg_auth_comp_id        ARG 
_struct_conf.beg_auth_asym_id        B 
_struct_conf.beg_auth_seq_id         35 
_struct_conf.end_auth_comp_id        ALA 
_struct_conf.end_auth_asym_id        B 
_struct_conf.end_auth_seq_id         53 
_struct_conf.pdbx_PDB_helix_class    1 
_struct_conf.details                 ? 
_struct_conf.pdbx_PDB_helix_length   19 
# 
_struct_conf_type.id          HELX_P 
_struct_conf_type.criteria    ? 
_struct_conf_type.reference   ? 
# 
loop_
_struct_conn.id 
_struct_conn.conn_type_id 
_struct_conn.pdbx_leaving_atom_flag 
_struct_conn.pdbx_PDB_id 
_struct_conn.ptnr1_label_asym_id 
_struct_conn.ptnr1_label_comp_id 
_struct_conn.ptnr1_label_seq_id 
_struct_conn.ptnr1_label_atom_id 
_struct_conn.pdbx_ptnr1_label_alt_id 
_struct_conn.pdbx_ptnr1_PDB_ins_code 
_struct_conn.pdbx_ptnr1_standard_comp_id 
_struct_conn.ptnr1_symmetry 
_struct_conn.ptnr2_label_asym_id 
_struct_conn.ptnr2_label_comp_id 
_struct_conn.ptnr2_label_seq_id 
_struct_conn.ptnr2_label_atom_id 
_struct_conn.pdbx_ptnr2_label_alt_id 
_struct_conn.pdbx_ptnr2_PDB_ins_code 
_struct_conn.ptnr1_auth_asym_id 
_struct_conn.ptnr1_auth_comp_id 
_struct_conn.ptnr1_auth_seq_id 
_struct_conn.ptnr2_auth_asym_id 
_struct_conn.ptnr2_auth_comp_id 
_struct_conn.ptnr2_auth_seq_id 
_struct_conn.ptnr2_symmetry 
_struct_conn.pdbx_ptnr3_label_atom_id 
_struct_conn.pdbx_ptnr3_label_seq_id 
_struct_conn.pdbx_ptnr3_label_comp_id 
_struct_conn.pdbx_ptnr3_label_asym_id 
_struct_conn.pdbx_ptnr3_label_alt_id 
_struct_conn.pdbx_ptnr3_PDB_ins_code 
_struct_conn.details 
_struct_conn.pdbx_dist_value 
_struct_conn.pdbx_value_order 
_struct_conn.pdbx_role 
hydrog1  hydrog ? ? A G 1  N1 ? ? ? 1_555 A C 34 N3 ? ? A G 41 A C 79 1_555 ? ? ? ? ? ? WATSON-CRICK ? ? ? 
hydrog2  hydrog ? ? A G 1  N2 ? ? ? 1_555 A C 34 O2 ? ? A G 41 A C 79 1_555 ? ? ? ? ? ? WATSON-CRICK ? ? ? 
hydrog3  hydrog ? ? A G 1  O6 ? ? ? 1_555 A C 34 N4 ? ? A G 41 A C 79 1_555 ? ? ? ? ? ? WATSON-CRICK ? ? ? 
hydrog4  hydrog ? ? A G 2  N1 ? ? ? 1_555 A C 33 N3 ? ? A G 42 A C 78 1_555 ? ? ? ? ? ? WATSON-CRICK ? ? ? 
hydrog5  hydrog ? ? A G 2  N2 ? ? ? 1_555 A C 33 O2 ? ? A G 42 A C 78 1_555 ? ? ? ? ? ? WATSON-CRICK ? ? ? 
hydrog6  hydrog ? ? A G 2  O6 ? ? ? 1_555 A C 33 N4 ? ? A G 42 A C 78 1_555 ? ? ? ? ? ? WATSON-CRICK ? ? ? 
hydrog7  hydrog ? ? A U 3  N3 ? ? ? 1_555 A G 32 O6 ? ? A U 43 A G 77 1_555 ? ? ? ? ? ? TYPE_28_PAIR ? ? ? 
hydrog8  hydrog ? ? A U 3  O2 ? ? ? 1_555 A G 32 N1 ? ? A U 43 A G 77 1_555 ? ? ? ? ? ? TYPE_28_PAIR ? ? ? 
hydrog9  hydrog ? ? A C 4  N3 ? ? ? 1_555 A G 31 N1 ? ? A C 44 A G 76 1_555 ? ? ? ? ? ? WATSON-CRICK ? ? ? 
hydrog10 hydrog ? ? A C 4  N4 ? ? ? 1_555 A G 31 O6 ? ? A C 44 A G 76 1_555 ? ? ? ? ? ? WATSON-CRICK ? ? ? 
hydrog11 hydrog ? ? A C 4  O2 ? ? ? 1_555 A G 31 N2 ? ? A C 44 A G 76 1_555 ? ? ? ? ? ? WATSON-CRICK ? ? ? 
hydrog12 hydrog ? ? A U 5  N3 ? ? ? 1_555 A A 30 N1 ? ? A U 45 A A 75 1_555 ? ? ? ? ? ? WATSON-CRICK ? ? ? 
hydrog13 hydrog ? ? A U 5  O4 ? ? ? 1_555 A A 30 N6 ? ? A U 45 A A 75 1_555 ? ? ? ? ? ? WATSON-CRICK ? ? ? 
hydrog14 hydrog ? ? A G 6  N1 ? ? ? 1_555 A C 29 N3 ? ? A G 46 A C 74 1_555 ? ? ? ? ? ? WATSON-CRICK ? ? ? 
hydrog15 hydrog ? ? A G 6  N2 ? ? ? 1_555 A C 29 O2 ? ? A G 46 A C 74 1_555 ? ? ? ? ? ? WATSON-CRICK ? ? ? 
hydrog16 hydrog ? ? A G 6  O6 ? ? ? 1_555 A C 29 N4 ? ? A G 46 A C 74 1_555 ? ? ? ? ? ? WATSON-CRICK ? ? ? 
hydrog17 hydrog ? ? A G 7  N1 ? ? ? 1_555 A A 28 N1 ? ? A G 47 A A 73 1_555 ? ? ? ? ? ? TYPE_8_PAIR  ? ? ? 
hydrog18 hydrog ? ? A G 7  O6 ? ? ? 1_555 A A 28 N6 ? ? A G 47 A A 73 1_555 ? ? ? ? ? ? TYPE_8_PAIR  ? ? ? 
hydrog19 hydrog ? ? A G 8  N1 ? ? ? 1_555 A G 26 O6 ? ? A G 48 A G 71 1_555 ? ? ? ? ? ? TYPE_3_PAIR  ? ? ? 
hydrog20 hydrog ? ? A G 8  O6 ? ? ? 1_555 A G 26 N1 ? ? A G 48 A G 71 1_555 ? ? ? ? ? ? TYPE_3_PAIR  ? ? ? 
hydrog21 hydrog ? ? A C 9  N3 ? ? ? 1_555 A G 25 N1 ? ? A C 49 A G 70 1_555 ? ? ? ? ? ? WATSON-CRICK ? ? ? 
hydrog22 hydrog ? ? A C 9  N4 ? ? ? 1_555 A G 25 O6 ? ? A C 49 A G 70 1_555 ? ? ? ? ? ? WATSON-CRICK ? ? ? 
hydrog23 hydrog ? ? A C 9  O2 ? ? ? 1_555 A G 25 N2 ? ? A C 49 A G 70 1_555 ? ? ? ? ? ? WATSON-CRICK ? ? ? 
hydrog24 hydrog ? ? A G 10 N1 ? ? ? 1_555 A C 24 N3 ? ? A G 50 A C 69 1_555 ? ? ? ? ? ? WATSON-CRICK ? ? ? 
hydrog25 hydrog ? ? A G 10 N2 ? ? ? 1_555 A C 24 O2 ? ? A G 50 A C 69 1_555 ? ? ? ? ? ? WATSON-CRICK ? ? ? 
hydrog26 hydrog ? ? A G 10 O6 ? ? ? 1_555 A C 24 N4 ? ? A G 50 A C 69 1_555 ? ? ? ? ? ? WATSON-CRICK ? ? ? 
hydrog27 hydrog ? ? A C 11 N3 ? ? ? 1_555 A G 22 N1 ? ? A C 51 A G 67 1_555 ? ? ? ? ? ? WATSON-CRICK ? ? ? 
hydrog28 hydrog ? ? A C 11 N4 ? ? ? 1_555 A G 22 O6 ? ? A C 51 A G 67 1_555 ? ? ? ? ? ? WATSON-CRICK ? ? ? 
hydrog29 hydrog ? ? A C 11 O2 ? ? ? 1_555 A G 22 N2 ? ? A C 51 A G 67 1_555 ? ? ? ? ? ? WATSON-CRICK ? ? ? 
hydrog30 hydrog ? ? A A 12 N1 ? ? ? 1_555 A U 21 N3 ? ? A A 52 A U 66 1_555 ? ? ? ? ? ? WATSON-CRICK ? ? ? 
hydrog31 hydrog ? ? A A 12 N6 ? ? ? 1_555 A U 21 O4 ? ? A A 52 A U 66 1_555 ? ? ? ? ? ? WATSON-CRICK ? ? ? 
hydrog32 hydrog ? ? A G 13 N1 ? ? ? 1_555 A C 20 N3 ? ? A G 53 A C 65 1_555 ? ? ? ? ? ? WATSON-CRICK ? ? ? 
hydrog33 hydrog ? ? A G 13 N2 ? ? ? 1_555 A C 20 O2 ? ? A G 53 A C 65 1_555 ? ? ? ? ? ? WATSON-CRICK ? ? ? 
hydrog34 hydrog ? ? A G 13 O6 ? ? ? 1_555 A C 20 N4 ? ? A G 53 A C 65 1_555 ? ? ? ? ? ? WATSON-CRICK ? ? ? 
hydrog35 hydrog ? ? A C 14 N3 ? ? ? 1_555 A G 19 N1 ? ? A C 54 A G 64 1_555 ? ? ? ? ? ? WATSON-CRICK ? ? ? 
hydrog36 hydrog ? ? A C 14 N4 ? ? ? 1_555 A G 19 O6 ? ? A C 54 A G 64 1_555 ? ? ? ? ? ? WATSON-CRICK ? ? ? 
hydrog37 hydrog ? ? A C 14 O2 ? ? ? 1_555 A G 19 N2 ? ? A C 54 A G 64 1_555 ? ? ? ? ? ? WATSON-CRICK ? ? ? 
hydrog38 hydrog ? ? A G 15 N2 ? ? ? 1_555 A A 18 N7 ? ? A G 55 A A 58 1_555 ? ? ? ? ? ? TYPE_11_PAIR ? ? ? 
hydrog39 hydrog ? ? A G 15 N3 ? ? ? 1_555 A A 18 N6 ? ? A G 55 A A 58 1_555 ? ? ? ? ? ? TYPE_11_PAIR ? ? ? 
# 
_struct_conn_type.id          hydrog 
_struct_conn_type.criteria    ? 
_struct_conn_type.reference   ? 
# 
loop_
_pdbx_validate_close_contact.id 
_pdbx_validate_close_contact.PDB_model_num 
_pdbx_validate_close_contact.auth_atom_id_1 
_pdbx_validate_close_contact.auth_asym_id_1 
_pdbx_validate_close_contact.auth_comp_id_1 
_pdbx_validate_close_contact.auth_seq_id_1 
_pdbx_validate_close_contact.PDB_ins_code_1 
_pdbx_validate_close_contact.label_alt_id_1 
_pdbx_validate_close_contact.auth_atom_id_2 
_pdbx_validate_close_contact.auth_asym_id_2 
_pdbx_validate_close_contact.auth_comp_id_2 
_pdbx_validate_close_contact.auth_seq_id_2 
_pdbx_validate_close_contact.PDB_ins_code_2 
_pdbx_validate_close_contact.label_alt_id_2 
_pdbx_validate_close_contact.dist 
1  1 "HO2'" A G   50 ? ? "H5'" A C   51 ? ? 1.16 
2  1 "HO2'" A G   77 ? ? "H5'" A C   78 ? ? 1.19 
3  1 "O2'"  A A   58 ? ? "H5'" A G   64 ? ? 1.28 
4  1 "H3'"  A G   70 ? ? "H2'" A G   71 ? ? 1.31 
5  1 N7     A G   47 ? ? HB3   B GLN 36 ? ? 1.33 
6  1 "HO2'" A C   56 ? ? H8    A A   57 ? ? 1.33 
7  1 "HO2'" A U   43 ? ? "H5'" A C   44 ? ? 1.34 
8  1 O4     A U   45 ? ? HH21  B ARG 44 ? ? 1.38 
9  1 O      B GLN 36 ? ? H     B ASN 40 ? ? 1.46 
10 1 O      B ARG 38 ? ? H     B ARG 42 ? ? 1.48 
11 1 N7     A G   47 ? ? HD22  B ASN 40 ? ? 1.51 
12 1 O      B GLU 47 ? ? HB3   B ARG 50 ? ? 1.52 
13 1 O      B ARG 44 ? ? H     B ARG 48 ? ? 1.53 
14 1 O      B ALA 51 ? ? H     B ARG 55 ? ? 1.54 
15 1 O      B GLN 49 ? ? H     B ALA 53 ? ? 1.56 
16 1 O      B ARG 35 ? ? HG2   B ARG 39 ? ? 1.59 
17 1 O4     A U   45 ? ? NH2   B ARG 44 ? ? 1.71 
18 1 O6     A G   47 ? ? OD1   B ASN 40 ? ? 2.00 
19 1 OP2    A U   72 ? ? NH2   B ARG 46 ? ? 2.05 
# 
loop_
_pdbx_validate_rmsd_bond.id 
_pdbx_validate_rmsd_bond.PDB_model_num 
_pdbx_validate_rmsd_bond.auth_atom_id_1 
_pdbx_validate_rmsd_bond.auth_asym_id_1 
_pdbx_validate_rmsd_bond.auth_comp_id_1 
_pdbx_validate_rmsd_bond.auth_seq_id_1 
_pdbx_validate_rmsd_bond.PDB_ins_code_1 
_pdbx_validate_rmsd_bond.label_alt_id_1 
_pdbx_validate_rmsd_bond.auth_atom_id_2 
_pdbx_validate_rmsd_bond.auth_asym_id_2 
_pdbx_validate_rmsd_bond.auth_comp_id_2 
_pdbx_validate_rmsd_bond.auth_seq_id_2 
_pdbx_validate_rmsd_bond.PDB_ins_code_2 
_pdbx_validate_rmsd_bond.label_alt_id_2 
_pdbx_validate_rmsd_bond.bond_value 
_pdbx_validate_rmsd_bond.bond_target_value 
_pdbx_validate_rmsd_bond.bond_deviation 
_pdbx_validate_rmsd_bond.bond_standard_deviation 
_pdbx_validate_rmsd_bond.linker_flag 
1 1 CD B GLU 47 ? ? OE2 B GLU 47 ? ? 1.365 1.252 0.113 0.011 N 
2 1 C  B ARG 55 ? ? OXT B ARG 55 ? ? 1.364 1.229 0.135 0.019 N 
# 
loop_
_pdbx_validate_rmsd_angle.id 
_pdbx_validate_rmsd_angle.PDB_model_num 
_pdbx_validate_rmsd_angle.auth_atom_id_1 
_pdbx_validate_rmsd_angle.auth_asym_id_1 
_pdbx_validate_rmsd_angle.auth_comp_id_1 
_pdbx_validate_rmsd_angle.auth_seq_id_1 
_pdbx_validate_rmsd_angle.PDB_ins_code_1 
_pdbx_validate_rmsd_angle.label_alt_id_1 
_pdbx_validate_rmsd_angle.auth_atom_id_2 
_pdbx_validate_rmsd_angle.auth_asym_id_2 
_pdbx_validate_rmsd_angle.auth_comp_id_2 
_pdbx_validate_rmsd_angle.auth_seq_id_2 
_pdbx_validate_rmsd_angle.PDB_ins_code_2 
_pdbx_validate_rmsd_angle.label_alt_id_2 
_pdbx_validate_rmsd_angle.auth_atom_id_3 
_pdbx_validate_rmsd_angle.auth_asym_id_3 
_pdbx_validate_rmsd_angle.auth_comp_id_3 
_pdbx_validate_rmsd_angle.auth_seq_id_3 
_pdbx_validate_rmsd_angle.PDB_ins_code_3 
_pdbx_validate_rmsd_angle.label_alt_id_3 
_pdbx_validate_rmsd_angle.angle_value 
_pdbx_validate_rmsd_angle.angle_target_value 
_pdbx_validate_rmsd_angle.angle_deviation 
_pdbx_validate_rmsd_angle.angle_standard_deviation 
_pdbx_validate_rmsd_angle.linker_flag 
1 1 "O4'" A C   56 ? ? "C1'" A C   56 ? ? N1 A C   56 ? ? 113.47 108.50 4.97  0.70 N 
2 1 CB    B ARG 46 ? ? CG    B ARG 46 ? ? CD B ARG 46 ? ? 129.98 111.60 18.38 2.60 N 
# 
_pdbx_validate_planes.id              1 
_pdbx_validate_planes.PDB_model_num   1 
_pdbx_validate_planes.auth_comp_id    A 
_pdbx_validate_planes.auth_asym_id    A 
_pdbx_validate_planes.auth_seq_id     68 
_pdbx_validate_planes.PDB_ins_code    ? 
_pdbx_validate_planes.label_alt_id    ? 
_pdbx_validate_planes.rmsd            0.054 
_pdbx_validate_planes.type            'SIDE CHAIN' 
# 
_pdbx_nmr_ensemble.entry_id                             1ETF 
_pdbx_nmr_ensemble.conformers_calculated_total_number   ? 
_pdbx_nmr_ensemble.conformers_submitted_total_number    1 
_pdbx_nmr_ensemble.conformer_selection_criteria         ? 
# 
_pdbx_nmr_software.classification   refinement 
_pdbx_nmr_software.name             INSIGHT/DISCOVER 
_pdbx_nmr_software.version          ? 
_pdbx_nmr_software.authors          BIOSYM 
_pdbx_nmr_software.ordinal          1 
# 
loop_
_chem_comp_atom.comp_id 
_chem_comp_atom.atom_id 
_chem_comp_atom.type_symbol 
_chem_comp_atom.pdbx_aromatic_flag 
_chem_comp_atom.pdbx_stereo_config 
_chem_comp_atom.pdbx_ordinal 
A   OP3    O N N 1   
A   P      P N N 2   
A   OP1    O N N 3   
A   OP2    O N N 4   
A   "O5'"  O N N 5   
A   "C5'"  C N N 6   
A   "C4'"  C N R 7   
A   "O4'"  O N N 8   
A   "C3'"  C N S 9   
A   "O3'"  O N N 10  
A   "C2'"  C N R 11  
A   "O2'"  O N N 12  
A   "C1'"  C N R 13  
A   N9     N Y N 14  
A   C8     C Y N 15  
A   N7     N Y N 16  
A   C5     C Y N 17  
A   C6     C Y N 18  
A   N6     N N N 19  
A   N1     N Y N 20  
A   C2     C Y N 21  
A   N3     N Y N 22  
A   C4     C Y N 23  
A   HOP3   H N N 24  
A   HOP2   H N N 25  
A   "H5'"  H N N 26  
A   "H5''" H N N 27  
A   "H4'"  H N N 28  
A   "H3'"  H N N 29  
A   "HO3'" H N N 30  
A   "H2'"  H N N 31  
A   "HO2'" H N N 32  
A   "H1'"  H N N 33  
A   H8     H N N 34  
A   H61    H N N 35  
A   H62    H N N 36  
A   H2     H N N 37  
ALA N      N N N 38  
ALA CA     C N S 39  
ALA C      C N N 40  
ALA O      O N N 41  
ALA CB     C N N 42  
ALA OXT    O N N 43  
ALA H      H N N 44  
ALA H2     H N N 45  
ALA HA     H N N 46  
ALA HB1    H N N 47  
ALA HB2    H N N 48  
ALA HB3    H N N 49  
ALA HXT    H N N 50  
ARG N      N N N 51  
ARG CA     C N S 52  
ARG C      C N N 53  
ARG O      O N N 54  
ARG CB     C N N 55  
ARG CG     C N N 56  
ARG CD     C N N 57  
ARG NE     N N N 58  
ARG CZ     C N N 59  
ARG NH1    N N N 60  
ARG NH2    N N N 61  
ARG OXT    O N N 62  
ARG H      H N N 63  
ARG H2     H N N 64  
ARG HA     H N N 65  
ARG HB2    H N N 66  
ARG HB3    H N N 67  
ARG HG2    H N N 68  
ARG HG3    H N N 69  
ARG HD2    H N N 70  
ARG HD3    H N N 71  
ARG HE     H N N 72  
ARG HH11   H N N 73  
ARG HH12   H N N 74  
ARG HH21   H N N 75  
ARG HH22   H N N 76  
ARG HXT    H N N 77  
ASN N      N N N 78  
ASN CA     C N S 79  
ASN C      C N N 80  
ASN O      O N N 81  
ASN CB     C N N 82  
ASN CG     C N N 83  
ASN OD1    O N N 84  
ASN ND2    N N N 85  
ASN OXT    O N N 86  
ASN H      H N N 87  
ASN H2     H N N 88  
ASN HA     H N N 89  
ASN HB2    H N N 90  
ASN HB3    H N N 91  
ASN HD21   H N N 92  
ASN HD22   H N N 93  
ASN HXT    H N N 94  
ASP N      N N N 95  
ASP CA     C N S 96  
ASP C      C N N 97  
ASP O      O N N 98  
ASP CB     C N N 99  
ASP CG     C N N 100 
ASP OD1    O N N 101 
ASP OD2    O N N 102 
ASP OXT    O N N 103 
ASP H      H N N 104 
ASP H2     H N N 105 
ASP HA     H N N 106 
ASP HB2    H N N 107 
ASP HB3    H N N 108 
ASP HD2    H N N 109 
ASP HXT    H N N 110 
C   OP3    O N N 111 
C   P      P N N 112 
C   OP1    O N N 113 
C   OP2    O N N 114 
C   "O5'"  O N N 115 
C   "C5'"  C N N 116 
C   "C4'"  C N R 117 
C   "O4'"  O N N 118 
C   "C3'"  C N S 119 
C   "O3'"  O N N 120 
C   "C2'"  C N R 121 
C   "O2'"  O N N 122 
C   "C1'"  C N R 123 
C   N1     N N N 124 
C   C2     C N N 125 
C   O2     O N N 126 
C   N3     N N N 127 
C   C4     C N N 128 
C   N4     N N N 129 
C   C5     C N N 130 
C   C6     C N N 131 
C   HOP3   H N N 132 
C   HOP2   H N N 133 
C   "H5'"  H N N 134 
C   "H5''" H N N 135 
C   "H4'"  H N N 136 
C   "H3'"  H N N 137 
C   "HO3'" H N N 138 
C   "H2'"  H N N 139 
C   "HO2'" H N N 140 
C   "H1'"  H N N 141 
C   H41    H N N 142 
C   H42    H N N 143 
C   H5     H N N 144 
C   H6     H N N 145 
G   OP3    O N N 146 
G   P      P N N 147 
G   OP1    O N N 148 
G   OP2    O N N 149 
G   "O5'"  O N N 150 
G   "C5'"  C N N 151 
G   "C4'"  C N R 152 
G   "O4'"  O N N 153 
G   "C3'"  C N S 154 
G   "O3'"  O N N 155 
G   "C2'"  C N R 156 
G   "O2'"  O N N 157 
G   "C1'"  C N R 158 
G   N9     N Y N 159 
G   C8     C Y N 160 
G   N7     N Y N 161 
G   C5     C Y N 162 
G   C6     C N N 163 
G   O6     O N N 164 
G   N1     N N N 165 
G   C2     C N N 166 
G   N2     N N N 167 
G   N3     N N N 168 
G   C4     C Y N 169 
G   HOP3   H N N 170 
G   HOP2   H N N 171 
G   "H5'"  H N N 172 
G   "H5''" H N N 173 
G   "H4'"  H N N 174 
G   "H3'"  H N N 175 
G   "HO3'" H N N 176 
G   "H2'"  H N N 177 
G   "HO2'" H N N 178 
G   "H1'"  H N N 179 
G   H8     H N N 180 
G   H1     H N N 181 
G   H21    H N N 182 
G   H22    H N N 183 
GLN N      N N N 184 
GLN CA     C N S 185 
GLN C      C N N 186 
GLN O      O N N 187 
GLN CB     C N N 188 
GLN CG     C N N 189 
GLN CD     C N N 190 
GLN OE1    O N N 191 
GLN NE2    N N N 192 
GLN OXT    O N N 193 
GLN H      H N N 194 
GLN H2     H N N 195 
GLN HA     H N N 196 
GLN HB2    H N N 197 
GLN HB3    H N N 198 
GLN HG2    H N N 199 
GLN HG3    H N N 200 
GLN HE21   H N N 201 
GLN HE22   H N N 202 
GLN HXT    H N N 203 
GLU N      N N N 204 
GLU CA     C N S 205 
GLU C      C N N 206 
GLU O      O N N 207 
GLU CB     C N N 208 
GLU CG     C N N 209 
GLU CD     C N N 210 
GLU OE1    O N N 211 
GLU OE2    O N N 212 
GLU OXT    O N N 213 
GLU H      H N N 214 
GLU H2     H N N 215 
GLU HA     H N N 216 
GLU HB2    H N N 217 
GLU HB3    H N N 218 
GLU HG2    H N N 219 
GLU HG3    H N N 220 
GLU HE2    H N N 221 
GLU HXT    H N N 222 
GLY N      N N N 223 
GLY CA     C N N 224 
GLY C      C N N 225 
GLY O      O N N 226 
GLY OXT    O N N 227 
GLY H      H N N 228 
GLY H2     H N N 229 
GLY HA2    H N N 230 
GLY HA3    H N N 231 
GLY HXT    H N N 232 
ILE N      N N N 233 
ILE CA     C N S 234 
ILE C      C N N 235 
ILE O      O N N 236 
ILE CB     C N S 237 
ILE CG1    C N N 238 
ILE CG2    C N N 239 
ILE CD1    C N N 240 
ILE OXT    O N N 241 
ILE H      H N N 242 
ILE H2     H N N 243 
ILE HA     H N N 244 
ILE HB     H N N 245 
ILE HG12   H N N 246 
ILE HG13   H N N 247 
ILE HG21   H N N 248 
ILE HG22   H N N 249 
ILE HG23   H N N 250 
ILE HD11   H N N 251 
ILE HD12   H N N 252 
ILE HD13   H N N 253 
ILE HXT    H N N 254 
SER N      N N N 255 
SER CA     C N S 256 
SER C      C N N 257 
SER O      O N N 258 
SER CB     C N N 259 
SER OG     O N N 260 
SER OXT    O N N 261 
SER H      H N N 262 
SER H2     H N N 263 
SER HA     H N N 264 
SER HB2    H N N 265 
SER HB3    H N N 266 
SER HG     H N N 267 
SER HXT    H N N 268 
THR N      N N N 269 
THR CA     C N S 270 
THR C      C N N 271 
THR O      O N N 272 
THR CB     C N R 273 
THR OG1    O N N 274 
THR CG2    C N N 275 
THR OXT    O N N 276 
THR H      H N N 277 
THR H2     H N N 278 
THR HA     H N N 279 
THR HB     H N N 280 
THR HG1    H N N 281 
THR HG21   H N N 282 
THR HG22   H N N 283 
THR HG23   H N N 284 
THR HXT    H N N 285 
TRP N      N N N 286 
TRP CA     C N S 287 
TRP C      C N N 288 
TRP O      O N N 289 
TRP CB     C N N 290 
TRP CG     C Y N 291 
TRP CD1    C Y N 292 
TRP CD2    C Y N 293 
TRP NE1    N Y N 294 
TRP CE2    C Y N 295 
TRP CE3    C Y N 296 
TRP CZ2    C Y N 297 
TRP CZ3    C Y N 298 
TRP CH2    C Y N 299 
TRP OXT    O N N 300 
TRP H      H N N 301 
TRP H2     H N N 302 
TRP HA     H N N 303 
TRP HB2    H N N 304 
TRP HB3    H N N 305 
TRP HD1    H N N 306 
TRP HE1    H N N 307 
TRP HE3    H N N 308 
TRP HZ2    H N N 309 
TRP HZ3    H N N 310 
TRP HH2    H N N 311 
TRP HXT    H N N 312 
U   OP3    O N N 313 
U   P      P N N 314 
U   OP1    O N N 315 
U   OP2    O N N 316 
U   "O5'"  O N N 317 
U   "C5'"  C N N 318 
U   "C4'"  C N R 319 
U   "O4'"  O N N 320 
U   "C3'"  C N S 321 
U   "O3'"  O N N 322 
U   "C2'"  C N R 323 
U   "O2'"  O N N 324 
U   "C1'"  C N R 325 
U   N1     N N N 326 
U   C2     C N N 327 
U   O2     O N N 328 
U   N3     N N N 329 
U   C4     C N N 330 
U   O4     O N N 331 
U   C5     C N N 332 
U   C6     C N N 333 
U   HOP3   H N N 334 
U   HOP2   H N N 335 
U   "H5'"  H N N 336 
U   "H5''" H N N 337 
U   "H4'"  H N N 338 
U   "H3'"  H N N 339 
U   "HO3'" H N N 340 
U   "H2'"  H N N 341 
U   "HO2'" H N N 342 
U   "H1'"  H N N 343 
U   H3     H N N 344 
U   H5     H N N 345 
U   H6     H N N 346 
# 
loop_
_chem_comp_bond.comp_id 
_chem_comp_bond.atom_id_1 
_chem_comp_bond.atom_id_2 
_chem_comp_bond.value_order 
_chem_comp_bond.pdbx_aromatic_flag 
_chem_comp_bond.pdbx_stereo_config 
_chem_comp_bond.pdbx_ordinal 
A   OP3   P      sing N N 1   
A   OP3   HOP3   sing N N 2   
A   P     OP1    doub N N 3   
A   P     OP2    sing N N 4   
A   P     "O5'"  sing N N 5   
A   OP2   HOP2   sing N N 6   
A   "O5'" "C5'"  sing N N 7   
A   "C5'" "C4'"  sing N N 8   
A   "C5'" "H5'"  sing N N 9   
A   "C5'" "H5''" sing N N 10  
A   "C4'" "O4'"  sing N N 11  
A   "C4'" "C3'"  sing N N 12  
A   "C4'" "H4'"  sing N N 13  
A   "O4'" "C1'"  sing N N 14  
A   "C3'" "O3'"  sing N N 15  
A   "C3'" "C2'"  sing N N 16  
A   "C3'" "H3'"  sing N N 17  
A   "O3'" "HO3'" sing N N 18  
A   "C2'" "O2'"  sing N N 19  
A   "C2'" "C1'"  sing N N 20  
A   "C2'" "H2'"  sing N N 21  
A   "O2'" "HO2'" sing N N 22  
A   "C1'" N9     sing N N 23  
A   "C1'" "H1'"  sing N N 24  
A   N9    C8     sing Y N 25  
A   N9    C4     sing Y N 26  
A   C8    N7     doub Y N 27  
A   C8    H8     sing N N 28  
A   N7    C5     sing Y N 29  
A   C5    C6     sing Y N 30  
A   C5    C4     doub Y N 31  
A   C6    N6     sing N N 32  
A   C6    N1     doub Y N 33  
A   N6    H61    sing N N 34  
A   N6    H62    sing N N 35  
A   N1    C2     sing Y N 36  
A   C2    N3     doub Y N 37  
A   C2    H2     sing N N 38  
A   N3    C4     sing Y N 39  
ALA N     CA     sing N N 40  
ALA N     H      sing N N 41  
ALA N     H2     sing N N 42  
ALA CA    C      sing N N 43  
ALA CA    CB     sing N N 44  
ALA CA    HA     sing N N 45  
ALA C     O      doub N N 46  
ALA C     OXT    sing N N 47  
ALA CB    HB1    sing N N 48  
ALA CB    HB2    sing N N 49  
ALA CB    HB3    sing N N 50  
ALA OXT   HXT    sing N N 51  
ARG N     CA     sing N N 52  
ARG N     H      sing N N 53  
ARG N     H2     sing N N 54  
ARG CA    C      sing N N 55  
ARG CA    CB     sing N N 56  
ARG CA    HA     sing N N 57  
ARG C     O      doub N N 58  
ARG C     OXT    sing N N 59  
ARG CB    CG     sing N N 60  
ARG CB    HB2    sing N N 61  
ARG CB    HB3    sing N N 62  
ARG CG    CD     sing N N 63  
ARG CG    HG2    sing N N 64  
ARG CG    HG3    sing N N 65  
ARG CD    NE     sing N N 66  
ARG CD    HD2    sing N N 67  
ARG CD    HD3    sing N N 68  
ARG NE    CZ     sing N N 69  
ARG NE    HE     sing N N 70  
ARG CZ    NH1    sing N N 71  
ARG CZ    NH2    doub N N 72  
ARG NH1   HH11   sing N N 73  
ARG NH1   HH12   sing N N 74  
ARG NH2   HH21   sing N N 75  
ARG NH2   HH22   sing N N 76  
ARG OXT   HXT    sing N N 77  
ASN N     CA     sing N N 78  
ASN N     H      sing N N 79  
ASN N     H2     sing N N 80  
ASN CA    C      sing N N 81  
ASN CA    CB     sing N N 82  
ASN CA    HA     sing N N 83  
ASN C     O      doub N N 84  
ASN C     OXT    sing N N 85  
ASN CB    CG     sing N N 86  
ASN CB    HB2    sing N N 87  
ASN CB    HB3    sing N N 88  
ASN CG    OD1    doub N N 89  
ASN CG    ND2    sing N N 90  
ASN ND2   HD21   sing N N 91  
ASN ND2   HD22   sing N N 92  
ASN OXT   HXT    sing N N 93  
ASP N     CA     sing N N 94  
ASP N     H      sing N N 95  
ASP N     H2     sing N N 96  
ASP CA    C      sing N N 97  
ASP CA    CB     sing N N 98  
ASP CA    HA     sing N N 99  
ASP C     O      doub N N 100 
ASP C     OXT    sing N N 101 
ASP CB    CG     sing N N 102 
ASP CB    HB2    sing N N 103 
ASP CB    HB3    sing N N 104 
ASP CG    OD1    doub N N 105 
ASP CG    OD2    sing N N 106 
ASP OD2   HD2    sing N N 107 
ASP OXT   HXT    sing N N 108 
C   OP3   P      sing N N 109 
C   OP3   HOP3   sing N N 110 
C   P     OP1    doub N N 111 
C   P     OP2    sing N N 112 
C   P     "O5'"  sing N N 113 
C   OP2   HOP2   sing N N 114 
C   "O5'" "C5'"  sing N N 115 
C   "C5'" "C4'"  sing N N 116 
C   "C5'" "H5'"  sing N N 117 
C   "C5'" "H5''" sing N N 118 
C   "C4'" "O4'"  sing N N 119 
C   "C4'" "C3'"  sing N N 120 
C   "C4'" "H4'"  sing N N 121 
C   "O4'" "C1'"  sing N N 122 
C   "C3'" "O3'"  sing N N 123 
C   "C3'" "C2'"  sing N N 124 
C   "C3'" "H3'"  sing N N 125 
C   "O3'" "HO3'" sing N N 126 
C   "C2'" "O2'"  sing N N 127 
C   "C2'" "C1'"  sing N N 128 
C   "C2'" "H2'"  sing N N 129 
C   "O2'" "HO2'" sing N N 130 
C   "C1'" N1     sing N N 131 
C   "C1'" "H1'"  sing N N 132 
C   N1    C2     sing N N 133 
C   N1    C6     sing N N 134 
C   C2    O2     doub N N 135 
C   C2    N3     sing N N 136 
C   N3    C4     doub N N 137 
C   C4    N4     sing N N 138 
C   C4    C5     sing N N 139 
C   N4    H41    sing N N 140 
C   N4    H42    sing N N 141 
C   C5    C6     doub N N 142 
C   C5    H5     sing N N 143 
C   C6    H6     sing N N 144 
G   OP3   P      sing N N 145 
G   OP3   HOP3   sing N N 146 
G   P     OP1    doub N N 147 
G   P     OP2    sing N N 148 
G   P     "O5'"  sing N N 149 
G   OP2   HOP2   sing N N 150 
G   "O5'" "C5'"  sing N N 151 
G   "C5'" "C4'"  sing N N 152 
G   "C5'" "H5'"  sing N N 153 
G   "C5'" "H5''" sing N N 154 
G   "C4'" "O4'"  sing N N 155 
G   "C4'" "C3'"  sing N N 156 
G   "C4'" "H4'"  sing N N 157 
G   "O4'" "C1'"  sing N N 158 
G   "C3'" "O3'"  sing N N 159 
G   "C3'" "C2'"  sing N N 160 
G   "C3'" "H3'"  sing N N 161 
G   "O3'" "HO3'" sing N N 162 
G   "C2'" "O2'"  sing N N 163 
G   "C2'" "C1'"  sing N N 164 
G   "C2'" "H2'"  sing N N 165 
G   "O2'" "HO2'" sing N N 166 
G   "C1'" N9     sing N N 167 
G   "C1'" "H1'"  sing N N 168 
G   N9    C8     sing Y N 169 
G   N9    C4     sing Y N 170 
G   C8    N7     doub Y N 171 
G   C8    H8     sing N N 172 
G   N7    C5     sing Y N 173 
G   C5    C6     sing N N 174 
G   C5    C4     doub Y N 175 
G   C6    O6     doub N N 176 
G   C6    N1     sing N N 177 
G   N1    C2     sing N N 178 
G   N1    H1     sing N N 179 
G   C2    N2     sing N N 180 
G   C2    N3     doub N N 181 
G   N2    H21    sing N N 182 
G   N2    H22    sing N N 183 
G   N3    C4     sing N N 184 
GLN N     CA     sing N N 185 
GLN N     H      sing N N 186 
GLN N     H2     sing N N 187 
GLN CA    C      sing N N 188 
GLN CA    CB     sing N N 189 
GLN CA    HA     sing N N 190 
GLN C     O      doub N N 191 
GLN C     OXT    sing N N 192 
GLN CB    CG     sing N N 193 
GLN CB    HB2    sing N N 194 
GLN CB    HB3    sing N N 195 
GLN CG    CD     sing N N 196 
GLN CG    HG2    sing N N 197 
GLN CG    HG3    sing N N 198 
GLN CD    OE1    doub N N 199 
GLN CD    NE2    sing N N 200 
GLN NE2   HE21   sing N N 201 
GLN NE2   HE22   sing N N 202 
GLN OXT   HXT    sing N N 203 
GLU N     CA     sing N N 204 
GLU N     H      sing N N 205 
GLU N     H2     sing N N 206 
GLU CA    C      sing N N 207 
GLU CA    CB     sing N N 208 
GLU CA    HA     sing N N 209 
GLU C     O      doub N N 210 
GLU C     OXT    sing N N 211 
GLU CB    CG     sing N N 212 
GLU CB    HB2    sing N N 213 
GLU CB    HB3    sing N N 214 
GLU CG    CD     sing N N 215 
GLU CG    HG2    sing N N 216 
GLU CG    HG3    sing N N 217 
GLU CD    OE1    doub N N 218 
GLU CD    OE2    sing N N 219 
GLU OE2   HE2    sing N N 220 
GLU OXT   HXT    sing N N 221 
GLY N     CA     sing N N 222 
GLY N     H      sing N N 223 
GLY N     H2     sing N N 224 
GLY CA    C      sing N N 225 
GLY CA    HA2    sing N N 226 
GLY CA    HA3    sing N N 227 
GLY C     O      doub N N 228 
GLY C     OXT    sing N N 229 
GLY OXT   HXT    sing N N 230 
ILE N     CA     sing N N 231 
ILE N     H      sing N N 232 
ILE N     H2     sing N N 233 
ILE CA    C      sing N N 234 
ILE CA    CB     sing N N 235 
ILE CA    HA     sing N N 236 
ILE C     O      doub N N 237 
ILE C     OXT    sing N N 238 
ILE CB    CG1    sing N N 239 
ILE CB    CG2    sing N N 240 
ILE CB    HB     sing N N 241 
ILE CG1   CD1    sing N N 242 
ILE CG1   HG12   sing N N 243 
ILE CG1   HG13   sing N N 244 
ILE CG2   HG21   sing N N 245 
ILE CG2   HG22   sing N N 246 
ILE CG2   HG23   sing N N 247 
ILE CD1   HD11   sing N N 248 
ILE CD1   HD12   sing N N 249 
ILE CD1   HD13   sing N N 250 
ILE OXT   HXT    sing N N 251 
SER N     CA     sing N N 252 
SER N     H      sing N N 253 
SER N     H2     sing N N 254 
SER CA    C      sing N N 255 
SER CA    CB     sing N N 256 
SER CA    HA     sing N N 257 
SER C     O      doub N N 258 
SER C     OXT    sing N N 259 
SER CB    OG     sing N N 260 
SER CB    HB2    sing N N 261 
SER CB    HB3    sing N N 262 
SER OG    HG     sing N N 263 
SER OXT   HXT    sing N N 264 
THR N     CA     sing N N 265 
THR N     H      sing N N 266 
THR N     H2     sing N N 267 
THR CA    C      sing N N 268 
THR CA    CB     sing N N 269 
THR CA    HA     sing N N 270 
THR C     O      doub N N 271 
THR C     OXT    sing N N 272 
THR CB    OG1    sing N N 273 
THR CB    CG2    sing N N 274 
THR CB    HB     sing N N 275 
THR OG1   HG1    sing N N 276 
THR CG2   HG21   sing N N 277 
THR CG2   HG22   sing N N 278 
THR CG2   HG23   sing N N 279 
THR OXT   HXT    sing N N 280 
TRP N     CA     sing N N 281 
TRP N     H      sing N N 282 
TRP N     H2     sing N N 283 
TRP CA    C      sing N N 284 
TRP CA    CB     sing N N 285 
TRP CA    HA     sing N N 286 
TRP C     O      doub N N 287 
TRP C     OXT    sing N N 288 
TRP CB    CG     sing N N 289 
TRP CB    HB2    sing N N 290 
TRP CB    HB3    sing N N 291 
TRP CG    CD1    doub Y N 292 
TRP CG    CD2    sing Y N 293 
TRP CD1   NE1    sing Y N 294 
TRP CD1   HD1    sing N N 295 
TRP CD2   CE2    doub Y N 296 
TRP CD2   CE3    sing Y N 297 
TRP NE1   CE2    sing Y N 298 
TRP NE1   HE1    sing N N 299 
TRP CE2   CZ2    sing Y N 300 
TRP CE3   CZ3    doub Y N 301 
TRP CE3   HE3    sing N N 302 
TRP CZ2   CH2    doub Y N 303 
TRP CZ2   HZ2    sing N N 304 
TRP CZ3   CH2    sing Y N 305 
TRP CZ3   HZ3    sing N N 306 
TRP CH2   HH2    sing N N 307 
TRP OXT   HXT    sing N N 308 
U   OP3   P      sing N N 309 
U   OP3   HOP3   sing N N 310 
U   P     OP1    doub N N 311 
U   P     OP2    sing N N 312 
U   P     "O5'"  sing N N 313 
U   OP2   HOP2   sing N N 314 
U   "O5'" "C5'"  sing N N 315 
U   "C5'" "C4'"  sing N N 316 
U   "C5'" "H5'"  sing N N 317 
U   "C5'" "H5''" sing N N 318 
U   "C4'" "O4'"  sing N N 319 
U   "C4'" "C3'"  sing N N 320 
U   "C4'" "H4'"  sing N N 321 
U   "O4'" "C1'"  sing N N 322 
U   "C3'" "O3'"  sing N N 323 
U   "C3'" "C2'"  sing N N 324 
U   "C3'" "H3'"  sing N N 325 
U   "O3'" "HO3'" sing N N 326 
U   "C2'" "O2'"  sing N N 327 
U   "C2'" "C1'"  sing N N 328 
U   "C2'" "H2'"  sing N N 329 
U   "O2'" "HO2'" sing N N 330 
U   "C1'" N1     sing N N 331 
U   "C1'" "H1'"  sing N N 332 
U   N1    C2     sing N N 333 
U   N1    C6     sing N N 334 
U   C2    O2     doub N N 335 
U   C2    N3     sing N N 336 
U   N3    C4     sing N N 337 
U   N3    H3     sing N N 338 
U   C4    O4     doub N N 339 
U   C4    C5     sing N N 340 
U   C5    C6     doub N N 341 
U   C5    H5     sing N N 342 
U   C6    H6     sing N N 343 
# 
loop_
_ndb_struct_conf_na.entry_id 
_ndb_struct_conf_na.feature 
1ETF 'double helix'         
1ETF 'a-form double helix'  
1ETF tetraloop              
1ETF 'bulge loop'           
1ETF 'mismatched base pair' 
# 
loop_
_ndb_struct_na_base_pair.model_number 
_ndb_struct_na_base_pair.i_label_asym_id 
_ndb_struct_na_base_pair.i_label_comp_id 
_ndb_struct_na_base_pair.i_label_seq_id 
_ndb_struct_na_base_pair.i_symmetry 
_ndb_struct_na_base_pair.j_label_asym_id 
_ndb_struct_na_base_pair.j_label_comp_id 
_ndb_struct_na_base_pair.j_label_seq_id 
_ndb_struct_na_base_pair.j_symmetry 
_ndb_struct_na_base_pair.shear 
_ndb_struct_na_base_pair.stretch 
_ndb_struct_na_base_pair.stagger 
_ndb_struct_na_base_pair.buckle 
_ndb_struct_na_base_pair.propeller 
_ndb_struct_na_base_pair.opening 
_ndb_struct_na_base_pair.pair_number 
_ndb_struct_na_base_pair.pair_name 
_ndb_struct_na_base_pair.i_auth_asym_id 
_ndb_struct_na_base_pair.i_auth_seq_id 
_ndb_struct_na_base_pair.i_PDB_ins_code 
_ndb_struct_na_base_pair.j_auth_asym_id 
_ndb_struct_na_base_pair.j_auth_seq_id 
_ndb_struct_na_base_pair.j_PDB_ins_code 
_ndb_struct_na_base_pair.hbond_type_28 
_ndb_struct_na_base_pair.hbond_type_12 
1 A G 1  1_555 A C 34 1_555 1.032  -0.372 1.218  -1.791  -5.151  -2.643  1  A_G41:C79_A A 41 ? A 79 ? 19 1 
1 A G 2  1_555 A C 33 1_555 0.834  -0.356 1.085  -1.375  3.411   -2.080  2  A_G42:C78_A A 42 ? A 78 ? 19 1 
1 A U 3  1_555 A G 32 1_555 1.360  -0.452 0.781  -9.608  -7.414  -6.003  3  A_U43:G77_A A 43 ? A 77 ? 28 1 
1 A C 4  1_555 A G 31 1_555 -0.037 -0.239 1.222  -7.283  2.409   -2.305  4  A_C44:G76_A A 44 ? A 76 ? 19 1 
1 A U 5  1_555 A A 30 1_555 -1.131 -0.480 1.199  13.685  -2.839  -6.814  5  A_U45:A75_A A 45 ? A 75 ? 20 1 
1 A G 6  1_555 A C 29 1_555 -0.426 -0.033 -0.027 21.125  8.447   -2.963  6  A_G46:C74_A A 46 ? A 74 ? 19 1 
1 A G 7  1_555 A A 28 1_555 -0.151 1.398  0.727  6.967   -31.058 -27.101 7  A_G47:A73_A A 47 ? A 73 ? 8  ? 
1 A G 8  1_555 A G 26 1_555 -0.698 -0.374 -1.591 9.746   -5.752  172.335 8  A_G48:G71_A A 48 ? A 71 ? 3  ? 
1 A C 9  1_555 A G 25 1_555 0.365  -0.482 1.336  -10.856 -16.495 -7.385  9  A_C49:G70_A A 49 ? A 70 ? 19 1 
1 A G 10 1_555 A C 24 1_555 0.656  -0.223 0.909  -1.988  -14.285 -12.383 10 A_G50:C69_A A 50 ? A 69 ? 19 1 
1 A C 11 1_555 A G 22 1_555 -0.971 -0.297 1.160  -10.521 -13.511 -7.302  11 A_C51:G67_A A 51 ? A 67 ? 19 1 
1 A A 12 1_555 A U 21 1_555 -0.209 -0.024 0.263  -18.470 -13.608 -2.468  12 A_A52:U66_A A 52 ? A 66 ? 20 1 
1 A G 13 1_555 A C 20 1_555 0.706  -0.057 0.594  8.274   5.125   -7.025  13 A_G53:C65_A A 53 ? A 65 ? 19 1 
1 A C 14 1_555 A G 19 1_555 0.070  -0.226 1.145  -2.526  15.499  11.297  14 A_C54:G64_A A 54 ? A 64 ? 19 1 
1 A G 15 1_555 A A 18 1_555 5.627  -4.562 1.430  26.395  34.956  10.088  15 A_G55:A58_A A 55 ? A 58 ? 11 9 
# 
loop_
_ndb_struct_na_base_pair_step.model_number 
_ndb_struct_na_base_pair_step.i_label_asym_id_1 
_ndb_struct_na_base_pair_step.i_label_comp_id_1 
_ndb_struct_na_base_pair_step.i_label_seq_id_1 
_ndb_struct_na_base_pair_step.i_symmetry_1 
_ndb_struct_na_base_pair_step.j_label_asym_id_1 
_ndb_struct_na_base_pair_step.j_label_comp_id_1 
_ndb_struct_na_base_pair_step.j_label_seq_id_1 
_ndb_struct_na_base_pair_step.j_symmetry_1 
_ndb_struct_na_base_pair_step.i_label_asym_id_2 
_ndb_struct_na_base_pair_step.i_label_comp_id_2 
_ndb_struct_na_base_pair_step.i_label_seq_id_2 
_ndb_struct_na_base_pair_step.i_symmetry_2 
_ndb_struct_na_base_pair_step.j_label_asym_id_2 
_ndb_struct_na_base_pair_step.j_label_comp_id_2 
_ndb_struct_na_base_pair_step.j_label_seq_id_2 
_ndb_struct_na_base_pair_step.j_symmetry_2 
_ndb_struct_na_base_pair_step.shift 
_ndb_struct_na_base_pair_step.slide 
_ndb_struct_na_base_pair_step.rise 
_ndb_struct_na_base_pair_step.tilt 
_ndb_struct_na_base_pair_step.roll 
_ndb_struct_na_base_pair_step.twist 
_ndb_struct_na_base_pair_step.x_displacement 
_ndb_struct_na_base_pair_step.y_displacement 
_ndb_struct_na_base_pair_step.helical_rise 
_ndb_struct_na_base_pair_step.inclination 
_ndb_struct_na_base_pair_step.tip 
_ndb_struct_na_base_pair_step.helical_twist 
_ndb_struct_na_base_pair_step.step_number 
_ndb_struct_na_base_pair_step.step_name 
_ndb_struct_na_base_pair_step.i_auth_asym_id_1 
_ndb_struct_na_base_pair_step.i_auth_seq_id_1 
_ndb_struct_na_base_pair_step.i_PDB_ins_code_1 
_ndb_struct_na_base_pair_step.j_auth_asym_id_1 
_ndb_struct_na_base_pair_step.j_auth_seq_id_1 
_ndb_struct_na_base_pair_step.j_PDB_ins_code_1 
_ndb_struct_na_base_pair_step.i_auth_asym_id_2 
_ndb_struct_na_base_pair_step.i_auth_seq_id_2 
_ndb_struct_na_base_pair_step.i_PDB_ins_code_2 
_ndb_struct_na_base_pair_step.j_auth_asym_id_2 
_ndb_struct_na_base_pair_step.j_auth_seq_id_2 
_ndb_struct_na_base_pair_step.j_PDB_ins_code_2 
1 A G 1  1_555 A C 34 1_555 A G 2  1_555 A C 33 1_555 0.364  -1.672 3.864 2.192   -7.945  27.063  -1.101 -0.105 4.191 -16.498 
-4.552  28.268  1  AA_G41G42:C78C79_AA A 41 ? A 79 ? A 42 ? A 78 ? 
1 A G 2  1_555 A C 33 1_555 A U 3  1_555 A G 32 1_555 -0.125 -1.518 4.138 7.007   5.934   30.017  -4.169 1.839  3.657 11.134  
-13.147 31.359  2  AA_G42U43:G77C78_AA A 42 ? A 78 ? A 43 ? A 77 ? 
1 A U 3  1_555 A G 32 1_555 A C 4  1_555 A G 31 1_555 0.074  -1.643 3.372 -3.839  12.453  22.951  -6.629 -1.095 2.167 28.533  
8.796   26.349  3  AA_U43C44:G76G77_AA A 43 ? A 77 ? A 44 ? A 76 ? 
1 A C 4  1_555 A G 31 1_555 A U 5  1_555 A A 30 1_555 -0.304 -1.904 2.852 -0.330  4.215   22.232  -6.109 0.676  2.457 10.805  
0.845   22.625  4  AA_C44U45:A75G76_AA A 44 ? A 76 ? A 45 ? A 75 ? 
1 A U 5  1_555 A A 30 1_555 A G 6  1_555 A C 29 1_555 -0.025 -1.671 3.011 -0.651  17.310  29.664  -4.992 -0.038 1.792 30.733  
1.156   34.253  5  AA_U45G46:C74A75_AA A 45 ? A 75 ? A 46 ? A 74 ? 
1 A G 6  1_555 A C 29 1_555 A G 7  1_555 A A 28 1_555 -1.384 -0.897 4.379 -2.280  -22.888 41.321  1.576  1.465  4.352 -29.823 
2.970   47.046  6  AA_G46G47:A73C74_AA A 46 ? A 74 ? A 47 ? A 73 ? 
1 A G 7  1_555 A A 28 1_555 A G 8  1_555 A G 26 1_555 -0.757 -1.823 4.035 -13.572 21.251  -84.940 0.726  -0.920 4.187 -15.447 
-9.865  -87.917 7  AA_G47G48:G71A73_AA A 47 ? A 73 ? A 48 ? A 71 ? 
1 A G 8  1_555 A G 26 1_555 A C 9  1_555 A G 25 1_555 0.189  -1.121 3.663 -11.057 -17.312 124.730 -0.467 -0.210 3.726 -9.743  
6.222   125.689 8  AA_G48C49:G70G71_AA A 48 ? A 71 ? A 49 ? A 70 ? 
1 A C 9  1_555 A G 25 1_555 A G 10 1_555 A C 24 1_555 -0.286 -1.631 3.166 3.553   -7.064  33.605  -1.638 1.042  3.382 -12.012 
-6.043  34.497  9  AA_C49G50:C69G70_AA A 49 ? A 70 ? A 50 ? A 69 ? 
1 A G 10 1_555 A C 24 1_555 A C 11 1_555 A G 22 1_555 0.774  -1.501 3.637 -4.801  20.669  25.734  -5.893 -2.112 1.805 39.030  
9.066   33.240  10 AA_G50C51:G67C69_AA A 50 ? A 69 ? A 51 ? A 67 ? 
1 A C 11 1_555 A G 22 1_555 A A 12 1_555 A U 21 1_555 0.756  -0.858 4.006 2.957   1.884   39.137  -1.552 -0.693 4.006 2.806   
-4.403  39.287  11 AA_C51A52:U66G67_AA A 51 ? A 67 ? A 52 ? A 66 ? 
1 A A 12 1_555 A U 21 1_555 A G 13 1_555 A C 20 1_555 -0.154 -1.516 2.740 -1.748  -3.519  31.713  -2.203 0.006  2.891 -6.409  
3.184   31.950  12 AA_A52G53:C65U66_AA A 52 ? A 66 ? A 53 ? A 65 ? 
1 A G 13 1_555 A C 20 1_555 A C 14 1_555 A G 19 1_555 0.408  -1.922 3.829 -5.953  24.226  19.756  -7.513 -1.728 0.874 50.698  
12.458  31.725  13 AA_G53C54:G64C65_AA A 53 ? A 65 ? A 54 ? A 64 ? 
1 A C 14 1_555 A G 19 1_555 A G 15 1_555 A A 18 1_555 -0.956 -1.047 3.623 -15.064 -11.356 43.242  -0.188 -0.293 3.880 -14.609 
19.380  46.997  14 AA_C54G55:A58G64_AA A 54 ? A 64 ? A 55 ? A 58 ? 
# 
_atom_sites.entry_id                    1ETF 
_atom_sites.fract_transf_matrix[1][1]   1.000000 
_atom_sites.fract_transf_matrix[1][2]   0.000000 
_atom_sites.fract_transf_matrix[1][3]   0.000000 
_atom_sites.fract_transf_matrix[2][1]   0.000000 
_atom_sites.fract_transf_matrix[2][2]   1.000000 
_atom_sites.fract_transf_matrix[2][3]   0.000000 
_atom_sites.fract_transf_matrix[3][1]   0.000000 
_atom_sites.fract_transf_matrix[3][2]   0.000000 
_atom_sites.fract_transf_matrix[3][3]   1.000000 
_atom_sites.fract_transf_vector[1]      0.00000 
_atom_sites.fract_transf_vector[2]      0.00000 
_atom_sites.fract_transf_vector[3]      0.00000 
# 
loop_
_atom_type.symbol 
C 
H 
N 
O 
P 
# 
loop_
_atom_site.group_PDB 
_atom_site.id 
_atom_site.type_symbol 
_atom_site.label_atom_id 
_atom_site.label_alt_id 
_atom_site.label_comp_id 
_atom_site.label_asym_id 
_atom_site.label_entity_id 
_atom_site.label_seq_id 
_atom_site.pdbx_PDB_ins_code 
_atom_site.Cartn_x 
_atom_site.Cartn_y 
_atom_site.Cartn_z 
_atom_site.occupancy 
_atom_site.B_iso_or_equiv 
_atom_site.pdbx_formal_charge 
_atom_site.auth_seq_id 
_atom_site.auth_comp_id 
_atom_site.auth_asym_id 
_atom_site.auth_atom_id 
_atom_site.pdbx_PDB_model_num 
ATOM 1    P P      . G   A 1 1  ? -7.316  -17.601 11.826  1.00 0.00 ? 41 G   A P      1 
ATOM 2    O OP1    . G   A 1 1  ? -7.085  -18.566 10.728  1.00 0.00 ? 41 G   A OP1    1 
ATOM 3    O OP2    . G   A 1 1  ? -8.421  -16.621 11.724  1.00 0.00 ? 41 G   A OP2    1 
ATOM 4    O "O5'"  . G   A 1 1  ? -5.947  -16.789 12.076  1.00 0.00 ? 41 G   A "O5'"  1 
ATOM 5    C "C5'"  . G   A 1 1  ? -5.442  -15.916 11.090  1.00 0.00 ? 41 G   A "C5'"  1 
ATOM 6    C "C4'"  . G   A 1 1  ? -4.141  -15.290 11.586  1.00 0.00 ? 41 G   A "C4'"  1 
ATOM 7    O "O4'"  . G   A 1 1  ? -3.114  -16.255 11.709  1.00 0.00 ? 41 G   A "O4'"  1 
ATOM 8    C "C3'"  . G   A 1 1  ? -3.589  -14.274 10.599  1.00 0.00 ? 41 G   A "C3'"  1 
ATOM 9    O "O3'"  . G   A 1 1  ? -4.279  -13.044 10.648  1.00 0.00 ? 41 G   A "O3'"  1 
ATOM 10   C "C2'"  . G   A 1 1  ? -2.155  -14.174 11.086  1.00 0.00 ? 41 G   A "C2'"  1 
ATOM 11   O "O2'"  . G   A 1 1  ? -2.017  -13.218 12.112  1.00 0.00 ? 41 G   A "O2'"  1 
ATOM 12   C "C1'"  . G   A 1 1  ? -1.870  -15.575 11.625  1.00 0.00 ? 41 G   A "C1'"  1 
ATOM 13   N N9     . G   A 1 1  ? -0.945  -16.299 10.733  1.00 0.00 ? 41 G   A N9     1 
ATOM 14   C C8     . G   A 1 1  ? -1.236  -17.117 9.672   1.00 0.00 ? 41 G   A C8     1 
ATOM 15   N N7     . G   A 1 1  ? -0.182  -17.615 9.086   1.00 0.00 ? 41 G   A N7     1 
ATOM 16   C C5     . G   A 1 1  ? 0.884   -17.089 9.810   1.00 0.00 ? 41 G   A C5     1 
ATOM 17   C C6     . G   A 1 1  ? 2.280   -17.278 9.636   1.00 0.00 ? 41 G   A C6     1 
ATOM 18   O O6     . G   A 1 1  ? 2.860   -17.963 8.794   1.00 0.00 ? 41 G   A O6     1 
ATOM 19   N N1     . G   A 1 1  ? 3.011   -16.567 10.577  1.00 0.00 ? 41 G   A N1     1 
ATOM 20   C C2     . G   A 1 1  ? 2.468   -15.772 11.566  1.00 0.00 ? 41 G   A C2     1 
ATOM 21   N N2     . G   A 1 1  ? 3.333   -15.157 12.384  1.00 0.00 ? 41 G   A N2     1 
ATOM 22   N N3     . G   A 1 1  ? 1.154   -15.595 11.731  1.00 0.00 ? 41 G   A N3     1 
ATOM 23   C C4     . G   A 1 1  ? 0.426   -16.281 10.819  1.00 0.00 ? 41 G   A C4     1 
ATOM 24   H "H5'"  . G   A 1 1  ? -6.172  -15.131 10.898  1.00 0.00 ? 41 G   A "H5'"  1 
ATOM 25   H "H5''" . G   A 1 1  ? -5.257  -16.473 10.171  1.00 0.00 ? 41 G   A "H5''" 1 
ATOM 26   H "H4'"  . G   A 1 1  ? -4.300  -14.817 12.555  1.00 0.00 ? 41 G   A "H4'"  1 
ATOM 27   H "H3'"  . G   A 1 1  ? -3.587  -14.664 9.581   1.00 0.00 ? 41 G   A "H3'"  1 
ATOM 28   H "H2'"  . G   A 1 1  ? -1.496  -13.910 10.258  1.00 0.00 ? 41 G   A "H2'"  1 
ATOM 29   H "HO2'" . G   A 1 1  ? -2.604  -13.458 12.833  1.00 0.00 ? 41 G   A "HO2'" 1 
ATOM 30   H "H1'"  . G   A 1 1  ? -1.418  -15.494 12.614  1.00 0.00 ? 41 G   A "H1'"  1 
ATOM 31   H H8     . G   A 1 1  ? -2.245  -17.329 9.351   1.00 0.00 ? 41 G   A H8     1 
ATOM 32   H H1     . G   A 1 1  ? 4.016   -16.646 10.531  1.00 0.00 ? 41 G   A H1     1 
ATOM 33   H H21    . G   A 1 1  ? 4.327   -15.282 12.254  1.00 0.00 ? 41 G   A H21    1 
ATOM 34   H H22    . G   A 1 1  ? 2.992   -14.564 13.127  1.00 0.00 ? 41 G   A H22    1 
ATOM 35   P P      . G   A 1 2  ? -3.902  -11.842 9.643   1.00 0.00 ? 42 G   A P      1 
ATOM 36   O OP1    . G   A 1 2  ? -4.775  -10.689 9.956   1.00 0.00 ? 42 G   A OP1    1 
ATOM 37   O OP2    . G   A 1 2  ? -3.868  -12.388 8.269   1.00 0.00 ? 42 G   A OP2    1 
ATOM 38   O "O5'"  . G   A 1 2  ? -2.397  -11.462 10.070  1.00 0.00 ? 42 G   A "O5'"  1 
ATOM 39   C "C5'"  . G   A 1 2  ? -2.127  -10.840 11.308  1.00 0.00 ? 42 G   A "C5'"  1 
ATOM 40   C "C4'"  . G   A 1 2  ? -0.623  -10.622 11.465  1.00 0.00 ? 42 G   A "C4'"  1 
ATOM 41   O "O4'"  . G   A 1 2  ? 0.076   -11.844 11.319  1.00 0.00 ? 42 G   A "O4'"  1 
ATOM 42   C "C3'"  . G   A 1 2  ? -0.049  -9.698  10.399  1.00 0.00 ? 42 G   A "C3'"  1 
ATOM 43   O "O3'"  . G   A 1 2  ? -0.291  -8.337  10.685  1.00 0.00 ? 42 G   A "O3'"  1 
ATOM 44   C "C2'"  . G   A 1 2  ? 1.420   -10.072 10.475  1.00 0.00 ? 42 G   A "C2'"  1 
ATOM 45   O "O2'"  . G   A 1 2  ? 2.094   -9.336  11.471  1.00 0.00 ? 42 G   A "O2'"  1 
ATOM 46   C "C1'"  . G   A 1 2  ? 1.383   -11.552 10.843  1.00 0.00 ? 42 G   A "C1'"  1 
ATOM 47   N N9     . G   A 1 2  ? 1.688   -12.385 9.664   1.00 0.00 ? 42 G   A N9     1 
ATOM 48   C C8     . G   A 1 2  ? 0.826   -12.923 8.745   1.00 0.00 ? 42 G   A C8     1 
ATOM 49   N N7     . G   A 1 2  ? 1.414   -13.621 7.815   1.00 0.00 ? 42 G   A N7     1 
ATOM 50   C C5     . G   A 1 2  ? 2.764   -13.541 8.140   1.00 0.00 ? 42 G   A C5     1 
ATOM 51   C C6     . G   A 1 2  ? 3.890   -14.110 7.486   1.00 0.00 ? 42 G   A C6     1 
ATOM 52   O O6     . G   A 1 2  ? 3.912   -14.809 6.474   1.00 0.00 ? 42 G   A O6     1 
ATOM 53   N N1     . G   A 1 2  ? 5.071   -13.787 8.137   1.00 0.00 ? 42 G   A N1     1 
ATOM 54   C C2     . G   A 1 2  ? 5.164   -13.014 9.277   1.00 0.00 ? 42 G   A C2     1 
ATOM 55   N N2     . G   A 1 2  ? 6.395   -12.810 9.764   1.00 0.00 ? 42 G   A N2     1 
ATOM 56   N N3     . G   A 1 2  ? 4.104   -12.480 9.894   1.00 0.00 ? 42 G   A N3     1 
ATOM 57   C C4     . G   A 1 2  ? 2.943   -12.786 9.270   1.00 0.00 ? 42 G   A C4     1 
ATOM 58   H "H5'"  . G   A 1 2  ? -2.484  -11.481 12.114  1.00 0.00 ? 42 G   A "H5'"  1 
ATOM 59   H "H5''" . G   A 1 2  ? -2.641  -9.880  11.355  1.00 0.00 ? 42 G   A "H5''" 1 
ATOM 60   H "H4'"  . G   A 1 2  ? -0.405  -10.209 12.451  1.00 0.00 ? 42 G   A "H4'"  1 
ATOM 61   H "H3'"  . G   A 1 2  ? -0.413  -9.942  9.402   1.00 0.00 ? 42 G   A "H3'"  1 
ATOM 62   H "H2'"  . G   A 1 2  ? 1.904   -9.899  9.514   1.00 0.00 ? 42 G   A "H2'"  1 
ATOM 63   H "HO2'" . G   A 1 2  ? 1.657   -9.488  12.311  1.00 0.00 ? 42 G   A "HO2'" 1 
ATOM 64   H "H1'"  . G   A 1 2  ? 2.119   -11.751 11.622  1.00 0.00 ? 42 G   A "H1'"  1 
ATOM 65   H H8     . G   A 1 2  ? -0.244  -12.781 8.789   1.00 0.00 ? 42 G   A H8     1 
ATOM 66   H H1     . G   A 1 2  ? 5.927   -14.149 7.738   1.00 0.00 ? 42 G   A H1     1 
ATOM 67   H H21    . G   A 1 2  ? 7.196   -13.212 9.299   1.00 0.00 ? 42 G   A H21    1 
ATOM 68   H H22    . G   A 1 2  ? 6.522   -12.251 10.597  1.00 0.00 ? 42 G   A H22    1 
ATOM 69   P P      . U   A 1 3  ? 0.067   -7.191  9.611   1.00 0.00 ? 43 U   A P      1 
ATOM 70   O OP1    . U   A 1 3  ? -0.258  -5.877  10.211  1.00 0.00 ? 43 U   A OP1    1 
ATOM 71   O OP2    . U   A 1 3  ? -0.533  -7.575  8.314   1.00 0.00 ? 43 U   A OP2    1 
ATOM 72   O "O5'"  . U   A 1 3  ? 1.669   -7.293  9.470   1.00 0.00 ? 43 U   A "O5'"  1 
ATOM 73   C "C5'"  . U   A 1 3  ? 2.519   -6.851  10.504  1.00 0.00 ? 43 U   A "C5'"  1 
ATOM 74   C "C4'"  . U   A 1 3  ? 3.982   -7.045  10.101  1.00 0.00 ? 43 U   A "C4'"  1 
ATOM 75   O "O4'"  . U   A 1 3  ? 4.233   -8.400  9.777   1.00 0.00 ? 43 U   A "O4'"  1 
ATOM 76   C "C3'"  . U   A 1 3  ? 4.360   -6.251  8.858   1.00 0.00 ? 43 U   A "C3'"  1 
ATOM 77   O "O3'"  . U   A 1 3  ? 4.610   -4.892  9.146   1.00 0.00 ? 43 U   A "O3'"  1 
ATOM 78   C "C2'"  . U   A 1 3  ? 5.598   -7.007  8.417   1.00 0.00 ? 43 U   A "C2'"  1 
ATOM 79   O "O2'"  . U   A 1 3  ? 6.755   -6.550  9.081   1.00 0.00 ? 43 U   A "O2'"  1 
ATOM 80   C "C1'"  . U   A 1 3  ? 5.288   -8.445  8.823   1.00 0.00 ? 43 U   A "C1'"  1 
ATOM 81   N N1     . U   A 1 3  ? 4.889   -9.233  7.624   1.00 0.00 ? 43 U   A N1     1 
ATOM 82   C C2     . U   A 1 3  ? 5.887   -9.882  6.903   1.00 0.00 ? 43 U   A C2     1 
ATOM 83   O O2     . U   A 1 3  ? 7.080   -9.807  7.192   1.00 0.00 ? 43 U   A O2     1 
ATOM 84   N N3     . U   A 1 3  ? 5.471   -10.628 5.810   1.00 0.00 ? 43 U   A N3     1 
ATOM 85   C C4     . U   A 1 3  ? 4.172   -10.752 5.352   1.00 0.00 ? 43 U   A C4     1 
ATOM 86   O O4     . U   A 1 3  ? 3.914   -11.451 4.374   1.00 0.00 ? 43 U   A O4     1 
ATOM 87   C C5     . U   A 1 3  ? 3.212   -9.991  6.113   1.00 0.00 ? 43 U   A C5     1 
ATOM 88   C C6     . U   A 1 3  ? 3.586   -9.275  7.195   1.00 0.00 ? 43 U   A C6     1 
ATOM 89   H "H5'"  . U   A 1 3  ? 2.315   -7.426  11.408  1.00 0.00 ? 43 U   A "H5'"  1 
ATOM 90   H "H5''" . U   A 1 3  ? 2.336   -5.794  10.699  1.00 0.00 ? 43 U   A "H5''" 1 
ATOM 91   H "H4'"  . U   A 1 3  ? 4.639   -6.754  10.923  1.00 0.00 ? 43 U   A "H4'"  1 
ATOM 92   H "H3'"  . U   A 1 3  ? 3.613   -6.338  8.070   1.00 0.00 ? 43 U   A "H3'"  1 
ATOM 93   H "H2'"  . U   A 1 3  ? 5.740   -6.901  7.342   1.00 0.00 ? 43 U   A "H2'"  1 
ATOM 94   H "HO2'" . U   A 1 3  ? 6.897   -5.630  8.846   1.00 0.00 ? 43 U   A "HO2'" 1 
ATOM 95   H "H1'"  . U   A 1 3  ? 6.155   -8.897  9.304   1.00 0.00 ? 43 U   A "H1'"  1 
ATOM 96   H H3     . U   A 1 3  ? 6.186   -11.122 5.296   1.00 0.00 ? 43 U   A H3     1 
ATOM 97   H H5     . U   A 1 3  ? 2.173   -9.995  5.813   1.00 0.00 ? 43 U   A H5     1 
ATOM 98   H H6     . U   A 1 3  ? 2.815   -8.719  7.705   1.00 0.00 ? 43 U   A H6     1 
ATOM 99   P P      . C   A 1 4  ? 4.820   -3.825  7.957   1.00 0.00 ? 44 C   A P      1 
ATOM 100  O OP1    . C   A 1 4  ? 5.073   -2.499  8.566   1.00 0.00 ? 44 C   A OP1    1 
ATOM 101  O OP2    . C   A 1 4  ? 3.711   -3.990  6.992   1.00 0.00 ? 44 C   A OP2    1 
ATOM 102  O "O5'"  . C   A 1 4  ? 6.179   -4.313  7.245   1.00 0.00 ? 44 C   A "O5'"  1 
ATOM 103  C "C5'"  . C   A 1 4  ? 7.441   -3.995  7.791   1.00 0.00 ? 44 C   A "C5'"  1 
ATOM 104  C "C4'"  . C   A 1 4  ? 8.561   -4.524  6.892   1.00 0.00 ? 44 C   A "C4'"  1 
ATOM 105  O "O4'"  . C   A 1 4  ? 8.459   -5.929  6.746   1.00 0.00 ? 44 C   A "O4'"  1 
ATOM 106  C "C3'"  . C   A 1 4  ? 8.502   -3.962  5.476   1.00 0.00 ? 44 C   A "C3'"  1 
ATOM 107  O "O3'"  . C   A 1 4  ? 9.041   -2.660  5.395   1.00 0.00 ? 44 C   A "O3'"  1 
ATOM 108  C "C2'"  . C   A 1 4  ? 9.325   -5.000  4.740   1.00 0.00 ? 44 C   A "C2'"  1 
ATOM 109  O "O2'"  . C   A 1 4  ? 10.706  -4.736  4.833   1.00 0.00 ? 44 C   A "O2'"  1 
ATOM 110  C "C1'"  . C   A 1 4  ? 8.984   -6.294  5.477   1.00 0.00 ? 44 C   A "C1'"  1 
ATOM 111  N N1     . C   A 1 4  ? 7.999   -7.078  4.681   1.00 0.00 ? 44 C   A N1     1 
ATOM 112  C C2     . C   A 1 4  ? 8.492   -7.840  3.628   1.00 0.00 ? 44 C   A C2     1 
ATOM 113  O O2     . C   A 1 4  ? 9.687   -7.821  3.339   1.00 0.00 ? 44 C   A O2     1 
ATOM 114  N N3     . C   A 1 4  ? 7.621   -8.605  2.918   1.00 0.00 ? 44 C   A N3     1 
ATOM 115  C C4     . C   A 1 4  ? 6.313   -8.606  3.193   1.00 0.00 ? 44 C   A C4     1 
ATOM 116  N N4     . C   A 1 4  ? 5.496   -9.384  2.470   1.00 0.00 ? 44 C   A N4     1 
ATOM 117  C C5     . C   A 1 4  ? 5.775   -7.772  4.224   1.00 0.00 ? 44 C   A C5     1 
ATOM 118  C C6     . C   A 1 4  ? 6.650   -7.031  4.935   1.00 0.00 ? 44 C   A C6     1 
ATOM 119  H "H5'"  . C   A 1 4  ? 7.528   -4.444  8.780   1.00 0.00 ? 44 C   A "H5'"  1 
ATOM 120  H "H5''" . C   A 1 4  ? 7.534   -2.914  7.877   1.00 0.00 ? 44 C   A "H5''" 1 
ATOM 121  H "H4'"  . C   A 1 4  ? 9.533   -4.288  7.327   1.00 0.00 ? 44 C   A "H4'"  1 
ATOM 122  H "H3'"  . C   A 1 4  ? 7.494   -3.977  5.066   1.00 0.00 ? 44 C   A "H3'"  1 
ATOM 123  H "H2'"  . C   A 1 4  ? 9.041   -5.033  3.689   1.00 0.00 ? 44 C   A "H2'"  1 
ATOM 124  H "HO2'" . C   A 1 4  ? 10.948  -4.703  5.762   1.00 0.00 ? 44 C   A "HO2'" 1 
ATOM 125  H "H1'"  . C   A 1 4  ? 9.883   -6.886  5.643   1.00 0.00 ? 44 C   A "H1'"  1 
ATOM 126  H H41    . C   A 1 4  ? 5.873   -9.969  1.738   1.00 0.00 ? 44 C   A H41    1 
ATOM 127  H H42    . C   A 1 4  ? 4.504   -9.388  2.658   1.00 0.00 ? 44 C   A H42    1 
ATOM 128  H H5     . C   A 1 4  ? 4.722   -7.717  4.455   1.00 0.00 ? 44 C   A H5     1 
ATOM 129  H H6     . C   A 1 4  ? 6.236   -6.392  5.699   1.00 0.00 ? 44 C   A H6     1 
ATOM 130  P P      . U   A 1 5  ? 8.861   -1.774  4.060   1.00 0.00 ? 45 U   A P      1 
ATOM 131  O OP1    . U   A 1 5  ? 9.549   -0.481  4.269   1.00 0.00 ? 45 U   A OP1    1 
ATOM 132  O OP2    . U   A 1 5  ? 7.428   -1.790  3.690   1.00 0.00 ? 45 U   A OP2    1 
ATOM 133  O "O5'"  . U   A 1 5  ? 9.676   -2.597  2.942   1.00 0.00 ? 45 U   A "O5'"  1 
ATOM 134  C "C5'"  . U   A 1 5  ? 11.085  -2.570  2.907   1.00 0.00 ? 45 U   A "C5'"  1 
ATOM 135  C "C4'"  . U   A 1 5  ? 11.602  -3.375  1.713   1.00 0.00 ? 45 U   A "C4'"  1 
ATOM 136  O "O4'"  . U   A 1 5  ? 11.149  -4.713  1.774   1.00 0.00 ? 45 U   A "O4'"  1 
ATOM 137  C "C3'"  . U   A 1 5  ? 11.092  -2.851  0.377   1.00 0.00 ? 45 U   A "C3'"  1 
ATOM 138  O "O3'"  . U   A 1 5  ? 11.779  -1.692  -0.043  1.00 0.00 ? 45 U   A "O3'"  1 
ATOM 139  C "C2'"  . U   A 1 5  ? 11.361  -4.061  -0.500  1.00 0.00 ? 45 U   A "C2'"  1 
ATOM 140  O "O2'"  . U   A 1 5  ? 12.678  -4.056  -1.002  1.00 0.00 ? 45 U   A "O2'"  1 
ATOM 141  C "C1'"  . U   A 1 5  ? 11.162  -5.239  0.453   1.00 0.00 ? 45 U   A "C1'"  1 
ATOM 142  N N1     . U   A 1 5  ? 9.885   -5.934  0.135   1.00 0.00 ? 45 U   A N1     1 
ATOM 143  C C2     . U   A 1 5  ? 9.915   -6.979  -0.783  1.00 0.00 ? 45 U   A C2     1 
ATOM 144  O O2     . U   A 1 5  ? 10.939  -7.340  -1.359  1.00 0.00 ? 45 U   A O2     1 
ATOM 145  N N3     . U   A 1 5  ? 8.706   -7.611  -1.036  1.00 0.00 ? 45 U   A N3     1 
ATOM 146  C C4     . U   A 1 5  ? 7.478   -7.276  -0.492  1.00 0.00 ? 45 U   A C4     1 
ATOM 147  O O4     . U   A 1 5  ? 6.469   -7.914  -0.779  1.00 0.00 ? 45 U   A O4     1 
ATOM 148  C C5     . U   A 1 5  ? 7.526   -6.140  0.397   1.00 0.00 ? 45 U   A C5     1 
ATOM 149  C C6     . U   A 1 5  ? 8.694   -5.520  0.676   1.00 0.00 ? 45 U   A C6     1 
ATOM 150  H "H5'"  . U   A 1 5  ? 11.475  -2.997  3.831   1.00 0.00 ? 45 U   A "H5'"  1 
ATOM 151  H "H5''" . U   A 1 5  ? 11.423  -1.538  2.818   1.00 0.00 ? 45 U   A "H5''" 1 
ATOM 152  H "H4'"  . U   A 1 5  ? 12.691  -3.373  1.706   1.00 0.00 ? 45 U   A "H4'"  1 
ATOM 153  H "H3'"  . U   A 1 5  ? 10.018  -2.667  0.385   1.00 0.00 ? 45 U   A "H3'"  1 
ATOM 154  H "H2'"  . U   A 1 5  ? 10.661  -4.084  -1.334  1.00 0.00 ? 45 U   A "H2'"  1 
ATOM 155  H "HO2'" . U   A 1 5  ? 13.287  -4.033  -0.261  1.00 0.00 ? 45 U   A "HO2'" 1 
ATOM 156  H "H1'"  . U   A 1 5  ? 12.002  -5.929  0.375   1.00 0.00 ? 45 U   A "H1'"  1 
ATOM 157  H H3     . U   A 1 5  ? 8.723   -8.383  -1.685  1.00 0.00 ? 45 U   A H3     1 
ATOM 158  H H5     . U   A 1 5  ? 6.613   -5.782  0.849   1.00 0.00 ? 45 U   A H5     1 
ATOM 159  H H6     . U   A 1 5  ? 8.653   -4.666  1.335   1.00 0.00 ? 45 U   A H6     1 
ATOM 160  P P      . G   A 1 6  ? 11.284  -0.851  -1.327  1.00 0.00 ? 46 G   A P      1 
ATOM 161  O OP1    . G   A 1 6  ? 12.241  0.255   -1.549  1.00 0.00 ? 46 G   A OP1    1 
ATOM 162  O OP2    . G   A 1 6  ? 9.845   -0.554  -1.152  1.00 0.00 ? 46 G   A OP2    1 
ATOM 163  O "O5'"  . G   A 1 6  ? 11.435  -1.895  -2.544  1.00 0.00 ? 46 G   A "O5'"  1 
ATOM 164  C "C5'"  . G   A 1 6  ? 12.701  -2.373  -2.932  1.00 0.00 ? 46 G   A "C5'"  1 
ATOM 165  C "C4'"  . G   A 1 6  ? 12.563  -3.334  -4.112  1.00 0.00 ? 46 G   A "C4'"  1 
ATOM 166  O "O4'"  . G   A 1 6  ? 11.765  -4.449  -3.729  1.00 0.00 ? 46 G   A "O4'"  1 
ATOM 167  C "C3'"  . G   A 1 6  ? 11.870  -2.678  -5.309  1.00 0.00 ? 46 G   A "C3'"  1 
ATOM 168  O "O3'"  . G   A 1 6  ? 12.484  -3.067  -6.519  1.00 0.00 ? 46 G   A "O3'"  1 
ATOM 169  C "C2'"  . G   A 1 6  ? 10.456  -3.213  -5.220  1.00 0.00 ? 46 G   A "C2'"  1 
ATOM 170  O "O2'"  . G   A 1 6  ? 9.796   -3.233  -6.467  1.00 0.00 ? 46 G   A "O2'"  1 
ATOM 171  C "C1'"  . G   A 1 6  ? 10.722  -4.605  -4.678  1.00 0.00 ? 46 G   A "C1'"  1 
ATOM 172  N N9     . G   A 1 6  ? 9.513   -5.188  -4.066  1.00 0.00 ? 46 G   A N9     1 
ATOM 173  C C8     . G   A 1 6  ? 8.851   -4.799  -2.931  1.00 0.00 ? 46 G   A C8     1 
ATOM 174  N N7     . G   A 1 6  ? 7.801   -5.522  -2.658  1.00 0.00 ? 46 G   A N7     1 
ATOM 175  C C5     . G   A 1 6  ? 7.764   -6.459  -3.686  1.00 0.00 ? 46 G   A C5     1 
ATOM 176  C C6     . G   A 1 6  ? 6.838   -7.511  -3.921  1.00 0.00 ? 46 G   A C6     1 
ATOM 177  O O6     . G   A 1 6  ? 5.858   -7.829  -3.252  1.00 0.00 ? 46 G   A O6     1 
ATOM 178  N N1     . G   A 1 6  ? 7.157   -8.218  -5.072  1.00 0.00 ? 46 G   A N1     1 
ATOM 179  C C2     . G   A 1 6  ? 8.232   -7.954  -5.893  1.00 0.00 ? 46 G   A C2     1 
ATOM 180  N N2     . G   A 1 6  ? 8.383   -8.751  -6.960  1.00 0.00 ? 46 G   A N2     1 
ATOM 181  N N3     . G   A 1 6  ? 9.105   -6.965  -5.672  1.00 0.00 ? 46 G   A N3     1 
ATOM 182  C C4     . G   A 1 6  ? 8.806   -6.262  -4.553  1.00 0.00 ? 46 G   A C4     1 
ATOM 183  H "H5'"  . G   A 1 6  ? 13.157  -2.897  -2.093  1.00 0.00 ? 46 G   A "H5'"  1 
ATOM 184  H "H5''" . G   A 1 6  ? 13.338  -1.532  -3.213  1.00 0.00 ? 46 G   A "H5''" 1 
ATOM 185  H "H4'"  . G   A 1 6  ? 13.551  -3.681  -4.408  1.00 0.00 ? 46 G   A "H4'"  1 
ATOM 186  H "H3'"  . G   A 1 6  ? 11.858  -1.590  -5.251  1.00 0.00 ? 46 G   A "H3'"  1 
ATOM 187  H "H2'"  . G   A 1 6  ? 9.887   -2.610  -4.515  1.00 0.00 ? 46 G   A "H2'"  1 
ATOM 188  H "HO2'" . G   A 1 6  ? 9.723   -2.331  -6.786  1.00 0.00 ? 46 G   A "HO2'" 1 
ATOM 189  H "H1'"  . G   A 1 6  ? 11.054  -5.251  -5.490  1.00 0.00 ? 46 G   A "H1'"  1 
ATOM 190  H H8     . G   A 1 6  ? 9.169   -3.967  -2.319  1.00 0.00 ? 46 G   A H8     1 
ATOM 191  H H1     . G   A 1 6  ? 6.547   -8.985  -5.319  1.00 0.00 ? 46 G   A H1     1 
ATOM 192  H H21    . G   A 1 6  ? 7.724   -9.499  -7.129  1.00 0.00 ? 46 G   A H21    1 
ATOM 193  H H22    . G   A 1 6  ? 9.156   -8.607  -7.595  1.00 0.00 ? 46 G   A H22    1 
ATOM 194  P P      . G   A 1 7  ? 13.778  -2.292  -7.083  1.00 0.00 ? 47 G   A P      1 
ATOM 195  O OP1    . G   A 1 7  ? 14.971  -2.720  -6.321  1.00 0.00 ? 47 G   A OP1    1 
ATOM 196  O OP2    . G   A 1 7  ? 13.443  -0.855  -7.179  1.00 0.00 ? 47 G   A OP2    1 
ATOM 197  O "O5'"  . G   A 1 7  ? 13.878  -2.881  -8.580  1.00 0.00 ? 47 G   A "O5'"  1 
ATOM 198  C "C5'"  . G   A 1 7  ? 14.404  -4.168  -8.835  1.00 0.00 ? 47 G   A "C5'"  1 
ATOM 199  C "C4'"  . G   A 1 7  ? 13.461  -5.017  -9.694  1.00 0.00 ? 47 G   A "C4'"  1 
ATOM 200  O "O4'"  . G   A 1 7  ? 12.309  -5.384  -8.961  1.00 0.00 ? 47 G   A "O4'"  1 
ATOM 201  C "C3'"  . G   A 1 7  ? 12.900  -4.293  -10.913 1.00 0.00 ? 47 G   A "C3'"  1 
ATOM 202  O "O3'"  . G   A 1 7  ? 13.847  -4.173  -11.952 1.00 0.00 ? 47 G   A "O3'"  1 
ATOM 203  C "C2'"  . G   A 1 7  ? 11.752  -5.222  -11.258 1.00 0.00 ? 47 G   A "C2'"  1 
ATOM 204  O "O2'"  . G   A 1 7  ? 12.168  -6.283  -12.087 1.00 0.00 ? 47 G   A "O2'"  1 
ATOM 205  C "C1'"  . G   A 1 7  ? 11.312  -5.761  -9.896  1.00 0.00 ? 47 G   A "C1'"  1 
ATOM 206  N N9     . G   A 1 7  ? 10.003  -5.206  -9.500  1.00 0.00 ? 47 G   A N9     1 
ATOM 207  C C8     . G   A 1 7  ? 9.710   -3.962  -9.009  1.00 0.00 ? 47 G   A C8     1 
ATOM 208  N N7     . G   A 1 7  ? 8.451   -3.794  -8.712  1.00 0.00 ? 47 G   A N7     1 
ATOM 209  C C5     . G   A 1 7  ? 7.868   -5.016  -9.028  1.00 0.00 ? 47 G   A C5     1 
ATOM 210  C C6     . G   A 1 7  ? 6.515   -5.435  -8.904  1.00 0.00 ? 47 G   A C6     1 
ATOM 211  O O6     . G   A 1 7  ? 5.553   -4.798  -8.485  1.00 0.00 ? 47 G   A O6     1 
ATOM 212  N N1     . G   A 1 7  ? 6.349   -6.745  -9.334  1.00 0.00 ? 47 G   A N1     1 
ATOM 213  C C2     . G   A 1 7  ? 7.355   -7.557  -9.815  1.00 0.00 ? 47 G   A C2     1 
ATOM 214  N N2     . G   A 1 7  ? 7.005   -8.798  -10.176 1.00 0.00 ? 47 G   A N2     1 
ATOM 215  N N3     . G   A 1 7  ? 8.630   -7.164  -9.924  1.00 0.00 ? 47 G   A N3     1 
ATOM 216  C C4     . G   A 1 7  ? 8.809   -5.886  -9.515  1.00 0.00 ? 47 G   A C4     1 
ATOM 217  H "H5'"  . G   A 1 7  ? 14.573  -4.697  -7.899  1.00 0.00 ? 47 G   A "H5'"  1 
ATOM 218  H "H5''" . G   A 1 7  ? 15.355  -4.056  -9.355  1.00 0.00 ? 47 G   A "H5''" 1 
ATOM 219  H "H4'"  . G   A 1 7  ? 13.970  -5.925  -10.017 1.00 0.00 ? 47 G   A "H4'"  1 
ATOM 220  H "H3'"  . G   A 1 7  ? 12.470  -3.324  -10.665 1.00 0.00 ? 47 G   A "H3'"  1 
ATOM 221  H "H2'"  . G   A 1 7  ? 10.961  -4.666  -11.761 1.00 0.00 ? 47 G   A "H2'"  1 
ATOM 222  H "HO2'" . G   A 1 7  ? 11.420  -6.866  -12.236 1.00 0.00 ? 47 G   A "HO2'" 1 
ATOM 223  H "H1'"  . G   A 1 7  ? 11.234  -6.847  -9.947  1.00 0.00 ? 47 G   A "H1'"  1 
ATOM 224  H H8     . G   A 1 7  ? 10.453  -3.191  -8.875  1.00 0.00 ? 47 G   A H8     1 
ATOM 225  H H1     . G   A 1 7  ? 5.416   -7.126  -9.286  1.00 0.00 ? 47 G   A H1     1 
ATOM 226  H H21    . G   A 1 7  ? 6.044   -9.097  -10.090 1.00 0.00 ? 47 G   A H21    1 
ATOM 227  H H22    . G   A 1 7  ? 7.702   -9.438  -10.530 1.00 0.00 ? 47 G   A H22    1 
ATOM 228  P P      . G   A 1 8  ? 13.496  -3.369  -13.303 1.00 0.00 ? 48 G   A P      1 
ATOM 229  O OP1    . G   A 1 8  ? 14.705  -3.347  -14.153 1.00 0.00 ? 48 G   A OP1    1 
ATOM 230  O OP2    . G   A 1 8  ? 12.844  -2.097  -12.920 1.00 0.00 ? 48 G   A OP2    1 
ATOM 231  O "O5'"  . G   A 1 8  ? 12.396  -4.297  -14.027 1.00 0.00 ? 48 G   A "O5'"  1 
ATOM 232  C "C5'"  . G   A 1 8  ? 12.749  -5.557  -14.553 1.00 0.00 ? 48 G   A "C5'"  1 
ATOM 233  C "C4'"  . G   A 1 8  ? 11.560  -6.152  -15.306 1.00 0.00 ? 48 G   A "C4'"  1 
ATOM 234  O "O4'"  . G   A 1 8  ? 10.492  -6.379  -14.398 1.00 0.00 ? 48 G   A "O4'"  1 
ATOM 235  C "C3'"  . G   A 1 8  ? 11.057  -5.197  -16.393 1.00 0.00 ? 48 G   A "C3'"  1 
ATOM 236  O "O3'"  . G   A 1 8  ? 10.839  -5.946  -17.577 1.00 0.00 ? 48 G   A "O3'"  1 
ATOM 237  C "C2'"  . G   A 1 8  ? 9.793   -4.624  -15.765 1.00 0.00 ? 48 G   A "C2'"  1 
ATOM 238  O "O2'"  . G   A 1 8  ? 8.822   -4.202  -16.695 1.00 0.00 ? 48 G   A "O2'"  1 
ATOM 239  C "C1'"  . G   A 1 8  ? 9.318   -5.811  -14.946 1.00 0.00 ? 48 G   A "C1'"  1 
ATOM 240  N N9     . G   A 1 8  ? 8.377   -5.393  -13.890 1.00 0.00 ? 48 G   A N9     1 
ATOM 241  C C8     . G   A 1 8  ? 8.603   -4.554  -12.831 1.00 0.00 ? 48 G   A C8     1 
ATOM 242  N N7     . G   A 1 8  ? 7.567   -4.387  -12.058 1.00 0.00 ? 48 G   A N7     1 
ATOM 243  C C5     . G   A 1 8  ? 6.580   -5.167  -12.650 1.00 0.00 ? 48 G   A C5     1 
ATOM 244  C C6     . G   A 1 8  ? 5.234   -5.377  -12.252 1.00 0.00 ? 48 G   A C6     1 
ATOM 245  O O6     . G   A 1 8  ? 4.653   -4.927  -11.268 1.00 0.00 ? 48 G   A O6     1 
ATOM 246  N N1     . G   A 1 8  ? 4.565   -6.208  -13.142 1.00 0.00 ? 48 G   A N1     1 
ATOM 247  C C2     . G   A 1 8  ? 5.128   -6.789  -14.259 1.00 0.00 ? 48 G   A C2     1 
ATOM 248  N N2     . G   A 1 8  ? 4.331   -7.577  -14.993 1.00 0.00 ? 48 G   A N2     1 
ATOM 249  N N3     . G   A 1 8  ? 6.402   -6.605  -14.625 1.00 0.00 ? 48 G   A N3     1 
ATOM 250  C C4     . G   A 1 8  ? 7.064   -5.780  -13.778 1.00 0.00 ? 48 G   A C4     1 
ATOM 251  H "H5'"  . G   A 1 8  ? 13.037  -6.223  -13.740 1.00 0.00 ? 48 G   A "H5'"  1 
ATOM 252  H "H5''" . G   A 1 8  ? 13.593  -5.442  -15.234 1.00 0.00 ? 48 G   A "H5''" 1 
ATOM 253  H "H4'"  . G   A 1 8  ? 11.860  -7.094  -15.765 1.00 0.00 ? 48 G   A "H4'"  1 
ATOM 254  H "H3'"  . G   A 1 8  ? 11.759  -4.390  -16.604 1.00 0.00 ? 48 G   A "H3'"  1 
ATOM 255  H "H2'"  . G   A 1 8  ? 10.068  -3.792  -15.119 1.00 0.00 ? 48 G   A "H2'"  1 
ATOM 256  H "HO2'" . G   A 1 8  ? 8.048   -3.903  -16.214 1.00 0.00 ? 48 G   A "HO2'" 1 
ATOM 257  H "H1'"  . G   A 1 8  ? 8.829   -6.529  -15.600 1.00 0.00 ? 48 G   A "H1'"  1 
ATOM 258  H H8     . G   A 1 8  ? 9.552   -4.073  -12.654 1.00 0.00 ? 48 G   A H8     1 
ATOM 259  H H1     . G   A 1 8  ? 3.590   -6.395  -12.950 1.00 0.00 ? 48 G   A H1     1 
ATOM 260  H H21    . G   A 1 8  ? 3.370   -7.721  -14.716 1.00 0.00 ? 48 G   A H21    1 
ATOM 261  H H22    . G   A 1 8  ? 4.690   -8.029  -15.821 1.00 0.00 ? 48 G   A H22    1 
ATOM 262  P P      . C   A 1 9  ? 10.515  -5.250  -19.002 1.00 0.00 ? 49 C   A P      1 
ATOM 263  O OP1    . C   A 1 9  ? 11.122  -6.080  -20.069 1.00 0.00 ? 49 C   A OP1    1 
ATOM 264  O OP2    . C   A 1 9  ? 10.845  -3.811  -18.916 1.00 0.00 ? 49 C   A OP2    1 
ATOM 265  O "O5'"  . C   A 1 9  ? 8.916   -5.390  -19.119 1.00 0.00 ? 49 C   A "O5'"  1 
ATOM 266  C "C5'"  . C   A 1 9  ? 8.329   -6.601  -19.541 1.00 0.00 ? 49 C   A "C5'"  1 
ATOM 267  C "C4'"  . C   A 1 9  ? 6.802   -6.521  -19.483 1.00 0.00 ? 49 C   A "C4'"  1 
ATOM 268  O "O4'"  . C   A 1 9  ? 6.359   -6.289  -18.161 1.00 0.00 ? 49 C   A "O4'"  1 
ATOM 269  C "C3'"  . C   A 1 9  ? 6.226   -5.360  -20.282 1.00 0.00 ? 49 C   A "C3'"  1 
ATOM 270  O "O3'"  . C   A 1 9  ? 6.220   -5.615  -21.671 1.00 0.00 ? 49 C   A "O3'"  1 
ATOM 271  C "C2'"  . C   A 1 9  ? 4.835   -5.292  -19.678 1.00 0.00 ? 49 C   A "C2'"  1 
ATOM 272  O "O2'"  . C   A 1 9  ? 3.941   -6.166  -20.331 1.00 0.00 ? 49 C   A "O2'"  1 
ATOM 273  C "C1'"  . C   A 1 9  ? 5.050   -5.742  -18.232 1.00 0.00 ? 49 C   A "C1'"  1 
ATOM 274  N N1     . C   A 1 9  ? 4.872   -4.589  -17.309 1.00 0.00 ? 49 C   A N1     1 
ATOM 275  C C2     . C   A 1 9  ? 3.566   -4.210  -17.018 1.00 0.00 ? 49 C   A C2     1 
ATOM 276  O O2     . C   A 1 9  ? 2.612   -4.770  -17.554 1.00 0.00 ? 49 C   A O2     1 
ATOM 277  N N3     . C   A 1 9  ? 3.365   -3.202  -16.130 1.00 0.00 ? 49 C   A N3     1 
ATOM 278  C C4     . C   A 1 9  ? 4.393   -2.557  -15.569 1.00 0.00 ? 49 C   A C4     1 
ATOM 279  N N4     . C   A 1 9  ? 4.143   -1.583  -14.682 1.00 0.00 ? 49 C   A N4     1 
ATOM 280  C C5     . C   A 1 9  ? 5.743   -2.880  -15.913 1.00 0.00 ? 49 C   A C5     1 
ATOM 281  C C6     . C   A 1 9  ? 5.932   -3.897  -16.779 1.00 0.00 ? 49 C   A C6     1 
ATOM 282  H "H5'"  . C   A 1 9  ? 8.667   -7.408  -18.890 1.00 0.00 ? 49 C   A "H5'"  1 
ATOM 283  H "H5''" . C   A 1 9  ? 8.640   -6.810  -20.563 1.00 0.00 ? 49 C   A "H5''" 1 
ATOM 284  H "H4'"  . C   A 1 9  ? 6.368   -7.456  -19.839 1.00 0.00 ? 49 C   A "H4'"  1 
ATOM 285  H "H3'"  . C   A 1 9  ? 6.732   -4.419  -20.074 1.00 0.00 ? 49 C   A "H3'"  1 
ATOM 286  H "H2'"  . C   A 1 9  ? 4.449   -4.275  -19.740 1.00 0.00 ? 49 C   A "H2'"  1 
ATOM 287  H "HO2'" . C   A 1 9  ? 3.090   -6.116  -19.892 1.00 0.00 ? 49 C   A "HO2'" 1 
ATOM 288  H "H1'"  . C   A 1 9  ? 4.342   -6.530  -17.973 1.00 0.00 ? 49 C   A "H1'"  1 
ATOM 289  H H41    . C   A 1 9  ? 3.189   -1.362  -14.434 1.00 0.00 ? 49 C   A H41    1 
ATOM 290  H H42    . C   A 1 9  ? 4.906   -1.080  -14.255 1.00 0.00 ? 49 C   A H42    1 
ATOM 291  H H5     . C   A 1 9  ? 6.598   -2.357  -15.511 1.00 0.00 ? 49 C   A H5     1 
ATOM 292  H H6     . C   A 1 9  ? 6.952   -4.129  -17.043 1.00 0.00 ? 49 C   A H6     1 
ATOM 293  P P      . G   A 1 10 ? 5.790   -4.466  -22.714 1.00 0.00 ? 50 G   A P      1 
ATOM 294  O OP1    . G   A 1 10 ? 5.851   -5.034  -24.080 1.00 0.00 ? 50 G   A OP1    1 
ATOM 295  O OP2    . G   A 1 10 ? 6.557   -3.242  -22.392 1.00 0.00 ? 50 G   A OP2    1 
ATOM 296  O "O5'"  . G   A 1 10 ? 4.244   -4.195  -22.353 1.00 0.00 ? 50 G   A "O5'"  1 
ATOM 297  C "C5'"  . G   A 1 10 ? 3.243   -5.124  -22.709 1.00 0.00 ? 50 G   A "C5'"  1 
ATOM 298  C "C4'"  . G   A 1 10 ? 1.875   -4.620  -22.244 1.00 0.00 ? 50 G   A "C4'"  1 
ATOM 299  O "O4'"  . G   A 1 10 ? 1.879   -4.381  -20.849 1.00 0.00 ? 50 G   A "O4'"  1 
ATOM 300  C "C3'"  . G   A 1 10 ? 1.488   -3.289  -22.878 1.00 0.00 ? 50 G   A "C3'"  1 
ATOM 301  O "O3'"  . G   A 1 10 ? 1.009   -3.442  -24.197 1.00 0.00 ? 50 G   A "O3'"  1 
ATOM 302  C "C2'"  . G   A 1 10 ? 0.421   -2.828  -21.902 1.00 0.00 ? 50 G   A "C2'"  1 
ATOM 303  O "O2'"  . G   A 1 10 ? -0.848  -3.346  -22.234 1.00 0.00 ? 50 G   A "O2'"  1 
ATOM 304  C "C1'"  . G   A 1 10 ? 0.894   -3.398  -20.567 1.00 0.00 ? 50 G   A "C1'"  1 
ATOM 305  N N9     . G   A 1 10 ? 1.468   -2.330  -19.727 1.00 0.00 ? 50 G   A N9     1 
ATOM 306  C C8     . G   A 1 10 ? 2.750   -1.842  -19.717 1.00 0.00 ? 50 G   A C8     1 
ATOM 307  N N7     . G   A 1 10 ? 2.944   -0.886  -18.851 1.00 0.00 ? 50 G   A N7     1 
ATOM 308  C C5     . G   A 1 10 ? 1.703   -0.730  -18.242 1.00 0.00 ? 50 G   A C5     1 
ATOM 309  C C6     . G   A 1 10 ? 1.302   0.169   -17.217 1.00 0.00 ? 50 G   A C6     1 
ATOM 310  O O6     . G   A 1 10 ? 1.978   1.015   -16.637 1.00 0.00 ? 50 G   A O6     1 
ATOM 311  N N1     . G   A 1 10 ? -0.036  0.001   -16.889 1.00 0.00 ? 50 G   A N1     1 
ATOM 312  C C2     . G   A 1 10 ? -0.886  -0.918  -17.470 1.00 0.00 ? 50 G   A C2     1 
ATOM 313  N N2     . G   A 1 10 ? -2.147  -0.940  -17.016 1.00 0.00 ? 50 G   A N2     1 
ATOM 314  N N3     . G   A 1 10 ? -0.511  -1.764  -18.436 1.00 0.00 ? 50 G   A N3     1 
ATOM 315  C C4     . G   A 1 10 ? 0.794   -1.611  -18.770 1.00 0.00 ? 50 G   A C4     1 
ATOM 316  H "H5'"  . G   A 1 10 ? 3.455   -6.080  -22.235 1.00 0.00 ? 50 G   A "H5'"  1 
ATOM 317  H "H5''" . G   A 1 10 ? 3.232   -5.251  -23.792 1.00 0.00 ? 50 G   A "H5''" 1 
ATOM 318  H "H4'"  . G   A 1 10 ? 1.106   -5.361  -22.471 1.00 0.00 ? 50 G   A "H4'"  1 
ATOM 319  H "H3'"  . G   A 1 10 ? 2.305   -2.571  -22.857 1.00 0.00 ? 50 G   A "H3'"  1 
ATOM 320  H "H2'"  . G   A 1 10 ? 0.368   -1.740  -21.886 1.00 0.00 ? 50 G   A "H2'"  1 
ATOM 321  H "HO2'" . G   A 1 10 ? -1.098  -3.011  -23.098 1.00 0.00 ? 50 G   A "HO2'" 1 
ATOM 322  H "H1'"  . G   A 1 10 ? 0.050   -3.849  -20.046 1.00 0.00 ? 50 G   A "H1'"  1 
ATOM 323  H H8     . G   A 1 10 ? 3.528   -2.214  -20.368 1.00 0.00 ? 50 G   A H8     1 
ATOM 324  H H1     . G   A 1 10 ? -0.407  0.601   -16.168 1.00 0.00 ? 50 G   A H1     1 
ATOM 325  H H21    . G   A 1 10 ? -2.434  -0.305  -16.284 1.00 0.00 ? 50 G   A H21    1 
ATOM 326  H H22    . G   A 1 10 ? -2.811  -1.594  -17.404 1.00 0.00 ? 50 G   A H22    1 
ATOM 327  P P      . C   A 1 11 ? 0.836   -2.164  -25.164 1.00 0.00 ? 51 C   A P      1 
ATOM 328  O OP1    . C   A 1 11 ? 0.203   -2.618  -26.423 1.00 0.00 ? 51 C   A OP1    1 
ATOM 329  O OP2    . C   A 1 11 ? 2.131   -1.448  -25.210 1.00 0.00 ? 51 C   A OP2    1 
ATOM 330  O "O5'"  . C   A 1 11 ? -0.219  -1.236  -24.379 1.00 0.00 ? 51 C   A "O5'"  1 
ATOM 331  C "C5'"  . C   A 1 11 ? -1.593  -1.550  -24.352 1.00 0.00 ? 51 C   A "C5'"  1 
ATOM 332  C "C4'"  . C   A 1 11 ? -2.338  -0.563  -23.452 1.00 0.00 ? 51 C   A "C4'"  1 
ATOM 333  O "O4'"  . C   A 1 11 ? -1.802  -0.581  -22.143 1.00 0.00 ? 51 C   A "O4'"  1 
ATOM 334  C "C3'"  . C   A 1 11 ? -2.202  0.881   -23.910 1.00 0.00 ? 51 C   A "C3'"  1 
ATOM 335  O "O3'"  . C   A 1 11 ? -3.054  1.182   -24.995 1.00 0.00 ? 51 C   A "O3'"  1 
ATOM 336  C "C2'"  . C   A 1 11 ? -2.584  1.602   -22.630 1.00 0.00 ? 51 C   A "C2'"  1 
ATOM 337  O "O2'"  . C   A 1 11 ? -3.980  1.776   -22.529 1.00 0.00 ? 51 C   A "O2'"  1 
ATOM 338  C "C1'"  . C   A 1 11 ? -2.087  0.667   -21.527 1.00 0.00 ? 51 C   A "C1'"  1 
ATOM 339  N N1     . C   A 1 11 ? -0.892  1.260   -20.865 1.00 0.00 ? 51 C   A N1     1 
ATOM 340  C C2     . C   A 1 11 ? -1.122  2.307   -19.980 1.00 0.00 ? 51 C   A C2     1 
ATOM 341  O O2     . C   A 1 11 ? -2.257  2.739   -19.801 1.00 0.00 ? 51 C   A O2     1 
ATOM 342  N N3     . C   A 1 11 ? -0.062  2.844   -19.320 1.00 0.00 ? 51 C   A N3     1 
ATOM 343  C C4     . C   A 1 11 ? 1.183   2.406   -19.534 1.00 0.00 ? 51 C   A C4     1 
ATOM 344  N N4     . C   A 1 11 ? 2.194   2.956   -18.850 1.00 0.00 ? 51 C   A N4     1 
ATOM 345  C C5     . C   A 1 11 ? 1.449   1.375   -20.490 1.00 0.00 ? 51 C   A C5     1 
ATOM 346  C C6     . C   A 1 11 ? 0.387   0.836   -21.126 1.00 0.00 ? 51 C   A C6     1 
ATOM 347  H "H5'"  . C   A 1 11 ? -1.722  -2.559  -23.960 1.00 0.00 ? 51 C   A "H5'"  1 
ATOM 348  H "H5''" . C   A 1 11 ? -1.998  -1.500  -25.365 1.00 0.00 ? 51 C   A "H5''" 1 
ATOM 349  H "H4'"  . C   A 1 11 ? -3.395  -0.828  -23.402 1.00 0.00 ? 51 C   A "H4'"  1 
ATOM 350  H "H3'"  . C   A 1 11 ? -1.175  1.146   -24.157 1.00 0.00 ? 51 C   A "H3'"  1 
ATOM 351  H "H2'"  . C   A 1 11 ? -2.099  2.577   -22.586 1.00 0.00 ? 51 C   A "H2'"  1 
ATOM 352  H "HO2'" . C   A 1 11 ? -4.174  2.200   -21.690 1.00 0.00 ? 51 C   A "HO2'" 1 
ATOM 353  H "H1'"  . C   A 1 11 ? -2.870  0.509   -20.785 1.00 0.00 ? 51 C   A "H1'"  1 
ATOM 354  H H41    . C   A 1 11 ? 2.010   3.681   -18.169 1.00 0.00 ? 51 C   A H41    1 
ATOM 355  H H42    . C   A 1 11 ? 3.141   2.642   -19.007 1.00 0.00 ? 51 C   A H42    1 
ATOM 356  H H5     . C   A 1 11 ? 2.442   1.019   -20.715 1.00 0.00 ? 51 C   A H5     1 
ATOM 357  H H6     . C   A 1 11 ? 0.596   0.066   -21.855 1.00 0.00 ? 51 C   A H6     1 
ATOM 358  P P      . A   A 1 12 ? -2.872  2.545   -25.835 1.00 0.00 ? 52 A   A P      1 
ATOM 359  O OP1    . A   A 1 12 ? -3.978  2.637   -26.816 1.00 0.00 ? 52 A   A OP1    1 
ATOM 360  O OP2    . A   A 1 12 ? -1.470  2.608   -26.303 1.00 0.00 ? 52 A   A OP2    1 
ATOM 361  O "O5'"  . A   A 1 12 ? -3.081  3.698   -24.733 1.00 0.00 ? 52 A   A "O5'"  1 
ATOM 362  C "C5'"  . A   A 1 12 ? -4.365  4.014   -24.241 1.00 0.00 ? 52 A   A "C5'"  1 
ATOM 363  C "C4'"  . A   A 1 12 ? -4.256  5.083   -23.152 1.00 0.00 ? 52 A   A "C4'"  1 
ATOM 364  O "O4'"  . A   A 1 12 ? -3.402  4.639   -22.115 1.00 0.00 ? 52 A   A "O4'"  1 
ATOM 365  C "C3'"  . A   A 1 12 ? -3.649  6.386   -23.659 1.00 0.00 ? 52 A   A "C3'"  1 
ATOM 366  O "O3'"  . A   A 1 12 ? -4.591  7.192   -24.334 1.00 0.00 ? 52 A   A "O3'"  1 
ATOM 367  C "C2'"  . A   A 1 12 ? -3.174  6.994   -22.353 1.00 0.00 ? 52 A   A "C2'"  1 
ATOM 368  O "O2'"  . A   A 1 12 ? -4.200  7.714   -21.707 1.00 0.00 ? 52 A   A "O2'"  1 
ATOM 369  C "C1'"  . A   A 1 12 ? -2.780  5.773   -21.529 1.00 0.00 ? 52 A   A "C1'"  1 
ATOM 370  N N9     . A   A 1 12 ? -1.314  5.605   -21.538 1.00 0.00 ? 52 A   A N9     1 
ATOM 371  C C8     . A   A 1 12 ? -0.545  4.798   -22.336 1.00 0.00 ? 52 A   A C8     1 
ATOM 372  N N7     . A   A 1 12 ? 0.735   4.887   -22.100 1.00 0.00 ? 52 A   A N7     1 
ATOM 373  C C5     . A   A 1 12 ? 0.819   5.822   -21.073 1.00 0.00 ? 52 A   A C5     1 
ATOM 374  C C6     . A   A 1 12 ? 1.906   6.365   -20.368 1.00 0.00 ? 52 A   A C6     1 
ATOM 375  N N6     . A   A 1 12 ? 3.181   6.026   -20.604 1.00 0.00 ? 52 A   A N6     1 
ATOM 376  N N1     . A   A 1 12 ? 1.635   7.270   -19.417 1.00 0.00 ? 52 A   A N1     1 
ATOM 377  C C2     . A   A 1 12 ? 0.374   7.607   -19.184 1.00 0.00 ? 52 A   A C2     1 
ATOM 378  N N3     . A   A 1 12 ? -0.731  7.174   -19.772 1.00 0.00 ? 52 A   A N3     1 
ATOM 379  C C4     . A   A 1 12 ? -0.427  6.266   -20.725 1.00 0.00 ? 52 A   A C4     1 
ATOM 380  H "H5'"  . A   A 1 12 ? -4.819  3.118   -23.819 1.00 0.00 ? 52 A   A "H5'"  1 
ATOM 381  H "H5''" . A   A 1 12 ? -4.988  4.385   -25.056 1.00 0.00 ? 52 A   A "H5''" 1 
ATOM 382  H "H4'"  . A   A 1 12 ? -5.241  5.290   -22.730 1.00 0.00 ? 52 A   A "H4'"  1 
ATOM 383  H "H3'"  . A   A 1 12 ? -2.780  6.216   -24.294 1.00 0.00 ? 52 A   A "H3'"  1 
ATOM 384  H "H2'"  . A   A 1 12 ? -2.330  7.660   -22.531 1.00 0.00 ? 52 A   A "H2'"  1 
ATOM 385  H "HO2'" . A   A 1 12 ? -3.861  8.041   -20.870 1.00 0.00 ? 52 A   A "HO2'" 1 
ATOM 386  H "H1'"  . A   A 1 12 ? -3.121  5.903   -20.503 1.00 0.00 ? 52 A   A "H1'"  1 
ATOM 387  H H8     . A   A 1 12 ? -0.962  4.148   -23.091 1.00 0.00 ? 52 A   A H8     1 
ATOM 388  H H61    . A   A 1 12 ? 3.923   6.449   -20.067 1.00 0.00 ? 52 A   A H61    1 
ATOM 389  H H62    . A   A 1 12 ? 3.399   5.346   -21.318 1.00 0.00 ? 52 A   A H62    1 
ATOM 390  H H2     . A   A 1 12 ? 0.225   8.339   -18.405 1.00 0.00 ? 52 A   A H2     1 
ATOM 391  P P      . G   A 1 13 ? -4.115  8.462   -25.205 1.00 0.00 ? 53 G   A P      1 
ATOM 392  O OP1    . G   A 1 13 ? -5.320  9.149   -25.719 1.00 0.00 ? 53 G   A OP1    1 
ATOM 393  O OP2    . G   A 1 13 ? -3.075  7.998   -26.152 1.00 0.00 ? 53 G   A OP2    1 
ATOM 394  O "O5'"  . G   A 1 13 ? -3.409  9.427   -24.127 1.00 0.00 ? 53 G   A "O5'"  1 
ATOM 395  C "C5'"  . G   A 1 13 ? -4.174  10.203  -23.231 1.00 0.00 ? 53 G   A "C5'"  1 
ATOM 396  C "C4'"  . G   A 1 13 ? -3.263  11.067  -22.354 1.00 0.00 ? 53 G   A "C4'"  1 
ATOM 397  O "O4'"  . G   A 1 13 ? -2.371  10.261  -21.607 1.00 0.00 ? 53 G   A "O4'"  1 
ATOM 398  C "C3'"  . G   A 1 13 ? -2.374  12.001  -23.166 1.00 0.00 ? 53 G   A "C3'"  1 
ATOM 399  O "O3'"  . G   A 1 13 ? -3.073  13.135  -23.627 1.00 0.00 ? 53 G   A "O3'"  1 
ATOM 400  C "C2'"  . G   A 1 13 ? -1.310  12.324  -22.136 1.00 0.00 ? 53 G   A "C2'"  1 
ATOM 401  O "O2'"  . G   A 1 13 ? -1.704  13.381  -21.289 1.00 0.00 ? 53 G   A "O2'"  1 
ATOM 402  C "C1'"  . G   A 1 13 ? -1.202  11.023  -21.342 1.00 0.00 ? 53 G   A "C1'"  1 
ATOM 403  N N9     . G   A 1 13 ? -0.011  10.259  -21.753 1.00 0.00 ? 53 G   A N9     1 
ATOM 404  C C8     . G   A 1 13 ? 0.119   9.367   -22.785 1.00 0.00 ? 53 G   A C8     1 
ATOM 405  N N7     . G   A 1 13 ? 1.305   8.835   -22.878 1.00 0.00 ? 53 G   A N7     1 
ATOM 406  C C5     . G   A 1 13 ? 2.015   9.416   -21.833 1.00 0.00 ? 53 G   A C5     1 
ATOM 407  C C6     . G   A 1 13 ? 3.364   9.222   -21.436 1.00 0.00 ? 53 G   A C6     1 
ATOM 408  O O6     . G   A 1 13 ? 4.210   8.489   -21.945 1.00 0.00 ? 53 G   A O6     1 
ATOM 409  N N1     . G   A 1 13 ? 3.684   9.994   -20.329 1.00 0.00 ? 53 G   A N1     1 
ATOM 410  C C2     . G   A 1 13 ? 2.816   10.849  -19.679 1.00 0.00 ? 53 G   A C2     1 
ATOM 411  N N2     . G   A 1 13 ? 3.305   11.508  -18.619 1.00 0.00 ? 53 G   A N2     1 
ATOM 412  N N3     . G   A 1 13 ? 1.546   11.034  -20.055 1.00 0.00 ? 53 G   A N3     1 
ATOM 413  C C4     . G   A 1 13 ? 1.218   10.288  -21.136 1.00 0.00 ? 53 G   A C4     1 
ATOM 414  H "H5'"  . G   A 1 13 ? -4.766  9.543   -22.597 1.00 0.00 ? 53 G   A "H5'"  1 
ATOM 415  H "H5''" . G   A 1 13 ? -4.842  10.850  -23.799 1.00 0.00 ? 53 G   A "H5''" 1 
ATOM 416  H "H4'"  . G   A 1 13 ? -3.862  11.657  -21.663 1.00 0.00 ? 53 G   A "H4'"  1 
ATOM 417  H "H3'"  . G   A 1 13 ? -1.885  11.490  -23.997 1.00 0.00 ? 53 G   A "H3'"  1 
ATOM 418  H "H2'"  . G   A 1 13 ? -0.377  12.594  -22.628 1.00 0.00 ? 53 G   A "H2'"  1 
ATOM 419  H "HO2'" . G   A 1 13 ? -1.818  14.170  -21.822 1.00 0.00 ? 53 G   A "HO2'" 1 
ATOM 420  H "H1'"  . G   A 1 13 ? -1.134  11.251  -20.278 1.00 0.00 ? 53 G   A "H1'"  1 
ATOM 421  H H8     . G   A 1 13 ? -0.690  9.123   -23.458 1.00 0.00 ? 53 G   A H8     1 
ATOM 422  H H1     . G   A 1 13 ? 4.627   9.921   -19.975 1.00 0.00 ? 53 G   A H1     1 
ATOM 423  H H21    . G   A 1 13 ? 4.262   11.364  -18.331 1.00 0.00 ? 53 G   A H21    1 
ATOM 424  H H22    . G   A 1 13 ? 2.713   12.146  -18.105 1.00 0.00 ? 53 G   A H22    1 
ATOM 425  P P      . C   A 1 14 ? -2.465  14.063  -24.794 1.00 0.00 ? 54 C   A P      1 
ATOM 426  O OP1    . C   A 1 14 ? -3.396  15.192  -25.018 1.00 0.00 ? 54 C   A OP1    1 
ATOM 427  O OP2    . C   A 1 14 ? -2.095  13.187  -25.929 1.00 0.00 ? 54 C   A OP2    1 
ATOM 428  O "O5'"  . C   A 1 14 ? -1.106  14.648  -24.154 1.00 0.00 ? 54 C   A "O5'"  1 
ATOM 429  C "C5'"  . C   A 1 14 ? -1.117  15.783  -23.315 1.00 0.00 ? 54 C   A "C5'"  1 
ATOM 430  C "C4'"  . C   A 1 14 ? 0.315   16.204  -22.969 1.00 0.00 ? 54 C   A "C4'"  1 
ATOM 431  O "O4'"  . C   A 1 14 ? 0.996   15.166  -22.296 1.00 0.00 ? 54 C   A "O4'"  1 
ATOM 432  C "C3'"  . C   A 1 14 ? 1.155   16.503  -24.205 1.00 0.00 ? 54 C   A "C3'"  1 
ATOM 433  O "O3'"  . C   A 1 14 ? 0.879   17.783  -24.735 1.00 0.00 ? 54 C   A "O3'"  1 
ATOM 434  C "C2'"  . C   A 1 14 ? 2.550   16.376  -23.625 1.00 0.00 ? 54 C   A "C2'"  1 
ATOM 435  O "O2'"  . C   A 1 14 ? 2.979   17.582  -23.035 1.00 0.00 ? 54 C   A "O2'"  1 
ATOM 436  C "C1'"  . C   A 1 14 ? 2.388   15.294  -22.557 1.00 0.00 ? 54 C   A "C1'"  1 
ATOM 437  N N1     . C   A 1 14 ? 2.976   14.012  -23.033 1.00 0.00 ? 54 C   A N1     1 
ATOM 438  C C2     . C   A 1 14 ? 4.358   13.883  -22.957 1.00 0.00 ? 54 C   A C2     1 
ATOM 439  O O2     . C   A 1 14 ? 5.060   14.828  -22.602 1.00 0.00 ? 54 C   A O2     1 
ATOM 440  N N3     . C   A 1 14 ? 4.917   12.688  -23.286 1.00 0.00 ? 54 C   A N3     1 
ATOM 441  C C4     . C   A 1 14 ? 4.167   11.665  -23.709 1.00 0.00 ? 54 C   A C4     1 
ATOM 442  N N4     . C   A 1 14 ? 4.761   10.495  -23.985 1.00 0.00 ? 54 C   A N4     1 
ATOM 443  C C5     . C   A 1 14 ? 2.754   11.805  -23.878 1.00 0.00 ? 54 C   A C5     1 
ATOM 444  C C6     . C   A 1 14 ? 2.207   12.988  -23.528 1.00 0.00 ? 54 C   A C6     1 
ATOM 445  H "H5'"  . C   A 1 14 ? -1.661  15.554  -22.399 1.00 0.00 ? 54 C   A "H5'"  1 
ATOM 446  H "H5''" . C   A 1 14 ? -1.605  16.610  -23.829 1.00 0.00 ? 54 C   A "H5''" 1 
ATOM 447  H "H4'"  . C   A 1 14 ? 0.300   17.085  -22.326 1.00 0.00 ? 54 C   A "H4'"  1 
ATOM 448  H "H3'"  . C   A 1 14 ? 1.046   15.742  -24.976 1.00 0.00 ? 54 C   A "H3'"  1 
ATOM 449  H "H2'"  . C   A 1 14 ? 3.256   16.091  -24.404 1.00 0.00 ? 54 C   A "H2'"  1 
ATOM 450  H "HO2'" . C   A 1 14 ? 3.023   18.255  -23.717 1.00 0.00 ? 54 C   A "HO2'" 1 
ATOM 451  H "H1'"  . C   A 1 14 ? 2.881   15.601  -21.635 1.00 0.00 ? 54 C   A "H1'"  1 
ATOM 452  H H41    . C   A 1 14 ? 5.761   10.400  -23.876 1.00 0.00 ? 54 C   A H41    1 
ATOM 453  H H42    . C   A 1 14 ? 4.208   9.705   -24.282 1.00 0.00 ? 54 C   A H42    1 
ATOM 454  H H5     . C   A 1 14 ? 2.117   11.020  -24.259 1.00 0.00 ? 54 C   A H5     1 
ATOM 455  H H6     . C   A 1 14 ? 1.142   13.088  -23.668 1.00 0.00 ? 54 C   A H6     1 
ATOM 456  P P      . G   A 1 15 ? 1.309   18.171  -26.239 1.00 0.00 ? 55 G   A P      1 
ATOM 457  O OP1    . G   A 1 15 ? 0.910   19.575  -26.480 1.00 0.00 ? 55 G   A OP1    1 
ATOM 458  O OP2    . G   A 1 15 ? 0.816   17.107  -27.143 1.00 0.00 ? 55 G   A OP2    1 
ATOM 459  O "O5'"  . G   A 1 15 ? 2.920   18.098  -26.221 1.00 0.00 ? 55 G   A "O5'"  1 
ATOM 460  C "C5'"  . G   A 1 15 ? 3.700   19.143  -25.678 1.00 0.00 ? 55 G   A "C5'"  1 
ATOM 461  C "C4'"  . G   A 1 15 ? 5.187   18.925  -25.974 1.00 0.00 ? 55 G   A "C4'"  1 
ATOM 462  O "O4'"  . G   A 1 15 ? 5.655   17.731  -25.368 1.00 0.00 ? 55 G   A "O4'"  1 
ATOM 463  C "C3'"  . G   A 1 15 ? 5.475   18.764  -27.464 1.00 0.00 ? 55 G   A "C3'"  1 
ATOM 464  O "O3'"  . G   A 1 15 ? 5.448   19.990  -28.161 1.00 0.00 ? 55 G   A "O3'"  1 
ATOM 465  C "C2'"  . G   A 1 15 ? 6.849   18.134  -27.379 1.00 0.00 ? 55 G   A "C2'"  1 
ATOM 466  O "O2'"  . G   A 1 15 ? 7.859   19.079  -27.100 1.00 0.00 ? 55 G   A "O2'"  1 
ATOM 467  C "C1'"  . G   A 1 15 ? 6.663   17.181  -26.203 1.00 0.00 ? 55 G   A "C1'"  1 
ATOM 468  N N9     . G   A 1 15 ? 6.242   15.850  -26.683 1.00 0.00 ? 55 G   A N9     1 
ATOM 469  C C8     . G   A 1 15 ? 4.972   15.345  -26.789 1.00 0.00 ? 55 G   A C8     1 
ATOM 470  N N7     . G   A 1 15 ? 4.924   14.138  -27.277 1.00 0.00 ? 55 G   A N7     1 
ATOM 471  C C5     . G   A 1 15 ? 6.258   13.815  -27.506 1.00 0.00 ? 55 G   A C5     1 
ATOM 472  C C6     . G   A 1 15 ? 6.826   12.625  -28.033 1.00 0.00 ? 55 G   A C6     1 
ATOM 473  O O6     . G   A 1 15 ? 6.250   11.609  -28.416 1.00 0.00 ? 55 G   A O6     1 
ATOM 474  N N1     . G   A 1 15 ? 8.211   12.705  -28.087 1.00 0.00 ? 55 G   A N1     1 
ATOM 475  C C2     . G   A 1 15 ? 8.959   13.792  -27.686 1.00 0.00 ? 55 G   A C2     1 
ATOM 476  N N2     . G   A 1 15 ? 10.289  13.678  -27.799 1.00 0.00 ? 55 G   A N2     1 
ATOM 477  N N3     . G   A 1 15 ? 8.424   14.916  -27.195 1.00 0.00 ? 55 G   A N3     1 
ATOM 478  C C4     . G   A 1 15 ? 7.073   14.855  -27.136 1.00 0.00 ? 55 G   A C4     1 
ATOM 479  H "H5'"  . G   A 1 15 ? 3.542   19.189  -24.600 1.00 0.00 ? 55 G   A "H5'"  1 
ATOM 480  H "H5''" . G   A 1 15 ? 3.400   20.090  -26.126 1.00 0.00 ? 55 G   A "H5''" 1 
ATOM 481  H "H4'"  . G   A 1 15 ? 5.769   19.761  -25.585 1.00 0.00 ? 55 G   A "H4'"  1 
ATOM 482  H "H3'"  . G   A 1 15 ? 4.808   18.050  -27.945 1.00 0.00 ? 55 G   A "H3'"  1 
ATOM 483  H "H2'"  . G   A 1 15 ? 7.089   17.624  -28.310 1.00 0.00 ? 55 G   A "H2'"  1 
ATOM 484  H "HO2'" . G   A 1 15 ? 8.690   18.612  -26.988 1.00 0.00 ? 55 G   A "HO2'" 1 
ATOM 485  H "H1'"  . G   A 1 15 ? 7.601   17.084  -25.655 1.00 0.00 ? 55 G   A "H1'"  1 
ATOM 486  H H8     . G   A 1 15 ? 4.091   15.896  -26.496 1.00 0.00 ? 55 G   A H8     1 
ATOM 487  H H1     . G   A 1 15 ? 8.700   11.897  -28.444 1.00 0.00 ? 55 G   A H1     1 
ATOM 488  H H21    . G   A 1 15 ? 10.694  12.835  -28.181 1.00 0.00 ? 55 G   A H21    1 
ATOM 489  H H22    . G   A 1 15 ? 10.889  14.427  -27.480 1.00 0.00 ? 55 G   A H22    1 
ATOM 490  P P      . C   A 1 16 ? 5.183   20.010  -29.750 1.00 0.00 ? 56 C   A P      1 
ATOM 491  O OP1    . C   A 1 16 ? 4.795   21.388  -30.129 1.00 0.00 ? 56 C   A OP1    1 
ATOM 492  O OP2    . C   A 1 16 ? 4.274   18.885  -30.065 1.00 0.00 ? 56 C   A OP2    1 
ATOM 493  O "O5'"  . C   A 1 16 ? 6.619   19.686  -30.416 1.00 0.00 ? 56 C   A "O5'"  1 
ATOM 494  C "C5'"  . C   A 1 16 ? 7.570   20.707  -30.629 1.00 0.00 ? 56 C   A "C5'"  1 
ATOM 495  C "C4'"  . C   A 1 16 ? 8.745   20.166  -31.444 1.00 0.00 ? 56 C   A "C4'"  1 
ATOM 496  O "O4'"  . C   A 1 16 ? 9.589   21.245  -31.809 1.00 0.00 ? 56 C   A "O4'"  1 
ATOM 497  C "C3'"  . C   A 1 16 ? 9.588   19.167  -30.647 1.00 0.00 ? 56 C   A "C3'"  1 
ATOM 498  O "O3'"  . C   A 1 16 ? 9.790   18.001  -31.427 1.00 0.00 ? 56 C   A "O3'"  1 
ATOM 499  C "C2'"  . C   A 1 16 ? 10.874  19.941  -30.398 1.00 0.00 ? 56 C   A "C2'"  1 
ATOM 500  O "O2'"  . C   A 1 16 ? 12.011  19.116  -30.294 1.00 0.00 ? 56 C   A "O2'"  1 
ATOM 501  C "C1'"  . C   A 1 16 ? 10.927  20.832  -31.626 1.00 0.00 ? 56 C   A "C1'"  1 
ATOM 502  N N1     . C   A 1 16 ? 11.875  21.963  -31.432 1.00 0.00 ? 56 C   A N1     1 
ATOM 503  C C2     . C   A 1 16 ? 13.231  21.692  -31.588 1.00 0.00 ? 56 C   A C2     1 
ATOM 504  O O2     . C   A 1 16 ? 13.623  20.561  -31.863 1.00 0.00 ? 56 C   A O2     1 
ATOM 505  N N3     . C   A 1 16 ? 14.118  22.710  -31.422 1.00 0.00 ? 56 C   A N3     1 
ATOM 506  C C4     . C   A 1 16 ? 13.709  23.940  -31.094 1.00 0.00 ? 56 C   A C4     1 
ATOM 507  N N4     . C   A 1 16 ? 14.622  24.909  -30.939 1.00 0.00 ? 56 C   A N4     1 
ATOM 508  C C5     . C   A 1 16 ? 12.325  24.228  -30.885 1.00 0.00 ? 56 C   A C5     1 
ATOM 509  C C6     . C   A 1 16 ? 11.451  23.214  -31.064 1.00 0.00 ? 56 C   A C6     1 
ATOM 510  H "H5'"  . C   A 1 16 ? 7.917   21.112  -29.677 1.00 0.00 ? 56 C   A "H5'"  1 
ATOM 511  H "H5''" . C   A 1 16 ? 7.112   21.508  -31.209 1.00 0.00 ? 56 C   A "H5''" 1 
ATOM 512  H "H4'"  . C   A 1 16 ? 8.373   19.674  -32.343 1.00 0.00 ? 56 C   A "H4'"  1 
ATOM 513  H "H3'"  . C   A 1 16 ? 9.134   18.902  -29.694 1.00 0.00 ? 56 C   A "H3'"  1 
ATOM 514  H "H2'"  . C   A 1 16 ? 10.756  20.532  -29.492 1.00 0.00 ? 56 C   A "H2'"  1 
ATOM 515  H "HO2'" . C   A 1 16 ? 11.917  18.563  -29.516 1.00 0.00 ? 56 C   A "HO2'" 1 
ATOM 516  H "H1'"  . C   A 1 16 ? 11.222  20.254  -32.501 1.00 0.00 ? 56 C   A "H1'"  1 
ATOM 517  H H41    . C   A 1 16 ? 15.603  24.707  -31.077 1.00 0.00 ? 56 C   A H41    1 
ATOM 518  H H42    . C   A 1 16 ? 14.328  25.840  -30.681 1.00 0.00 ? 56 C   A H42    1 
ATOM 519  H H5     . C   A 1 16 ? 11.959  25.202  -30.597 1.00 0.00 ? 56 C   A H5     1 
ATOM 520  H H6     . C   A 1 16 ? 10.408  23.432  -30.891 1.00 0.00 ? 56 C   A H6     1 
ATOM 521  P P      . A   A 1 17 ? 9.928   16.526  -30.769 1.00 0.00 ? 57 A   A P      1 
ATOM 522  O OP1    . A   A 1 17 ? 9.991   15.547  -31.879 1.00 0.00 ? 57 A   A OP1    1 
ATOM 523  O OP2    . A   A 1 17 ? 8.885   16.374  -29.732 1.00 0.00 ? 57 A   A OP2    1 
ATOM 524  O "O5'"  . A   A 1 17 ? 11.365  16.523  -30.039 1.00 0.00 ? 57 A   A "O5'"  1 
ATOM 525  C "C5'"  . A   A 1 17 ? 12.544  16.248  -30.765 1.00 0.00 ? 57 A   A "C5'"  1 
ATOM 526  C "C4'"  . A   A 1 17 ? 13.780  16.290  -29.859 1.00 0.00 ? 57 A   A "C4'"  1 
ATOM 527  O "O4'"  . A   A 1 17 ? 13.875  17.568  -29.245 1.00 0.00 ? 57 A   A "O4'"  1 
ATOM 528  C "C3'"  . A   A 1 17 ? 13.724  15.237  -28.752 1.00 0.00 ? 57 A   A "C3'"  1 
ATOM 529  O "O3'"  . A   A 1 17 ? 14.420  14.065  -29.121 1.00 0.00 ? 57 A   A "O3'"  1 
ATOM 530  C "C2'"  . A   A 1 17 ? 14.374  15.960  -27.590 1.00 0.00 ? 57 A   A "C2'"  1 
ATOM 531  O "O2'"  . A   A 1 17 ? 15.775  15.807  -27.592 1.00 0.00 ? 57 A   A "O2'"  1 
ATOM 532  C "C1'"  . A   A 1 17 ? 13.992  17.409  -27.843 1.00 0.00 ? 57 A   A "C1'"  1 
ATOM 533  N N9     . A   A 1 17 ? 12.712  17.725  -27.185 1.00 0.00 ? 57 A   A N9     1 
ATOM 534  C C8     . A   A 1 17 ? 11.461  17.827  -27.735 1.00 0.00 ? 57 A   A C8     1 
ATOM 535  N N7     . A   A 1 17 ? 10.530  18.147  -26.881 1.00 0.00 ? 57 A   A N7     1 
ATOM 536  C C5     . A   A 1 17 ? 11.213  18.267  -25.674 1.00 0.00 ? 57 A   A C5     1 
ATOM 537  C C6     . A   A 1 17 ? 10.797  18.593  -24.374 1.00 0.00 ? 57 A   A C6     1 
ATOM 538  N N6     . A   A 1 17 ? 9.526   18.868  -24.053 1.00 0.00 ? 57 A   A N6     1 
ATOM 539  N N1     . A   A 1 17 ? 11.734  18.624  -23.415 1.00 0.00 ? 57 A   A N1     1 
ATOM 540  C C2     . A   A 1 17 ? 12.993  18.354  -23.729 1.00 0.00 ? 57 A   A C2     1 
ATOM 541  N N3     . A   A 1 17 ? 13.512  18.038  -24.906 1.00 0.00 ? 57 A   A N3     1 
ATOM 542  C C4     . A   A 1 17 ? 12.545  18.013  -25.852 1.00 0.00 ? 57 A   A C4     1 
ATOM 543  H "H5'"  . A   A 1 17 ? 12.657  16.989  -31.556 1.00 0.00 ? 57 A   A "H5'"  1 
ATOM 544  H "H5''" . A   A 1 17 ? 12.470  15.257  -31.211 1.00 0.00 ? 57 A   A "H5''" 1 
ATOM 545  H "H4'"  . A   A 1 17 ? 14.681  16.120  -30.449 1.00 0.00 ? 57 A   A "H4'"  1 
ATOM 546  H "H3'"  . A   A 1 17 ? 12.700  14.986  -28.477 1.00 0.00 ? 57 A   A "H3'"  1 
ATOM 547  H "H2'"  . A   A 1 17 ? 13.977  15.596  -26.643 1.00 0.00 ? 57 A   A "H2'"  1 
ATOM 548  H "HO2'" . A   A 1 17 ? 16.115  16.121  -28.434 1.00 0.00 ? 57 A   A "HO2'" 1 
ATOM 549  H "H1'"  . A   A 1 17 ? 14.764  18.071  -27.451 1.00 0.00 ? 57 A   A "H1'"  1 
ATOM 550  H H8     . A   A 1 17 ? 11.266  17.658  -28.784 1.00 0.00 ? 57 A   A H8     1 
ATOM 551  H H61    . A   A 1 17 ? 9.283   19.094  -23.099 1.00 0.00 ? 57 A   A H61    1 
ATOM 552  H H62    . A   A 1 17 ? 8.810   18.848  -24.765 1.00 0.00 ? 57 A   A H62    1 
ATOM 553  H H2     . A   A 1 17 ? 13.695  18.397  -22.909 1.00 0.00 ? 57 A   A H2     1 
ATOM 554  P P      . A   A 1 18 ? 14.236  12.697  -28.290 1.00 0.00 ? 58 A   A P      1 
ATOM 555  O OP1    . A   A 1 18 ? 15.198  11.701  -28.816 1.00 0.00 ? 58 A   A OP1    1 
ATOM 556  O OP2    . A   A 1 18 ? 12.792  12.376  -28.259 1.00 0.00 ? 58 A   A OP2    1 
ATOM 557  O "O5'"  . A   A 1 18 ? 14.691  13.097  -26.799 1.00 0.00 ? 58 A   A "O5'"  1 
ATOM 558  C "C5'"  . A   A 1 18 ? 16.054  13.196  -26.446 1.00 0.00 ? 58 A   A "C5'"  1 
ATOM 559  C "C4'"  . A   A 1 18 ? 16.178  13.749  -25.026 1.00 0.00 ? 58 A   A "C4'"  1 
ATOM 560  O "O4'"  . A   A 1 18 ? 15.515  15.002  -24.935 1.00 0.00 ? 58 A   A "O4'"  1 
ATOM 561  C "C3'"  . A   A 1 18 ? 15.544  12.828  -23.983 1.00 0.00 ? 58 A   A "C3'"  1 
ATOM 562  O "O3'"  . A   A 1 18 ? 16.452  11.857  -23.512 1.00 0.00 ? 58 A   A "O3'"  1 
ATOM 563  C "C2'"  . A   A 1 18 ? 15.141  13.823  -22.916 1.00 0.00 ? 58 A   A "C2'"  1 
ATOM 564  O "O2'"  . A   A 1 18 ? 16.211  14.165  -22.065 1.00 0.00 ? 58 A   A "O2'"  1 
ATOM 565  C "C1'"  . A   A 1 18 ? 14.723  15.020  -23.759 1.00 0.00 ? 58 A   A "C1'"  1 
ATOM 566  N N9     . A   A 1 18 ? 13.296  14.929  -24.120 1.00 0.00 ? 58 A   A N9     1 
ATOM 567  C C8     . A   A 1 18 ? 12.731  14.449  -25.275 1.00 0.00 ? 58 A   A C8     1 
ATOM 568  N N7     . A   A 1 18 ? 11.430  14.534  -25.302 1.00 0.00 ? 58 A   A N7     1 
ATOM 569  C C5     . A   A 1 18 ? 11.108  15.113  -24.079 1.00 0.00 ? 58 A   A C5     1 
ATOM 570  C C6     . A   A 1 18 ? 9.886   15.476  -23.492 1.00 0.00 ? 58 A   A C6     1 
ATOM 571  N N6     . A   A 1 18 ? 8.700   15.293  -24.087 1.00 0.00 ? 58 A   A N6     1 
ATOM 572  N N1     . A   A 1 18 ? 9.928   16.035  -22.274 1.00 0.00 ? 58 A   A N1     1 
ATOM 573  C C2     . A   A 1 18 ? 11.100  16.217  -21.684 1.00 0.00 ? 58 A   A C2     1 
ATOM 574  N N3     . A   A 1 18 ? 12.314  15.922  -22.125 1.00 0.00 ? 58 A   A N3     1 
ATOM 575  C C4     . A   A 1 18 ? 12.242  15.360  -23.353 1.00 0.00 ? 58 A   A C4     1 
ATOM 576  H "H5'"  . A   A 1 18 ? 16.553  13.877  -27.136 1.00 0.00 ? 58 A   A "H5'"  1 
ATOM 577  H "H5''" . A   A 1 18 ? 16.522  12.212  -26.503 1.00 0.00 ? 58 A   A "H5''" 1 
ATOM 578  H "H4'"  . A   A 1 18 ? 17.227  13.892  -24.766 1.00 0.00 ? 58 A   A "H4'"  1 
ATOM 579  H "H3'"  . A   A 1 18 ? 14.642  12.342  -24.354 1.00 0.00 ? 58 A   A "H3'"  1 
ATOM 580  H "H2'"  . A   A 1 18 ? 14.326  13.419  -22.314 1.00 0.00 ? 58 A   A "H2'"  1 
ATOM 581  H "HO2'" . A   A 1 18 ? 16.927  14.521  -22.597 1.00 0.00 ? 58 A   A "HO2'" 1 
ATOM 582  H "H1'"  . A   A 1 18 ? 14.891  15.942  -23.204 1.00 0.00 ? 58 A   A "H1'"  1 
ATOM 583  H H8     . A   A 1 18 ? 13.311  14.041  -26.090 1.00 0.00 ? 58 A   A H8     1 
ATOM 584  H H61    . A   A 1 18 ? 7.850   15.574  -23.618 1.00 0.00 ? 58 A   A H61    1 
ATOM 585  H H62    . A   A 1 18 ? 8.655   14.874  -25.006 1.00 0.00 ? 58 A   A H62    1 
ATOM 586  H H2     . A   A 1 18 ? 11.060  16.673  -20.706 1.00 0.00 ? 58 A   A H2     1 
ATOM 587  P P      . G   A 1 19 ? 15.948  10.664  -22.555 1.00 0.00 ? 64 G   A P      1 
ATOM 588  O OP1    . G   A 1 19 ? 17.107  10.167  -21.782 1.00 0.00 ? 64 G   A OP1    1 
ATOM 589  O OP2    . G   A 1 19 ? 15.148  9.725   -23.372 1.00 0.00 ? 64 G   A OP2    1 
ATOM 590  O "O5'"  . G   A 1 19 ? 14.949  11.420  -21.544 1.00 0.00 ? 64 G   A "O5'"  1 
ATOM 591  C "C5'"  . G   A 1 19 ? 15.415  12.425  -20.673 1.00 0.00 ? 64 G   A "C5'"  1 
ATOM 592  C "C4'"  . G   A 1 19 ? 14.257  12.930  -19.813 1.00 0.00 ? 64 G   A "C4'"  1 
ATOM 593  O "O4'"  . G   A 1 19 ? 13.171  13.329  -20.632 1.00 0.00 ? 64 G   A "O4'"  1 
ATOM 594  C "C3'"  . G   A 1 19 ? 13.719  11.848  -18.883 1.00 0.00 ? 64 G   A "C3'"  1 
ATOM 595  O "O3'"  . G   A 1 19 ? 14.492  11.736  -17.707 1.00 0.00 ? 64 G   A "O3'"  1 
ATOM 596  C "C2'"  . G   A 1 19 ? 12.314  12.363  -18.637 1.00 0.00 ? 64 G   A "C2'"  1 
ATOM 597  O "O2'"  . G   A 1 19 ? 12.277  13.323  -17.605 1.00 0.00 ? 64 G   A "O2'"  1 
ATOM 598  C "C1'"  . G   A 1 19 ? 11.957  13.006  -19.971 1.00 0.00 ? 64 G   A "C1'"  1 
ATOM 599  N N9     . G   A 1 19 ? 11.172  12.067  -20.796 1.00 0.00 ? 64 G   A N9     1 
ATOM 600  C C8     . G   A 1 19 ? 11.599  10.953  -21.470 1.00 0.00 ? 64 G   A C8     1 
ATOM 601  N N7     . G   A 1 19 ? 10.652  10.330  -22.115 1.00 0.00 ? 64 G   A N7     1 
ATOM 602  C C5     . G   A 1 19 ? 9.515   11.087  -21.852 1.00 0.00 ? 64 G   A C5     1 
ATOM 603  C C6     . G   A 1 19 ? 8.178   10.896  -22.291 1.00 0.00 ? 64 G   A C6     1 
ATOM 604  O O6     . G   A 1 19 ? 7.729   10.005  -23.008 1.00 0.00 ? 64 G   A O6     1 
ATOM 605  N N1     . G   A 1 19 ? 7.338   11.888  -21.801 1.00 0.00 ? 64 G   A N1     1 
ATOM 606  C C2     . G   A 1 19 ? 7.731   12.931  -20.989 1.00 0.00 ? 64 G   A C2     1 
ATOM 607  N N2     . G   A 1 19 ? 6.775   13.791  -20.613 1.00 0.00 ? 64 G   A N2     1 
ATOM 608  N N3     . G   A 1 19 ? 8.990   13.110  -20.575 1.00 0.00 ? 64 G   A N3     1 
ATOM 609  C C4     . G   A 1 19 ? 9.824   12.152  -21.045 1.00 0.00 ? 64 G   A C4     1 
ATOM 610  H "H5'"  . G   A 1 19 ? 15.816  13.250  -21.262 1.00 0.00 ? 64 G   A "H5'"  1 
ATOM 611  H "H5''" . G   A 1 19 ? 16.198  12.022  -20.028 1.00 0.00 ? 64 G   A "H5''" 1 
ATOM 612  H "H4'"  . G   A 1 19 ? 14.577  13.783  -19.215 1.00 0.00 ? 64 G   A "H4'"  1 
ATOM 613  H "H3'"  . G   A 1 19 ? 13.642  10.879  -19.377 1.00 0.00 ? 64 G   A "H3'"  1 
ATOM 614  H "H2'"  . G   A 1 19 ? 11.650  11.534  -18.380 1.00 0.00 ? 64 G   A "H2'"  1 
ATOM 615  H "HO2'" . G   A 1 19 ? 12.879  14.037  -17.829 1.00 0.00 ? 64 G   A "HO2'" 1 
ATOM 616  H "H1'"  . G   A 1 19 ? 11.369  13.907  -19.798 1.00 0.00 ? 64 G   A "H1'"  1 
ATOM 617  H H8     . G   A 1 19 ? 12.627  10.619  -21.466 1.00 0.00 ? 64 G   A H8     1 
ATOM 618  H H1     . G   A 1 19 ? 6.365   11.831  -22.066 1.00 0.00 ? 64 G   A H1     1 
ATOM 619  H H21    . G   A 1 19 ? 5.824   13.658  -20.922 1.00 0.00 ? 64 G   A H21    1 
ATOM 620  H H22    . G   A 1 19 ? 7.007   14.574  -20.018 1.00 0.00 ? 64 G   A H22    1 
ATOM 621  P P      . C   A 1 20 ? 14.132  10.634  -16.592 1.00 0.00 ? 65 C   A P      1 
ATOM 622  O OP1    . C   A 1 20 ? 15.142  10.714  -15.513 1.00 0.00 ? 65 C   A OP1    1 
ATOM 623  O OP2    . C   A 1 20 ? 13.895  9.347   -17.286 1.00 0.00 ? 65 C   A OP2    1 
ATOM 624  O "O5'"  . C   A 1 20 ? 12.729  11.170  -16.011 1.00 0.00 ? 65 C   A "O5'"  1 
ATOM 625  C "C5'"  . C   A 1 20 ? 11.819  10.286  -15.399 1.00 0.00 ? 65 C   A "C5'"  1 
ATOM 626  C "C4'"  . C   A 1 20 ? 10.531  11.042  -15.066 1.00 0.00 ? 65 C   A "C4'"  1 
ATOM 627  O "O4'"  . C   A 1 20 ? 9.983   11.607  -16.246 1.00 0.00 ? 65 C   A "O4'"  1 
ATOM 628  C "C3'"  . C   A 1 20 ? 9.465   10.122  -14.481 1.00 0.00 ? 65 C   A "C3'"  1 
ATOM 629  O "O3'"  . C   A 1 20 ? 9.601   9.997   -13.082 1.00 0.00 ? 65 C   A "O3'"  1 
ATOM 630  C "C2'"  . C   A 1 20 ? 8.198   10.842  -14.896 1.00 0.00 ? 65 C   A "C2'"  1 
ATOM 631  O "O2'"  . C   A 1 20 ? 7.844   11.844  -13.970 1.00 0.00 ? 65 C   A "O2'"  1 
ATOM 632  C "C1'"  . C   A 1 20 ? 8.568   11.474  -16.237 1.00 0.00 ? 65 C   A "C1'"  1 
ATOM 633  N N1     . C   A 1 20 ? 8.085   10.633  -17.368 1.00 0.00 ? 65 C   A N1     1 
ATOM 634  C C2     . C   A 1 20 ? 6.719   10.652  -17.624 1.00 0.00 ? 65 C   A C2     1 
ATOM 635  O O2     . C   A 1 20 ? 5.958   11.295  -16.906 1.00 0.00 ? 65 C   A O2     1 
ATOM 636  N N3     . C   A 1 20 ? 6.243   9.938   -18.678 1.00 0.00 ? 65 C   A N3     1 
ATOM 637  C C4     . C   A 1 20 ? 7.062   9.224   -19.459 1.00 0.00 ? 65 C   A C4     1 
ATOM 638  N N4     . C   A 1 20 ? 6.543   8.524   -20.477 1.00 0.00 ? 65 C   A N4     1 
ATOM 639  C C5     . C   A 1 20 ? 8.470   9.191   -19.214 1.00 0.00 ? 65 C   A C5     1 
ATOM 640  C C6     . C   A 1 20 ? 8.932   9.902   -18.166 1.00 0.00 ? 65 C   A C6     1 
ATOM 641  H "H5'"  . C   A 1 20 ? 12.257  9.880   -14.486 1.00 0.00 ? 65 C   A "H5'"  1 
ATOM 642  H "H5''" . C   A 1 20 ? 11.619  9.473   -16.096 1.00 0.00 ? 65 C   A "H5''" 1 
ATOM 643  H "H4'"  . C   A 1 20 ? 10.735  11.844  -14.359 1.00 0.00 ? 65 C   A "H4'"  1 
ATOM 644  H "H3'"  . C   A 1 20 ? 9.462   9.136   -14.945 1.00 0.00 ? 65 C   A "H3'"  1 
ATOM 645  H "H2'"  . C   A 1 20 ? 7.374   10.135  -14.983 1.00 0.00 ? 65 C   A "H2'"  1 
ATOM 646  H "HO2'" . C   A 1 20 ? 8.574   12.466  -13.901 1.00 0.00 ? 65 C   A "HO2'" 1 
ATOM 647  H "H1'"  . C   A 1 20 ? 8.123   12.464  -16.323 1.00 0.00 ? 65 C   A "H1'"  1 
ATOM 648  H H41    . C   A 1 20 ? 5.550   8.555   -20.662 1.00 0.00 ? 65 C   A H41    1 
ATOM 649  H H42    . C   A 1 20 ? 7.143   7.958   -21.057 1.00 0.00 ? 65 C   A H42    1 
ATOM 650  H H5     . C   A 1 20 ? 9.174   8.642   -19.823 1.00 0.00 ? 65 C   A H5     1 
ATOM 651  H H6     . C   A 1 20 ? 9.995   9.858   -17.994 1.00 0.00 ? 65 C   A H6     1 
ATOM 652  P P      . U   A 1 21 ? 8.809   8.855   -12.268 1.00 0.00 ? 66 U   A P      1 
ATOM 653  O OP1    . U   A 1 21 ? 9.055   9.060   -10.822 1.00 0.00 ? 66 U   A OP1    1 
ATOM 654  O OP2    . U   A 1 21 ? 9.129   7.549   -12.888 1.00 0.00 ? 66 U   A OP2    1 
ATOM 655  O "O5'"  . U   A 1 21 ? 7.262   9.181   -12.565 1.00 0.00 ? 66 U   A "O5'"  1 
ATOM 656  C "C5'"  . U   A 1 21 ? 6.619   10.289  -11.972 1.00 0.00 ? 66 U   A "C5'"  1 
ATOM 657  C "C4'"  . U   A 1 21 ? 5.174   10.380  -12.465 1.00 0.00 ? 66 U   A "C4'"  1 
ATOM 658  O "O4'"  . U   A 1 21 ? 5.141   10.481  -13.878 1.00 0.00 ? 66 U   A "O4'"  1 
ATOM 659  C "C3'"  . U   A 1 21 ? 4.355   9.144   -12.114 1.00 0.00 ? 66 U   A "C3'"  1 
ATOM 660  O "O3'"  . U   A 1 21 ? 3.889   9.187   -10.784 1.00 0.00 ? 66 U   A "O3'"  1 
ATOM 661  C "C2'"  . U   A 1 21 ? 3.251   9.237   -13.147 1.00 0.00 ? 66 U   A "C2'"  1 
ATOM 662  O "O2'"  . U   A 1 21 ? 2.198   10.071  -12.714 1.00 0.00 ? 66 U   A "O2'"  1 
ATOM 663  C "C1'"  . U   A 1 21 ? 3.952   9.862   -14.352 1.00 0.00 ? 66 U   A "C1'"  1 
ATOM 664  N N1     . U   A 1 21 ? 4.276   8.818   -15.364 1.00 0.00 ? 66 U   A N1     1 
ATOM 665  C C2     . U   A 1 21 ? 3.356   8.575   -16.378 1.00 0.00 ? 66 U   A C2     1 
ATOM 666  O O2     . U   A 1 21 ? 2.259   9.128   -16.438 1.00 0.00 ? 66 U   A O2     1 
ATOM 667  N N3     . U   A 1 21 ? 3.731   7.651   -17.343 1.00 0.00 ? 66 U   A N3     1 
ATOM 668  C C4     . U   A 1 21 ? 4.907   6.922   -17.363 1.00 0.00 ? 66 U   A C4     1 
ATOM 669  O O4     . U   A 1 21 ? 5.141   6.131   -18.274 1.00 0.00 ? 66 U   A O4     1 
ATOM 670  C C5     . U   A 1 21 ? 5.774   7.188   -16.243 1.00 0.00 ? 66 U   A C5     1 
ATOM 671  C C6     . U   A 1 21 ? 5.446   8.102   -15.304 1.00 0.00 ? 66 U   A C6     1 
ATOM 672  H "H5'"  . U   A 1 21 ? 7.150   11.201  -12.245 1.00 0.00 ? 66 U   A "H5'"  1 
ATOM 673  H "H5''" . U   A 1 21 ? 6.628   10.177  -10.888 1.00 0.00 ? 66 U   A "H5''" 1 
ATOM 674  H "H4'"  . U   A 1 21 ? 4.687   11.259  -12.042 1.00 0.00 ? 66 U   A "H4'"  1 
ATOM 675  H "H3'"  . U   A 1 21 ? 4.901   8.218   -12.290 1.00 0.00 ? 66 U   A "H3'"  1 
ATOM 676  H "H2'"  . U   A 1 21 ? 2.851   8.247   -13.363 1.00 0.00 ? 66 U   A "H2'"  1 
ATOM 677  H "HO2'" . U   A 1 21 ? 1.557   10.146  -13.424 1.00 0.00 ? 66 U   A "HO2'" 1 
ATOM 678  H "H1'"  . U   A 1 21 ? 3.323   10.635  -14.790 1.00 0.00 ? 66 U   A "H1'"  1 
ATOM 679  H H3     . U   A 1 21 ? 3.086   7.492   -18.103 1.00 0.00 ? 66 U   A H3     1 
ATOM 680  H H5     . U   A 1 21 ? 6.707   6.650   -16.156 1.00 0.00 ? 66 U   A H5     1 
ATOM 681  H H6     . U   A 1 21 ? 6.143   8.242   -14.494 1.00 0.00 ? 66 U   A H6     1 
ATOM 682  P P      . G   A 1 22 ? 3.120   7.933   -10.125 1.00 0.00 ? 67 G   A P      1 
ATOM 683  O OP1    . G   A 1 22 ? 2.906   8.229   -8.691  1.00 0.00 ? 67 G   A OP1    1 
ATOM 684  O OP2    . G   A 1 22 ? 3.838   6.698   -10.513 1.00 0.00 ? 67 G   A OP2    1 
ATOM 685  O "O5'"  . G   A 1 22 ? 1.683   7.922   -10.860 1.00 0.00 ? 67 G   A "O5'"  1 
ATOM 686  C "C5'"  . G   A 1 22 ? 0.704   8.901   -10.581 1.00 0.00 ? 67 G   A "C5'"  1 
ATOM 687  C "C4'"  . G   A 1 22 ? -0.666  8.491   -11.139 1.00 0.00 ? 67 G   A "C4'"  1 
ATOM 688  O "O4'"  . G   A 1 22 ? -0.583  8.480   -12.559 1.00 0.00 ? 67 G   A "O4'"  1 
ATOM 689  C "C3'"  . G   A 1 22 ? -1.145  7.097   -10.697 1.00 0.00 ? 67 G   A "C3'"  1 
ATOM 690  O "O3'"  . G   A 1 22 ? -1.979  7.121   -9.555  1.00 0.00 ? 67 G   A "O3'"  1 
ATOM 691  C "C2'"  . G   A 1 22 ? -1.910  6.638   -11.922 1.00 0.00 ? 67 G   A "C2'"  1 
ATOM 692  O "O2'"  . G   A 1 22 ? -3.239  7.111   -11.922 1.00 0.00 ? 67 G   A "O2'"  1 
ATOM 693  C "C1'"  . G   A 1 22 ? -1.125  7.271   -13.059 1.00 0.00 ? 67 G   A "C1'"  1 
ATOM 694  N N9     . G   A 1 22 ? -0.040  6.381   -13.515 1.00 0.00 ? 67 G   A N9     1 
ATOM 695  C C8     . G   A 1 22 ? 1.221   6.229   -13.001 1.00 0.00 ? 67 G   A C8     1 
ATOM 696  N N7     . G   A 1 22 ? 1.968   5.396   -13.671 1.00 0.00 ? 67 G   A N7     1 
ATOM 697  C C5     . G   A 1 22 ? 1.145   4.969   -14.708 1.00 0.00 ? 67 G   A C5     1 
ATOM 698  C C6     . G   A 1 22 ? 1.419   4.070   -15.774 1.00 0.00 ? 67 G   A C6     1 
ATOM 699  O O6     . G   A 1 22 ? 2.458   3.456   -16.007 1.00 0.00 ? 67 G   A O6     1 
ATOM 700  N N1     . G   A 1 22 ? 0.323   3.929   -16.613 1.00 0.00 ? 67 G   A N1     1 
ATOM 701  C C2     . G   A 1 22 ? -0.886  4.575   -16.455 1.00 0.00 ? 67 G   A C2     1 
ATOM 702  N N2     . G   A 1 22 ? -1.825  4.321   -17.376 1.00 0.00 ? 67 G   A N2     1 
ATOM 703  N N3     . G   A 1 22 ? -1.144  5.424   -15.454 1.00 0.00 ? 67 G   A N3     1 
ATOM 704  C C4     . G   A 1 22 ? -0.085  5.570   -14.623 1.00 0.00 ? 67 G   A C4     1 
ATOM 705  H "H5'"  . G   A 1 22 ? 1.006   9.841   -11.044 1.00 0.00 ? 67 G   A "H5'"  1 
ATOM 706  H "H5''" . G   A 1 22 ? 0.628   9.064   -9.510  1.00 0.00 ? 67 G   A "H5''" 1 
ATOM 707  H "H4'"  . G   A 1 22 ? -1.425  9.216   -10.844 1.00 0.00 ? 67 G   A "H4'"  1 
ATOM 708  H "H3'"  . G   A 1 22 ? -0.320  6.404   -10.543 1.00 0.00 ? 67 G   A "H3'"  1 
ATOM 709  H "H2'"  . G   A 1 22 ? -1.925  5.549   -11.975 1.00 0.00 ? 67 G   A "H2'"  1 
ATOM 710  H "HO2'" . G   A 1 22 ? -3.222  8.068   -11.857 1.00 0.00 ? 67 G   A "HO2'" 1 
ATOM 711  H "H1'"  . G   A 1 22 ? -1.788  7.469   -13.902 1.00 0.00 ? 67 G   A "H1'"  1 
ATOM 712  H H8     . G   A 1 22 ? 1.569   6.757   -12.124 1.00 0.00 ? 67 G   A H8     1 
ATOM 713  H H1     . G   A 1 22 ? 0.430   3.306   -17.402 1.00 0.00 ? 67 G   A H1     1 
ATOM 714  H H21    . G   A 1 22 ? -1.630  3.686   -18.137 1.00 0.00 ? 67 G   A H21    1 
ATOM 715  H H22    . G   A 1 22 ? -2.729  4.768   -17.313 1.00 0.00 ? 67 G   A H22    1 
ATOM 716  P P      . A   A 1 23 ? -1.397  7.431   -8.083  1.00 0.00 ? 68 A   A P      1 
ATOM 717  O OP1    . A   A 1 23 ? -1.792  8.805   -7.704  1.00 0.00 ? 68 A   A OP1    1 
ATOM 718  O OP2    . A   A 1 23 ? 0.030   7.038   -8.058  1.00 0.00 ? 68 A   A OP2    1 
ATOM 719  O "O5'"  . A   A 1 23 ? -2.197  6.394   -7.146  1.00 0.00 ? 68 A   A "O5'"  1 
ATOM 720  C "C5'"  . A   A 1 23 ? -3.603  6.426   -7.055  1.00 0.00 ? 68 A   A "C5'"  1 
ATOM 721  C "C4'"  . A   A 1 23 ? -4.031  5.322   -6.088  1.00 0.00 ? 68 A   A "C4'"  1 
ATOM 722  O "O4'"  . A   A 1 23 ? -3.566  5.641   -4.783  1.00 0.00 ? 68 A   A "O4'"  1 
ATOM 723  C "C3'"  . A   A 1 23 ? -5.558  5.171   -6.005  1.00 0.00 ? 68 A   A "C3'"  1 
ATOM 724  O "O3'"  . A   A 1 23 ? -5.947  3.811   -5.971  1.00 0.00 ? 68 A   A "O3'"  1 
ATOM 725  C "C2'"  . A   A 1 23 ? -5.876  5.872   -4.699  1.00 0.00 ? 68 A   A "C2'"  1 
ATOM 726  O "O2'"  . A   A 1 23 ? -7.066  5.401   -4.105  1.00 0.00 ? 68 A   A "O2'"  1 
ATOM 727  C "C1'"  . A   A 1 23 ? -4.645  5.547   -3.873  1.00 0.00 ? 68 A   A "C1'"  1 
ATOM 728  N N9     . A   A 1 23 ? -4.511  6.487   -2.743  1.00 0.00 ? 68 A   A N9     1 
ATOM 729  C C8     . A   A 1 23 ? -4.589  7.855   -2.767  1.00 0.00 ? 68 A   A C8     1 
ATOM 730  N N7     . A   A 1 23 ? -4.629  8.407   -1.586  1.00 0.00 ? 68 A   A N7     1 
ATOM 731  C C5     . A   A 1 23 ? -4.568  7.327   -0.714  1.00 0.00 ? 68 A   A C5     1 
ATOM 732  C C6     . A   A 1 23 ? -4.580  7.238   0.688   1.00 0.00 ? 68 A   A C6     1 
ATOM 733  N N6     . A   A 1 23 ? -4.689  8.302   1.493   1.00 0.00 ? 68 A   A N6     1 
ATOM 734  N N1     . A   A 1 23 ? -4.475  6.017   1.231   1.00 0.00 ? 68 A   A N1     1 
ATOM 735  C C2     . A   A 1 23 ? -4.392  4.960   0.436   1.00 0.00 ? 68 A   A C2     1 
ATOM 736  N N3     . A   A 1 23 ? -4.406  4.905   -0.888  1.00 0.00 ? 68 A   A N3     1 
ATOM 737  C C4     . A   A 1 23 ? -4.498  6.150   -1.409  1.00 0.00 ? 68 A   A C4     1 
ATOM 738  H "H5'"  . A   A 1 23 ? -4.006  6.244   -8.052  1.00 0.00 ? 68 A   A "H5'"  1 
ATOM 739  H "H5''" . A   A 1 23 ? -3.938  7.397   -6.689  1.00 0.00 ? 68 A   A "H5''" 1 
ATOM 740  H "H4'"  . A   A 1 23 ? -3.589  4.378   -6.396  1.00 0.00 ? 68 A   A "H4'"  1 
ATOM 741  H "H3'"  . A   A 1 23 ? -6.084  5.684   -6.808  1.00 0.00 ? 68 A   A "H3'"  1 
ATOM 742  H "H2'"  . A   A 1 23 ? -5.944  6.943   -4.885  1.00 0.00 ? 68 A   A "H2'"  1 
ATOM 743  H "HO2'" . A   A 1 23 ? -6.980  4.455   -3.965  1.00 0.00 ? 68 A   A "HO2'" 1 
ATOM 744  H "H1'"  . A   A 1 23 ? -4.724  4.531   -3.488  1.00 0.00 ? 68 A   A "H1'"  1 
ATOM 745  H H8     . A   A 1 23 ? -4.637  8.425   -3.684  1.00 0.00 ? 68 A   A H8     1 
ATOM 746  H H61    . A   A 1 23 ? -4.691  8.179   2.496   1.00 0.00 ? 68 A   A H61    1 
ATOM 747  H H62    . A   A 1 23 ? -4.766  9.229   1.099   1.00 0.00 ? 68 A   A H62    1 
ATOM 748  H H2     . A   A 1 23 ? -4.293  4.011   0.944   1.00 0.00 ? 68 A   A H2     1 
ATOM 749  P P      . C   A 1 24 ? -6.243  2.963   -7.320  1.00 0.00 ? 69 C   A P      1 
ATOM 750  O OP1    . C   A 1 24 ? -7.067  3.795   -8.225  1.00 0.00 ? 69 C   A OP1    1 
ATOM 751  O OP2    . C   A 1 24 ? -6.732  1.628   -6.909  1.00 0.00 ? 69 C   A OP2    1 
ATOM 752  O "O5'"  . C   A 1 24 ? -4.790  2.765   -7.987  1.00 0.00 ? 69 C   A "O5'"  1 
ATOM 753  C "C5'"  . C   A 1 24 ? -4.412  3.467   -9.151  1.00 0.00 ? 69 C   A "C5'"  1 
ATOM 754  C "C4'"  . C   A 1 24 ? -4.991  2.767   -10.378 1.00 0.00 ? 69 C   A "C4'"  1 
ATOM 755  O "O4'"  . C   A 1 24 ? -4.386  3.240   -11.570 1.00 0.00 ? 69 C   A "O4'"  1 
ATOM 756  C "C3'"  . C   A 1 24 ? -4.714  1.274   -10.322 1.00 0.00 ? 69 C   A "C3'"  1 
ATOM 757  O "O3'"  . C   A 1 24 ? -5.668  0.588   -9.538  1.00 0.00 ? 69 C   A "O3'"  1 
ATOM 758  C "C2'"  . C   A 1 24 ? -4.780  0.913   -11.791 1.00 0.00 ? 69 C   A "C2'"  1 
ATOM 759  O "O2'"  . C   A 1 24 ? -6.106  0.680   -12.214 1.00 0.00 ? 69 C   A "O2'"  1 
ATOM 760  C "C1'"  . C   A 1 24 ? -4.223  2.159   -12.480 1.00 0.00 ? 69 C   A "C1'"  1 
ATOM 761  N N1     . C   A 1 24 ? -2.793  1.945   -12.847 1.00 0.00 ? 69 C   A N1     1 
ATOM 762  C C2     . C   A 1 24 ? -2.541  1.110   -13.929 1.00 0.00 ? 69 C   A C2     1 
ATOM 763  O O2     . C   A 1 24 ? -3.466  0.564   -14.529 1.00 0.00 ? 69 C   A O2     1 
ATOM 764  N N3     . C   A 1 24 ? -1.253  0.900   -14.307 1.00 0.00 ? 69 C   A N3     1 
ATOM 765  C C4     . C   A 1 24 ? -0.237  1.470   -13.650 1.00 0.00 ? 69 C   A C4     1 
ATOM 766  N N4     . C   A 1 24 ? 1.017   1.229   -14.054 1.00 0.00 ? 69 C   A N4     1 
ATOM 767  C C5     . C   A 1 24 ? -0.471  2.320   -12.524 1.00 0.00 ? 69 C   A C5     1 
ATOM 768  C C6     . C   A 1 24 ? -1.754  2.526   -12.162 1.00 0.00 ? 69 C   A C6     1 
ATOM 769  H "H5'"  . C   A 1 24 ? -3.324  3.452   -9.222  1.00 0.00 ? 69 C   A "H5'"  1 
ATOM 770  H "H5''" . C   A 1 24 ? -4.749  4.503   -9.104  1.00 0.00 ? 69 C   A "H5''" 1 
ATOM 771  H "H4'"  . C   A 1 24 ? -6.066  2.935   -10.442 1.00 0.00 ? 69 C   A "H4'"  1 
ATOM 772  H "H3'"  . C   A 1 24 ? -3.709  1.066   -9.955  1.00 0.00 ? 69 C   A "H3'"  1 
ATOM 773  H "H2'"  . C   A 1 24 ? -4.188  0.019   -11.985 1.00 0.00 ? 69 C   A "H2'"  1 
ATOM 774  H "HO2'" . C   A 1 24 ? -6.097  0.495   -13.155 1.00 0.00 ? 69 C   A "HO2'" 1 
ATOM 775  H "H1'"  . C   A 1 24 ? -4.792  2.380   -13.384 1.00 0.00 ? 69 C   A "H1'"  1 
ATOM 776  H H41    . C   A 1 24 ? 1.187   0.627   -14.848 1.00 0.00 ? 69 C   A H41    1 
ATOM 777  H H42    . C   A 1 24 ? 1.794   1.646   -13.562 1.00 0.00 ? 69 C   A H42    1 
ATOM 778  H H5     . C   A 1 24 ? 0.324   2.791   -11.965 1.00 0.00 ? 69 C   A H5     1 
ATOM 779  H H6     . C   A 1 24 ? -1.912  3.166   -11.307 1.00 0.00 ? 69 C   A H6     1 
ATOM 780  P P      . G   A 1 25 ? -5.403  -0.920  -9.038  1.00 0.00 ? 70 G   A P      1 
ATOM 781  O OP1    . G   A 1 25 ? -6.609  -1.383  -8.316  1.00 0.00 ? 70 G   A OP1    1 
ATOM 782  O OP2    . G   A 1 25 ? -4.087  -0.953  -8.364  1.00 0.00 ? 70 G   A OP2    1 
ATOM 783  O "O5'"  . G   A 1 25 ? -5.286  -1.761  -10.404 1.00 0.00 ? 70 G   A "O5'"  1 
ATOM 784  C "C5'"  . G   A 1 25 ? -6.427  -2.056  -11.179 1.00 0.00 ? 70 G   A "C5'"  1 
ATOM 785  C "C4'"  . G   A 1 25 ? -6.006  -2.834  -12.425 1.00 0.00 ? 70 G   A "C4'"  1 
ATOM 786  O "O4'"  . G   A 1 25 ? -5.010  -2.114  -13.131 1.00 0.00 ? 70 G   A "O4'"  1 
ATOM 787  C "C3'"  . G   A 1 25 ? -5.390  -4.189  -12.094 1.00 0.00 ? 70 G   A "C3'"  1 
ATOM 788  O "O3'"  . G   A 1 25 ? -6.366  -5.181  -11.843 1.00 0.00 ? 70 G   A "O3'"  1 
ATOM 789  C "C2'"  . G   A 1 25 ? -4.587  -4.440  -13.353 1.00 0.00 ? 70 G   A "C2'"  1 
ATOM 790  O "O2'"  . G   A 1 25 ? -5.373  -4.991  -14.386 1.00 0.00 ? 70 G   A "O2'"  1 
ATOM 791  C "C1'"  . G   A 1 25 ? -4.130  -3.039  -13.749 1.00 0.00 ? 70 G   A "C1'"  1 
ATOM 792  N N9     . G   A 1 25 ? -2.745  -2.796  -13.302 1.00 0.00 ? 70 G   A N9     1 
ATOM 793  C C8     . G   A 1 25 ? -2.299  -2.144  -12.181 1.00 0.00 ? 70 G   A C8     1 
ATOM 794  N N7     . G   A 1 25 ? -1.000  -2.065  -12.097 1.00 0.00 ? 70 G   A N7     1 
ATOM 795  C C5     . G   A 1 25 ? -0.550  -2.711  -13.244 1.00 0.00 ? 70 G   A C5     1 
ATOM 796  C C6     . G   A 1 25 ? 0.776   -2.929  -13.703 1.00 0.00 ? 70 G   A C6     1 
ATOM 797  O O6     . G   A 1 25 ? 1.831   -2.586  -13.177 1.00 0.00 ? 70 G   A O6     1 
ATOM 798  N N1     . G   A 1 25 ? 0.788   -3.619  -14.907 1.00 0.00 ? 70 G   A N1     1 
ATOM 799  C C2     . G   A 1 25 ? -0.332  -4.041  -15.593 1.00 0.00 ? 70 G   A C2     1 
ATOM 800  N N2     . G   A 1 25 ? -0.121  -4.687  -16.748 1.00 0.00 ? 70 G   A N2     1 
ATOM 801  N N3     . G   A 1 25 ? -1.582  -3.830  -15.165 1.00 0.00 ? 70 G   A N3     1 
ATOM 802  C C4     . G   A 1 25 ? -1.611  -3.163  -13.988 1.00 0.00 ? 70 G   A C4     1 
ATOM 803  H "H5'"  . G   A 1 25 ? -6.907  -1.124  -11.481 1.00 0.00 ? 70 G   A "H5'"  1 
ATOM 804  H "H5''" . G   A 1 25 ? -7.126  -2.653  -10.593 1.00 0.00 ? 70 G   A "H5''" 1 
ATOM 805  H "H4'"  . G   A 1 25 ? -6.862  -2.986  -13.081 1.00 0.00 ? 70 G   A "H4'"  1 
ATOM 806  H "H3'"  . G   A 1 25 ? -4.692  -4.125  -11.260 1.00 0.00 ? 70 G   A "H3'"  1 
ATOM 807  H "H2'"  . G   A 1 25 ? -3.755  -5.109  -13.128 1.00 0.00 ? 70 G   A "H2'"  1 
ATOM 808  H "HO2'" . G   A 1 25 ? -6.105  -4.395  -14.564 1.00 0.00 ? 70 G   A "HO2'" 1 
ATOM 809  H "H1'"  . G   A 1 25 ? -4.171  -2.941  -14.833 1.00 0.00 ? 70 G   A "H1'"  1 
ATOM 810  H H8     . G   A 1 25 ? -2.961  -1.726  -11.437 1.00 0.00 ? 70 G   A H8     1 
ATOM 811  H H1     . G   A 1 25 ? 1.693   -3.818  -15.307 1.00 0.00 ? 70 G   A H1     1 
ATOM 812  H H21    . G   A 1 25 ? 0.821   -4.846  -17.074 1.00 0.00 ? 70 G   A H21    1 
ATOM 813  H H22    . G   A 1 25 ? -0.906  -5.015  -17.292 1.00 0.00 ? 70 G   A H22    1 
ATOM 814  P P      . G   A 1 26 ? -5.944  -6.729  -11.664 1.00 0.00 ? 71 G   A P      1 
ATOM 815  O OP1    . G   A 1 26 ? -5.304  -7.194  -12.914 1.00 0.00 ? 71 G   A OP1    1 
ATOM 816  O OP2    . G   A 1 26 ? -7.100  -7.469  -11.110 1.00 0.00 ? 71 G   A OP2    1 
ATOM 817  O "O5'"  . G   A 1 26 ? -4.812  -6.633  -10.530 1.00 0.00 ? 71 G   A "O5'"  1 
ATOM 818  C "C5'"  . G   A 1 26 ? -5.126  -6.774  -9.165  1.00 0.00 ? 71 G   A "C5'"  1 
ATOM 819  C "C4'"  . G   A 1 26 ? -4.035  -6.086  -8.339  1.00 0.00 ? 71 G   A "C4'"  1 
ATOM 820  O "O4'"  . G   A 1 26 ? -2.773  -6.467  -8.868  1.00 0.00 ? 71 G   A "O4'"  1 
ATOM 821  C "C3'"  . G   A 1 26 ? -4.102  -4.552  -8.399  1.00 0.00 ? 71 G   A "C3'"  1 
ATOM 822  O "O3'"  . G   A 1 26 ? -3.668  -3.975  -7.178  1.00 0.00 ? 71 G   A "O3'"  1 
ATOM 823  C "C2'"  . G   A 1 26 ? -3.143  -4.231  -9.528  1.00 0.00 ? 71 G   A "C2'"  1 
ATOM 824  O "O2'"  . G   A 1 26 ? -2.594  -2.938  -9.416  1.00 0.00 ? 71 G   A "O2'"  1 
ATOM 825  C "C1'"  . G   A 1 26 ? -2.094  -5.318  -9.357  1.00 0.00 ? 71 G   A "C1'"  1 
ATOM 826  N N9     . G   A 1 26 ? -1.419  -5.596  -10.640 1.00 0.00 ? 71 G   A N9     1 
ATOM 827  C C8     . G   A 1 26 ? -1.887  -6.280  -11.729 1.00 0.00 ? 71 G   A C8     1 
ATOM 828  N N7     . G   A 1 26 ? -1.034  -6.355  -12.714 1.00 0.00 ? 71 G   A N7     1 
ATOM 829  C C5     . G   A 1 26 ? 0.077   -5.660  -12.245 1.00 0.00 ? 71 G   A C5     1 
ATOM 830  C C6     . G   A 1 26 ? 1.321   -5.402  -12.880 1.00 0.00 ? 71 G   A C6     1 
ATOM 831  O O6     . G   A 1 26 ? 1.706   -5.772  -13.988 1.00 0.00 ? 71 G   A O6     1 
ATOM 832  N N1     . G   A 1 26 ? 2.149   -4.631  -12.078 1.00 0.00 ? 71 G   A N1     1 
ATOM 833  C C2     . G   A 1 26 ? 1.839   -4.185  -10.810 1.00 0.00 ? 71 G   A C2     1 
ATOM 834  N N2     . G   A 1 26 ? 2.776   -3.461  -10.183 1.00 0.00 ? 71 G   A N2     1 
ATOM 835  N N3     . G   A 1 26 ? 0.675   -4.445  -10.203 1.00 0.00 ? 71 G   A N3     1 
ATOM 836  C C4     . G   A 1 26 ? -0.154  -5.182  -10.982 1.00 0.00 ? 71 G   A C4     1 
ATOM 837  H "H5'"  . G   A 1 26 ? -5.133  -7.839  -8.928  1.00 0.00 ? 71 G   A "H5'"  1 
ATOM 838  H "H5''" . G   A 1 26 ? -6.115  -6.371  -8.949  1.00 0.00 ? 71 G   A "H5''" 1 
ATOM 839  H "H4'"  . G   A 1 26 ? -4.122  -6.413  -7.305  1.00 0.00 ? 71 G   A "H4'"  1 
ATOM 840  H "H3'"  . G   A 1 26 ? -5.083  -4.164  -8.661  1.00 0.00 ? 71 G   A "H3'"  1 
ATOM 841  H "H2'"  . G   A 1 26 ? -3.659  -4.322  -10.482 1.00 0.00 ? 71 G   A "H2'"  1 
ATOM 842  H "HO2'" . G   A 1 26 ? -3.305  -2.296  -9.486  1.00 0.00 ? 71 G   A "HO2'" 1 
ATOM 843  H "H1'"  . G   A 1 26 ? -1.357  -4.988  -8.632  1.00 0.00 ? 71 G   A "H1'"  1 
ATOM 844  H H8     . G   A 1 26 ? -2.873  -6.717  -11.774 1.00 0.00 ? 71 G   A H8     1 
ATOM 845  H H1     . G   A 1 26 ? 3.054   -4.389  -12.457 1.00 0.00 ? 71 G   A H1     1 
ATOM 846  H H21    . G   A 1 26 ? 3.654   -3.266  -10.641 1.00 0.00 ? 71 G   A H21    1 
ATOM 847  H H22    . G   A 1 26 ? 2.604   -3.109  -9.251  1.00 0.00 ? 71 G   A H22    1 
ATOM 848  P P      . U   A 1 27 ? -4.679  -3.668  -5.946  1.00 0.00 ? 72 U   A P      1 
ATOM 849  O OP1    . U   A 1 27 ? -5.961  -3.181  -6.500  1.00 0.00 ? 72 U   A OP1    1 
ATOM 850  O OP2    . U   A 1 27 ? -3.947  -2.826  -4.973  1.00 0.00 ? 72 U   A OP2    1 
ATOM 851  O "O5'"  . U   A 1 27 ? -4.954  -5.093  -5.245  1.00 0.00 ? 72 U   A "O5'"  1 
ATOM 852  C "C5'"  . U   A 1 27 ? -4.023  -5.655  -4.348  1.00 0.00 ? 72 U   A "C5'"  1 
ATOM 853  C "C4'"  . U   A 1 27 ? -4.566  -6.960  -3.763  1.00 0.00 ? 72 U   A "C4'"  1 
ATOM 854  O "O4'"  . U   A 1 27 ? -5.773  -6.699  -3.061  1.00 0.00 ? 72 U   A "O4'"  1 
ATOM 855  C "C3'"  . U   A 1 27 ? -4.889  -7.983  -4.858  1.00 0.00 ? 72 U   A "C3'"  1 
ATOM 856  O "O3'"  . U   A 1 27 ? -4.512  -9.293  -4.483  1.00 0.00 ? 72 U   A "O3'"  1 
ATOM 857  C "C2'"  . U   A 1 27 ? -6.398  -7.868  -4.977  1.00 0.00 ? 72 U   A "C2'"  1 
ATOM 858  O "O2'"  . U   A 1 27 ? -6.997  -9.046  -5.469  1.00 0.00 ? 72 U   A "O2'"  1 
ATOM 859  C "C1'"  . U   A 1 27 ? -6.776  -7.578  -3.536  1.00 0.00 ? 72 U   A "C1'"  1 
ATOM 860  N N1     . U   A 1 27 ? -8.140  -6.992  -3.445  1.00 0.00 ? 72 U   A N1     1 
ATOM 861  C C2     . U   A 1 27 ? -9.218  -7.864  -3.348  1.00 0.00 ? 72 U   A C2     1 
ATOM 862  O O2     . U   A 1 27 ? -9.099  -9.087  -3.393  1.00 0.00 ? 72 U   A O2     1 
ATOM 863  N N3     . U   A 1 27 ? -10.469 -7.282  -3.202  1.00 0.00 ? 72 U   A N3     1 
ATOM 864  C C4     . U   A 1 27 ? -10.741 -5.924  -3.176  1.00 0.00 ? 72 U   A C4     1 
ATOM 865  O O4     . U   A 1 27 ? -11.890 -5.517  -3.021  1.00 0.00 ? 72 U   A O4     1 
ATOM 866  C C5     . U   A 1 27 ? -9.576  -5.094  -3.354  1.00 0.00 ? 72 U   A C5     1 
ATOM 867  C C6     . U   A 1 27 ? -8.345  -5.636  -3.481  1.00 0.00 ? 72 U   A C6     1 
ATOM 868  H "H5'"  . U   A 1 27 ? -3.848  -4.957  -3.527  1.00 0.00 ? 72 U   A "H5'"  1 
ATOM 869  H "H5''" . U   A 1 27 ? -3.079  -5.837  -4.863  1.00 0.00 ? 72 U   A "H5''" 1 
ATOM 870  H "H4'"  . U   A 1 27 ? -3.848  -7.379  -3.063  1.00 0.00 ? 72 U   A "H4'"  1 
ATOM 871  H "H3'"  . U   A 1 27 ? -4.426  -7.739  -5.814  1.00 0.00 ? 72 U   A "H3'"  1 
ATOM 872  H "H2'"  . U   A 1 27 ? -6.649  -7.031  -5.625  1.00 0.00 ? 72 U   A "H2'"  1 
ATOM 873  H "HO2'" . U   A 1 27 ? -6.761  -9.773  -4.890  1.00 0.00 ? 72 U   A "HO2'" 1 
ATOM 874  H "H1'"  . U   A 1 27 ? -6.722  -8.489  -2.943  1.00 0.00 ? 72 U   A "H1'"  1 
ATOM 875  H H3     . U   A 1 27 ? -11.256 -7.909  -3.110  1.00 0.00 ? 72 U   A H3     1 
ATOM 876  H H5     . U   A 1 27 ? -9.688  -4.021  -3.378  1.00 0.00 ? 72 U   A H5     1 
ATOM 877  H H6     . U   A 1 27 ? -7.519  -4.955  -3.628  1.00 0.00 ? 72 U   A H6     1 
ATOM 878  P P      . A   A 1 28 ? -2.996  -9.836  -4.638  1.00 0.00 ? 73 A   A P      1 
ATOM 879  O OP1    . A   A 1 28 ? -2.982  -11.258 -4.227  1.00 0.00 ? 73 A   A OP1    1 
ATOM 880  O OP2    . A   A 1 28 ? -2.067  -8.884  -3.990  1.00 0.00 ? 73 A   A OP2    1 
ATOM 881  O "O5'"  . A   A 1 28 ? -2.722  -9.781  -6.223  1.00 0.00 ? 73 A   A "O5'"  1 
ATOM 882  C "C5'"  . A   A 1 28 ? -3.473  -10.570 -7.121  1.00 0.00 ? 73 A   A "C5'"  1 
ATOM 883  C "C4'"  . A   A 1 28 ? -2.770  -10.618 -8.479  1.00 0.00 ? 73 A   A "C4'"  1 
ATOM 884  O "O4'"  . A   A 1 28 ? -2.470  -9.306  -8.932  1.00 0.00 ? 73 A   A "O4'"  1 
ATOM 885  C "C3'"  . A   A 1 28 ? -1.447  -11.368 -8.393  1.00 0.00 ? 73 A   A "C3'"  1 
ATOM 886  O "O3'"  . A   A 1 28 ? -1.618  -12.759 -8.548  1.00 0.00 ? 73 A   A "O3'"  1 
ATOM 887  C "C2'"  . A   A 1 28 ? -0.673  -10.739 -9.532  1.00 0.00 ? 73 A   A "C2'"  1 
ATOM 888  O "O2'"  . A   A 1 28 ? -0.982  -11.331 -10.774 1.00 0.00 ? 73 A   A "O2'"  1 
ATOM 889  C "C1'"  . A   A 1 28 ? -1.161  -9.299  -9.489  1.00 0.00 ? 73 A   A "C1'"  1 
ATOM 890  N N9     . A   A 1 28 ? -0.263  -8.477  -8.655  1.00 0.00 ? 73 A   A N9     1 
ATOM 891  C C8     . A   A 1 28 ? -0.567  -7.697  -7.569  1.00 0.00 ? 73 A   A C8     1 
ATOM 892  N N7     . A   A 1 28 ? 0.457   -7.064  -7.067  1.00 0.00 ? 73 A   A N7     1 
ATOM 893  C C5     . A   A 1 28 ? 1.519   -7.456  -7.877  1.00 0.00 ? 73 A   A C5     1 
ATOM 894  C C6     . A   A 1 28 ? 2.885   -7.129  -7.880  1.00 0.00 ? 73 A   A C6     1 
ATOM 895  N N6     . A   A 1 28 ? 3.445   -6.281  -7.007  1.00 0.00 ? 73 A   A N6     1 
ATOM 896  N N1     . A   A 1 28 ? 3.654   -7.696  -8.821  1.00 0.00 ? 73 A   A N1     1 
ATOM 897  C C2     . A   A 1 28 ? 3.102   -8.523  -9.697  1.00 0.00 ? 73 A   A C2     1 
ATOM 898  N N3     . A   A 1 28 ? 1.840   -8.906  -9.808  1.00 0.00 ? 73 A   A N3     1 
ATOM 899  C C4     . A   A 1 28 ? 1.089   -8.322  -8.845  1.00 0.00 ? 73 A   A C4     1 
ATOM 900  H "H5'"  . A   A 1 28 ? -4.468  -10.141 -7.230  1.00 0.00 ? 73 A   A "H5'"  1 
ATOM 901  H "H5''" . A   A 1 28 ? -3.556  -11.584 -6.732  1.00 0.00 ? 73 A   A "H5''" 1 
ATOM 902  H "H4'"  . A   A 1 28 ? -3.410  -11.105 -9.214  1.00 0.00 ? 73 A   A "H4'"  1 
ATOM 903  H "H3'"  . A   A 1 28 ? -0.919  -11.156 -7.463  1.00 0.00 ? 73 A   A "H3'"  1 
ATOM 904  H "H2'"  . A   A 1 28 ? 0.400   -10.829 -9.359  1.00 0.00 ? 73 A   A "H2'"  1 
ATOM 905  H "HO2'" . A   A 1 28 ? -1.930  -11.271 -10.910 1.00 0.00 ? 73 A   A "HO2'" 1 
ATOM 906  H "H1'"  . A   A 1 28 ? -1.179  -8.887  -10.498 1.00 0.00 ? 73 A   A "H1'"  1 
ATOM 907  H H8     . A   A 1 28 ? -1.565  -7.613  -7.165  1.00 0.00 ? 73 A   A H8     1 
ATOM 908  H H61    . A   A 1 28 ? 4.433   -6.077  -7.064  1.00 0.00 ? 73 A   A H61    1 
ATOM 909  H H62    . A   A 1 28 ? 2.880   -5.845  -6.292  1.00 0.00 ? 73 A   A H62    1 
ATOM 910  H H2     . A   A 1 28 ? 3.778   -8.947  -10.425 1.00 0.00 ? 73 A   A H2     1 
ATOM 911  P P      . C   A 1 29 ? -0.621  -13.788 -7.818  1.00 0.00 ? 74 C   A P      1 
ATOM 912  O OP1    . C   A 1 29 ? -0.948  -15.155 -8.284  1.00 0.00 ? 74 C   A OP1    1 
ATOM 913  O OP2    . C   A 1 29 ? -0.638  -13.484 -6.369  1.00 0.00 ? 74 C   A OP2    1 
ATOM 914  O "O5'"  . C   A 1 29 ? 0.830   -13.391 -8.393  1.00 0.00 ? 74 C   A "O5'"  1 
ATOM 915  C "C5'"  . C   A 1 29 ? 1.267   -13.831 -9.663  1.00 0.00 ? 74 C   A "C5'"  1 
ATOM 916  C "C4'"  . C   A 1 29 ? 2.735   -13.453 -9.877  1.00 0.00 ? 74 C   A "C4'"  1 
ATOM 917  O "O4'"  . C   A 1 29 ? 2.902   -12.048 -9.771  1.00 0.00 ? 74 C   A "O4'"  1 
ATOM 918  C "C3'"  . C   A 1 29 ? 3.654   -14.081 -8.831  1.00 0.00 ? 74 C   A "C3'"  1 
ATOM 919  O "O3'"  . C   A 1 29 ? 4.024   -15.398 -9.172  1.00 0.00 ? 74 C   A "O3'"  1 
ATOM 920  C "C2'"  . C   A 1 29 ? 4.811   -13.106 -8.863  1.00 0.00 ? 74 C   A "C2'"  1 
ATOM 921  O "O2'"  . C   A 1 29 ? 5.702   -13.379 -9.923  1.00 0.00 ? 74 C   A "O2'"  1 
ATOM 922  C "C1'"  . C   A 1 29 ? 4.115   -11.772 -9.085  1.00 0.00 ? 74 C   A "C1'"  1 
ATOM 923  N N1     . C   A 1 29 ? 3.870   -11.108 -7.773  1.00 0.00 ? 74 C   A N1     1 
ATOM 924  C C2     . C   A 1 29 ? 4.952   -10.478 -7.168  1.00 0.00 ? 74 C   A C2     1 
ATOM 925  O O2     . C   A 1 29 ? 6.066   -10.504 -7.686  1.00 0.00 ? 74 C   A O2     1 
ATOM 926  N N3     . C   A 1 29 ? 4.757   -9.842  -5.984  1.00 0.00 ? 74 C   A N3     1 
ATOM 927  C C4     . C   A 1 29 ? 3.558   -9.834  -5.390  1.00 0.00 ? 74 C   A C4     1 
ATOM 928  N N4     . C   A 1 29 ? 3.414   -9.188  -4.225  1.00 0.00 ? 74 C   A N4     1 
ATOM 929  C C5     . C   A 1 29 ? 2.442   -10.516 -5.969  1.00 0.00 ? 74 C   A C5     1 
ATOM 930  C C6     . C   A 1 29 ? 2.645   -11.135 -7.152  1.00 0.00 ? 74 C   A C6     1 
ATOM 931  H "H5'"  . C   A 1 29 ? 0.652   -13.372 -10.437 1.00 0.00 ? 74 C   A "H5'"  1 
ATOM 932  H "H5''" . C   A 1 29 ? 1.177   -14.915 -9.722  1.00 0.00 ? 74 C   A "H5''" 1 
ATOM 933  H "H4'"  . C   A 1 29 ? 3.066   -13.765 -10.867 1.00 0.00 ? 74 C   A "H4'"  1 
ATOM 934  H "H3'"  . C   A 1 29 ? 3.226   -14.066 -7.830  1.00 0.00 ? 74 C   A "H3'"  1 
ATOM 935  H "H2'"  . C   A 1 29 ? 5.363   -13.129 -7.927  1.00 0.00 ? 74 C   A "H2'"  1 
ATOM 936  H "HO2'" . C   A 1 29 ? 5.213   -13.357 -10.749 1.00 0.00 ? 74 C   A "HO2'" 1 
ATOM 937  H "H1'"  . C   A 1 29 ? 4.740   -11.137 -9.710  1.00 0.00 ? 74 C   A "H1'"  1 
ATOM 938  H H41    . C   A 1 29 ? 4.203   -8.709  -3.814  1.00 0.00 ? 74 C   A H41    1 
ATOM 939  H H42    . C   A 1 29 ? 2.518   -9.178  -3.760  1.00 0.00 ? 74 C   A H42    1 
ATOM 940  H H5     . C   A 1 29 ? 1.467   -10.551 -5.506  1.00 0.00 ? 74 C   A H5     1 
ATOM 941  H H6     . C   A 1 29 ? 1.800   -11.659 -7.571  1.00 0.00 ? 74 C   A H6     1 
ATOM 942  P P      . A   A 1 30 ? 4.576   -16.410 -8.047  1.00 0.00 ? 75 A   A P      1 
ATOM 943  O OP1    . A   A 1 30 ? 5.025   -17.651 -8.719  1.00 0.00 ? 75 A   A OP1    1 
ATOM 944  O OP2    . A   A 1 30 ? 3.567   -16.484 -6.967  1.00 0.00 ? 75 A   A OP2    1 
ATOM 945  O "O5'"  . A   A 1 30 ? 5.876   -15.662 -7.462  1.00 0.00 ? 75 A   A "O5'"  1 
ATOM 946  C "C5'"  . A   A 1 30 ? 7.087   -15.631 -8.185  1.00 0.00 ? 75 A   A "C5'"  1 
ATOM 947  C "C4'"  . A   A 1 30 ? 8.177   -14.944 -7.360  1.00 0.00 ? 75 A   A "C4'"  1 
ATOM 948  O "O4'"  . A   A 1 30 ? 7.788   -13.631 -7.005  1.00 0.00 ? 75 A   A "O4'"  1 
ATOM 949  C "C3'"  . A   A 1 30 ? 8.450   -15.650 -6.038  1.00 0.00 ? 75 A   A "C3'"  1 
ATOM 950  O "O3'"  . A   A 1 30 ? 9.248   -16.803 -6.199  1.00 0.00 ? 75 A   A "O3'"  1 
ATOM 951  C "C2'"  . A   A 1 30 ? 9.146   -14.538 -5.277  1.00 0.00 ? 75 A   A "C2'"  1 
ATOM 952  O "O2'"  . A   A 1 30 ? 10.528  -14.503 -5.552  1.00 0.00 ? 75 A   A "O2'"  1 
ATOM 953  C "C1'"  . A   A 1 30 ? 8.468   -13.279 -5.811  1.00 0.00 ? 75 A   A "C1'"  1 
ATOM 954  N N9     . A   A 1 30 ? 7.510   -12.750 -4.823  1.00 0.00 ? 75 A   A N9     1 
ATOM 955  C C8     . A   A 1 30 ? 6.158   -12.964 -4.739  1.00 0.00 ? 75 A   A C8     1 
ATOM 956  N N7     . A   A 1 30 ? 5.584   -12.345 -3.745  1.00 0.00 ? 75 A   A N7     1 
ATOM 957  C C5     . A   A 1 30 ? 6.631   -11.673 -3.122  1.00 0.00 ? 75 A   A C5     1 
ATOM 958  C C6     . A   A 1 30 ? 6.687   -10.832 -2.000  1.00 0.00 ? 75 A   A C6     1 
ATOM 959  N N6     . A   A 1 30 ? 5.612   -10.510 -1.267  1.00 0.00 ? 75 A   A N6     1 
ATOM 960  N N1     . A   A 1 30 ? 7.883   -10.336 -1.658  1.00 0.00 ? 75 A   A N1     1 
ATOM 961  C C2     . A   A 1 30 ? 8.947   -10.653 -2.382  1.00 0.00 ? 75 A   A C2     1 
ATOM 962  N N3     . A   A 1 30 ? 9.030   -11.426 -3.454  1.00 0.00 ? 75 A   A N3     1 
ATOM 963  C C4     . A   A 1 30 ? 7.810   -11.914 -3.774  1.00 0.00 ? 75 A   A C4     1 
ATOM 964  H "H5'"  . A   A 1 30 ? 6.937   -15.086 -9.117  1.00 0.00 ? 75 A   A "H5'"  1 
ATOM 965  H "H5''" . A   A 1 30 ? 7.398   -16.650 -8.412  1.00 0.00 ? 75 A   A "H5''" 1 
ATOM 966  H "H4'"  . A   A 1 30 ? 9.102   -14.892 -7.937  1.00 0.00 ? 75 A   A "H4'"  1 
ATOM 967  H "H3'"  . A   A 1 30 ? 7.532   -15.900 -5.509  1.00 0.00 ? 75 A   A "H3'"  1 
ATOM 968  H "H2'"  . A   A 1 30 ? 9.000   -14.666 -4.205  1.00 0.00 ? 75 A   A "H2'"  1 
ATOM 969  H "HO2'" . A   A 1 30 ? 10.649  -14.398 -6.498  1.00 0.00 ? 75 A   A "HO2'" 1 
ATOM 970  H "H1'"  . A   A 1 30 ? 9.224   -12.521 -6.017  1.00 0.00 ? 75 A   A "H1'"  1 
ATOM 971  H H8     . A   A 1 30 ? 5.619   -13.589 -5.436  1.00 0.00 ? 75 A   A H8     1 
ATOM 972  H H61    . A   A 1 30 ? 5.710   -9.900  -0.467  1.00 0.00 ? 75 A   A H61    1 
ATOM 973  H H62    . A   A 1 30 ? 4.703   -10.876 -1.513  1.00 0.00 ? 75 A   A H62    1 
ATOM 974  H H2     . A   A 1 30 ? 9.879   -10.217 -2.052  1.00 0.00 ? 75 A   A H2     1 
ATOM 975  P P      . G   A 1 31 ? 9.437   -17.846 -4.984  1.00 0.00 ? 76 G   A P      1 
ATOM 976  O OP1    . G   A 1 31 ? 10.362  -18.913 -5.431  1.00 0.00 ? 76 G   A OP1    1 
ATOM 977  O OP2    . G   A 1 31 ? 8.094   -18.204 -4.476  1.00 0.00 ? 76 G   A OP2    1 
ATOM 978  O "O5'"  . G   A 1 31 ? 10.184  -16.977 -3.853  1.00 0.00 ? 76 G   A "O5'"  1 
ATOM 979  C "C5'"  . G   A 1 31 ? 11.562  -16.694 -3.947  1.00 0.00 ? 76 G   A "C5'"  1 
ATOM 980  C "C4'"  . G   A 1 31 ? 12.022  -15.877 -2.737  1.00 0.00 ? 76 G   A "C4'"  1 
ATOM 981  O "O4'"  . G   A 1 31 ? 11.302  -14.662 -2.645  1.00 0.00 ? 76 G   A "O4'"  1 
ATOM 982  C "C3'"  . G   A 1 31 ? 11.767  -16.583 -1.412  1.00 0.00 ? 76 G   A "C3'"  1 
ATOM 983  O "O3'"  . G   A 1 31 ? 12.710  -17.598 -1.148  1.00 0.00 ? 76 G   A "O3'"  1 
ATOM 984  C "C2'"  . G   A 1 31 ? 11.870  -15.405 -0.459  1.00 0.00 ? 76 G   A "C2'"  1 
ATOM 985  O "O2'"  . G   A 1 31 ? 13.204  -15.158 -0.077  1.00 0.00 ? 76 G   A "O2'"  1 
ATOM 986  C "C1'"  . G   A 1 31 ? 11.332  -14.240 -1.289  1.00 0.00 ? 76 G   A "C1'"  1 
ATOM 987  N N9     . G   A 1 31 ? 9.976   -13.870 -0.844  1.00 0.00 ? 76 G   A N9     1 
ATOM 988  C C8     . G   A 1 31 ? 8.770   -14.387 -1.241  1.00 0.00 ? 76 G   A C8     1 
ATOM 989  N N7     . G   A 1 31 ? 7.742   -13.838 -0.657  1.00 0.00 ? 76 G   A N7     1 
ATOM 990  C C5     . G   A 1 31 ? 8.304   -12.888 0.188   1.00 0.00 ? 76 G   A C5     1 
ATOM 991  C C6     . G   A 1 31 ? 7.675   -11.978 1.079   1.00 0.00 ? 76 G   A C6     1 
ATOM 992  O O6     . G   A 1 31 ? 6.474   -11.834 1.298   1.00 0.00 ? 76 G   A O6     1 
ATOM 993  N N1     . G   A 1 31 ? 8.604   -11.193 1.744   1.00 0.00 ? 76 G   A N1     1 
ATOM 994  C C2     . G   A 1 31 ? 9.972   -11.268 1.576   1.00 0.00 ? 76 G   A C2     1 
ATOM 995  N N2     . G   A 1 31 ? 10.714  -10.426 2.308   1.00 0.00 ? 76 G   A N2     1 
ATOM 996  N N3     . G   A 1 31 ? 10.567  -12.125 0.738   1.00 0.00 ? 76 G   A N3     1 
ATOM 997  C C4     . G   A 1 31 ? 9.673   -12.899 0.080   1.00 0.00 ? 76 G   A C4     1 
ATOM 998  H "H5'"  . G   A 1 31 ? 11.752  -16.126 -4.858  1.00 0.00 ? 76 G   A "H5'"  1 
ATOM 999  H "H5''" . G   A 1 31 ? 12.120  -17.628 -3.982  1.00 0.00 ? 76 G   A "H5''" 1 
ATOM 1000 H "H4'"  . G   A 1 31 ? 13.084  -15.648 -2.823  1.00 0.00 ? 76 G   A "H4'"  1 
ATOM 1001 H "H3'"  . G   A 1 31 ? 10.756  -16.983 -1.345  1.00 0.00 ? 76 G   A "H3'"  1 
ATOM 1002 H "H2'"  . G   A 1 31 ? 11.272  -15.591 0.434   1.00 0.00 ? 76 G   A "H2'"  1 
ATOM 1003 H "HO2'" . G   A 1 31 ? 13.725  -15.006 -0.868  1.00 0.00 ? 76 G   A "HO2'" 1 
ATOM 1004 H "H1'"  . G   A 1 31 ? 11.993  -13.382 -1.177  1.00 0.00 ? 76 G   A "H1'"  1 
ATOM 1005 H H8     . G   A 1 31 ? 8.681   -15.178 -1.972  1.00 0.00 ? 76 G   A H8     1 
ATOM 1006 H H1     . G   A 1 31 ? 8.244   -10.515 2.400   1.00 0.00 ? 76 G   A H1     1 
ATOM 1007 H H21    . G   A 1 31 ? 10.267  -9.779  2.942   1.00 0.00 ? 76 G   A H21    1 
ATOM 1008 H H22    . G   A 1 31 ? 11.720  -10.436 2.227   1.00 0.00 ? 76 G   A H22    1 
ATOM 1009 P P      . G   A 1 32 ? 12.522  -18.587 0.107   1.00 0.00 ? 77 G   A P      1 
ATOM 1010 O OP1    . G   A 1 32 ? 13.664  -19.530 0.129   1.00 0.00 ? 77 G   A OP1    1 
ATOM 1011 O OP2    . G   A 1 32 ? 11.139  -19.112 0.073   1.00 0.00 ? 77 G   A OP2    1 
ATOM 1012 O "O5'"  . G   A 1 32 ? 12.655  -17.610 1.379   1.00 0.00 ? 77 G   A "O5'"  1 
ATOM 1013 C "C5'"  . G   A 1 32 ? 13.915  -17.125 1.789   1.00 0.00 ? 77 G   A "C5'"  1 
ATOM 1014 C "C4'"  . G   A 1 32 ? 13.772  -16.255 3.039   1.00 0.00 ? 77 G   A "C4'"  1 
ATOM 1015 O "O4'"  . G   A 1 32 ? 12.908  -15.161 2.801   1.00 0.00 ? 77 G   A "O4'"  1 
ATOM 1016 C "C3'"  . G   A 1 32 ? 13.142  -16.998 4.212   1.00 0.00 ? 77 G   A "C3'"  1 
ATOM 1017 O "O3'"  . G   A 1 32 ? 14.050  -17.869 4.847   1.00 0.00 ? 77 G   A "O3'"  1 
ATOM 1018 C "C2'"  . G   A 1 32 ? 12.727  -15.822 5.076   1.00 0.00 ? 77 G   A "C2'"  1 
ATOM 1019 O "O2'"  . G   A 1 32 ? 13.779  -15.390 5.910   1.00 0.00 ? 77 G   A "O2'"  1 
ATOM 1020 C "C1'"  . G   A 1 32 ? 12.387  -14.741 4.052   1.00 0.00 ? 77 G   A "C1'"  1 
ATOM 1021 N N9     . G   A 1 32 ? 10.927  -14.559 3.955   1.00 0.00 ? 77 G   A N9     1 
ATOM 1022 C C8     . G   A 1 32 ? 10.024  -15.241 3.183   1.00 0.00 ? 77 G   A C8     1 
ATOM 1023 N N7     . G   A 1 32 ? 8.793   -14.835 3.323   1.00 0.00 ? 77 G   A N7     1 
ATOM 1024 C C5     . G   A 1 32 ? 8.886   -13.806 4.255   1.00 0.00 ? 77 G   A C5     1 
ATOM 1025 C C6     . G   A 1 32 ? 7.866   -12.983 4.802   1.00 0.00 ? 77 G   A C6     1 
ATOM 1026 O O6     . G   A 1 32 ? 6.660   -13.002 4.565   1.00 0.00 ? 77 G   A O6     1 
ATOM 1027 N N1     . G   A 1 32 ? 8.382   -12.069 5.709   1.00 0.00 ? 77 G   A N1     1 
ATOM 1028 C C2     . G   A 1 32 ? 9.715   -11.956 6.051   1.00 0.00 ? 77 G   A C2     1 
ATOM 1029 N N2     . G   A 1 32 ? 10.026  -11.011 6.946   1.00 0.00 ? 77 G   A N2     1 
ATOM 1030 N N3     . G   A 1 32 ? 10.676  -12.732 5.537   1.00 0.00 ? 77 G   A N3     1 
ATOM 1031 C C4     . G   A 1 32 ? 10.188  -13.630 4.649   1.00 0.00 ? 77 G   A C4     1 
ATOM 1032 H "H5'"  . G   A 1 32 ? 14.352  -16.532 0.985   1.00 0.00 ? 77 G   A "H5'"  1 
ATOM 1033 H "H5''" . G   A 1 32 ? 14.570  -17.968 2.012   1.00 0.00 ? 77 G   A "H5''" 1 
ATOM 1034 H "H4'"  . G   A 1 32 ? 14.748  -15.873 3.339   1.00 0.00 ? 77 G   A "H4'"  1 
ATOM 1035 H "H3'"  . G   A 1 32 ? 12.241  -17.539 3.923   1.00 0.00 ? 77 G   A "H3'"  1 
ATOM 1036 H "H2'"  . G   A 1 32 ? 11.872  -16.093 5.693   1.00 0.00 ? 77 G   A "H2'"  1 
ATOM 1037 H "HO2'" . G   A 1 32 ? 14.005  -16.105 6.510   1.00 0.00 ? 77 G   A "HO2'" 1 
ATOM 1038 H "H1'"  . G   A 1 32 ? 12.846  -13.799 4.354   1.00 0.00 ? 77 G   A "H1'"  1 
ATOM 1039 H H8     . G   A 1 32 ? 10.307  -16.044 2.518   1.00 0.00 ? 77 G   A H8     1 
ATOM 1040 H H1     . G   A 1 32 ? 7.726   -11.441 6.149   1.00 0.00 ? 77 G   A H1     1 
ATOM 1041 H H21    . G   A 1 32 ? 9.302   -10.425 7.337   1.00 0.00 ? 77 G   A H21    1 
ATOM 1042 H H22    . G   A 1 32 ? 10.988  -10.883 7.233   1.00 0.00 ? 77 G   A H22    1 
ATOM 1043 P P      . C   A 1 33 ? 13.545  -18.904 5.973   1.00 0.00 ? 78 C   A P      1 
ATOM 1044 O OP1    . C   A 1 33 ? 14.719  -19.652 6.475   1.00 0.00 ? 78 C   A OP1    1 
ATOM 1045 O OP2    . C   A 1 33 ? 12.384  -19.641 5.427   1.00 0.00 ? 78 C   A OP2    1 
ATOM 1046 O "O5'"  . C   A 1 33 ? 13.019  -17.946 7.155   1.00 0.00 ? 78 C   A "O5'"  1 
ATOM 1047 C "C5'"  . C   A 1 33 ? 13.926  -17.289 8.013   1.00 0.00 ? 78 C   A "C5'"  1 
ATOM 1048 C "C4'"  . C   A 1 33 ? 13.168  -16.459 9.051   1.00 0.00 ? 78 C   A "C4'"  1 
ATOM 1049 O "O4'"  . C   A 1 33 ? 12.321  -15.520 8.411   1.00 0.00 ? 78 C   A "O4'"  1 
ATOM 1050 C "C3'"  . C   A 1 33 ? 12.254  -17.306 9.929   1.00 0.00 ? 78 C   A "C3'"  1 
ATOM 1051 O "O3'"  . C   A 1 33 ? 12.960  -17.959 10.962  1.00 0.00 ? 78 C   A "O3'"  1 
ATOM 1052 C "C2'"  . C   A 1 33 ? 11.303  -16.237 10.429  1.00 0.00 ? 78 C   A "C2'"  1 
ATOM 1053 O "O2'"  . C   A 1 33 ? 11.829  -15.546 11.540  1.00 0.00 ? 78 C   A "O2'"  1 
ATOM 1054 C "C1'"  . C   A 1 33 ? 11.180  -15.302 9.230   1.00 0.00 ? 78 C   A "C1'"  1 
ATOM 1055 N N1     . C   A 1 33 ? 9.911   -15.585 8.504   1.00 0.00 ? 78 C   A N1     1 
ATOM 1056 C C2     . C   A 1 33 ? 8.739   -15.095 9.070   1.00 0.00 ? 78 C   A C2     1 
ATOM 1057 O O2     . C   A 1 33 ? 8.762   -14.492 10.142  1.00 0.00 ? 78 C   A O2     1 
ATOM 1058 N N3     . C   A 1 33 ? 7.567   -15.300 8.415   1.00 0.00 ? 78 C   A N3     1 
ATOM 1059 C C4     . C   A 1 33 ? 7.524   -15.985 7.267   1.00 0.00 ? 78 C   A C4     1 
ATOM 1060 N N4     . C   A 1 33 ? 6.344   -16.154 6.654   1.00 0.00 ? 78 C   A N4     1 
ATOM 1061 C C5     . C   A 1 33 ? 8.708   -16.552 6.701   1.00 0.00 ? 78 C   A C5     1 
ATOM 1062 C C6     . C   A 1 33 ? 9.870   -16.328 7.350   1.00 0.00 ? 78 C   A C6     1 
ATOM 1063 H "H5'"  . C   A 1 33 ? 14.565  -16.632 7.424   1.00 0.00 ? 78 C   A "H5'"  1 
ATOM 1064 H "H5''" . C   A 1 33 ? 14.541  -18.029 8.524   1.00 0.00 ? 78 C   A "H5''" 1 
ATOM 1065 H "H4'"  . C   A 1 33 ? 13.870  -15.920 9.686   1.00 0.00 ? 78 C   A "H4'"  1 
ATOM 1066 H "H3'"  . C   A 1 33 ? 11.679  -18.031 9.355   1.00 0.00 ? 78 C   A "H3'"  1 
ATOM 1067 H "H2'"  . C   A 1 33 ? 10.348  -16.683 10.709  1.00 0.00 ? 78 C   A "H2'"  1 
ATOM 1068 H "HO2'" . C   A 1 33 ? 12.672  -15.160 11.286  1.00 0.00 ? 78 C   A "HO2'" 1 
ATOM 1069 H "H1'"  . C   A 1 33 ? 11.190  -14.261 9.556   1.00 0.00 ? 78 C   A "H1'"  1 
ATOM 1070 H H41    . C   A 1 33 ? 5.506   -15.759 7.056   1.00 0.00 ? 78 C   A H41    1 
ATOM 1071 H H42    . C   A 1 33 ? 6.294   -16.672 5.789   1.00 0.00 ? 78 C   A H42    1 
ATOM 1072 H H5     . C   A 1 33 ? 8.711   -17.138 5.794   1.00 0.00 ? 78 C   A H5     1 
ATOM 1073 H H6     . C   A 1 33 ? 10.756  -16.772 6.923   1.00 0.00 ? 78 C   A H6     1 
ATOM 1074 P P      . C   A 1 34 ? 12.201  -18.957 11.973  1.00 0.00 ? 79 C   A P      1 
ATOM 1075 O OP1    . C   A 1 34 ? 13.202  -19.524 12.904  1.00 0.00 ? 79 C   A OP1    1 
ATOM 1076 O OP2    . C   A 1 34 ? 11.348  -19.862 11.170  1.00 0.00 ? 79 C   A OP2    1 
ATOM 1077 O "O5'"  . C   A 1 34 ? 11.239  -17.975 12.810  1.00 0.00 ? 79 C   A "O5'"  1 
ATOM 1078 C "C5'"  . C   A 1 34 ? 11.776  -17.075 13.755  1.00 0.00 ? 79 C   A "C5'"  1 
ATOM 1079 C "C4'"  . C   A 1 34 ? 10.659  -16.262 14.409  1.00 0.00 ? 79 C   A "C4'"  1 
ATOM 1080 O "O4'"  . C   A 1 34 ? 9.892   -15.591 13.420  1.00 0.00 ? 79 C   A "O4'"  1 
ATOM 1081 C "C3'"  . C   A 1 34 ? 9.683   -17.132 15.191  1.00 0.00 ? 79 C   A "C3'"  1 
ATOM 1082 O "O3'"  . C   A 1 34 ? 10.148  -17.438 16.487  1.00 0.00 ? 79 C   A "O3'"  1 
ATOM 1083 C "C2'"  . C   A 1 34 ? 8.466   -16.231 15.192  1.00 0.00 ? 79 C   A "C2'"  1 
ATOM 1084 O "O2'"  . C   A 1 34 ? 8.553   -15.217 16.167  1.00 0.00 ? 79 C   A "O2'"  1 
ATOM 1085 C "C1'"  . C   A 1 34 ? 8.520   -15.630 13.793  1.00 0.00 ? 79 C   A "C1'"  1 
ATOM 1086 N N1     . C   A 1 34 ? 7.708   -16.458 12.858  1.00 0.00 ? 79 C   A N1     1 
ATOM 1087 C C2     . C   A 1 34 ? 6.327   -16.313 12.927  1.00 0.00 ? 79 C   A C2     1 
ATOM 1088 O O2     . C   A 1 34 ? 5.815   -15.557 13.752  1.00 0.00 ? 79 C   A O2     1 
ATOM 1089 N N3     . C   A 1 34 ? 5.552   -17.030 12.070  1.00 0.00 ? 79 C   A N3     1 
ATOM 1090 C C4     . C   A 1 34 ? 6.095   -17.880 11.192  1.00 0.00 ? 79 C   A C4     1 
ATOM 1091 N N4     . C   A 1 34 ? 5.290   -18.565 10.367  1.00 0.00 ? 79 C   A N4     1 
ATOM 1092 C C5     . C   A 1 34 ? 7.509   -18.085 11.140  1.00 0.00 ? 79 C   A C5     1 
ATOM 1093 C C6     . C   A 1 34 ? 8.270   -17.357 11.987  1.00 0.00 ? 79 C   A C6     1 
ATOM 1094 H "H5'"  . C   A 1 34 ? 12.464  -16.396 13.250  1.00 0.00 ? 79 C   A "H5'"  1 
ATOM 1095 H "H5''" . C   A 1 34 ? 12.315  -17.630 14.521  1.00 0.00 ? 79 C   A "H5''" 1 
ATOM 1096 H "H4'"  . C   A 1 34 ? 11.082  -15.523 15.087  1.00 0.00 ? 79 C   A "H4'"  1 
ATOM 1097 H "H3'"  . C   A 1 34 ? 9.429   -18.045 14.659  1.00 0.00 ? 79 C   A "H3'"  1 
ATOM 1098 H "H2'"  . C   A 1 34 ? 7.564   -16.817 15.373  1.00 0.00 ? 79 C   A "H2'"  1 
ATOM 1099 H "HO2'" . C   A 1 34 ? 9.355   -14.713 16.012  1.00 0.00 ? 79 C   A "HO2'" 1 
ATOM 1100 H "H1'"  . C   A 1 34 ? 8.137   -14.609 13.796  1.00 0.00 ? 79 C   A "H1'"  1 
ATOM 1101 H H41    . C   A 1 34 ? 4.291   -18.428 10.407  1.00 0.00 ? 79 C   A H41    1 
ATOM 1102 H H42    . C   A 1 34 ? 5.684   -19.218 9.707   1.00 0.00 ? 79 C   A H42    1 
ATOM 1103 H H5     . C   A 1 34 ? 7.981   -18.781 10.463  1.00 0.00 ? 79 C   A H5     1 
ATOM 1104 H H6     . C   A 1 34 ? 9.334   -17.528 11.948  1.00 0.00 ? 79 C   A H6     1 
ATOM 1105 N N      . ASP B 2 1  ? 14.724  5.009   -5.278  1.00 0.00 ? 33 ASP B N      1 
ATOM 1106 C CA     . ASP B 2 1  ? 13.427  4.337   -5.454  1.00 0.00 ? 33 ASP B CA     1 
ATOM 1107 C C      . ASP B 2 1  ? 13.098  4.192   -6.932  1.00 0.00 ? 33 ASP B C      1 
ATOM 1108 O O      . ASP B 2 1  ? 13.787  4.762   -7.776  1.00 0.00 ? 33 ASP B O      1 
ATOM 1109 C CB     . ASP B 2 1  ? 12.331  5.147   -4.767  1.00 0.00 ? 33 ASP B CB     1 
ATOM 1110 C CG     . ASP B 2 1  ? 12.618  5.298   -3.279  1.00 0.00 ? 33 ASP B CG     1 
ATOM 1111 O OD1    . ASP B 2 1  ? 12.749  6.423   -2.803  1.00 0.00 ? 33 ASP B OD1    1 
ATOM 1112 O OD2    . ASP B 2 1  ? 12.711  4.136   -2.573  1.00 0.00 ? 33 ASP B OD2    1 
ATOM 1113 H H1     . ASP B 2 1  ? 15.446  4.469   -5.732  1.00 0.00 ? 33 ASP B H1     1 
ATOM 1114 H H2     . ASP B 2 1  ? 14.684  5.930   -5.690  1.00 0.00 ? 33 ASP B H2     1 
ATOM 1115 H H3     . ASP B 2 1  ? 14.930  5.089   -4.293  1.00 0.00 ? 33 ASP B H3     1 
ATOM 1116 H HA     . ASP B 2 1  ? 13.475  3.344   -5.007  1.00 0.00 ? 33 ASP B HA     1 
ATOM 1117 H HB2    . ASP B 2 1  ? 12.279  6.136   -5.222  1.00 0.00 ? 33 ASP B HB2    1 
ATOM 1118 H HB3    . ASP B 2 1  ? 11.375  4.640   -4.898  1.00 0.00 ? 33 ASP B HB3    1 
ATOM 1119 H HD2    . ASP B 2 1  ? 12.894  4.276   -1.641  1.00 0.00 ? 33 ASP B HD2    1 
ATOM 1120 N N      . THR B 2 2  ? 12.045  3.422   -7.230  1.00 0.00 ? 34 THR B N      1 
ATOM 1121 C CA     . THR B 2 2  ? 11.549  3.197   -8.578  1.00 0.00 ? 34 THR B CA     1 
ATOM 1122 C C      . THR B 2 2  ? 10.028  3.181   -8.547  1.00 0.00 ? 34 THR B C      1 
ATOM 1123 O O      . THR B 2 2  ? 9.427   3.151   -7.476  1.00 0.00 ? 34 THR B O      1 
ATOM 1124 C CB     . THR B 2 2  ? 12.073  1.862   -9.113  1.00 0.00 ? 34 THR B CB     1 
ATOM 1125 O OG1    . THR B 2 2  ? 11.656  0.828   -8.251  1.00 0.00 ? 34 THR B OG1    1 
ATOM 1126 C CG2    . THR B 2 2  ? 13.601  1.847   -9.195  1.00 0.00 ? 34 THR B CG2    1 
ATOM 1127 H H      . THR B 2 2  ? 11.542  2.979   -6.474  1.00 0.00 ? 34 THR B H      1 
ATOM 1128 H HA     . THR B 2 2  ? 11.872  3.998   -9.241  1.00 0.00 ? 34 THR B HA     1 
ATOM 1129 H HB     . THR B 2 2  ? 11.657  1.700   -10.108 1.00 0.00 ? 34 THR B HB     1 
ATOM 1130 H HG1    . THR B 2 2  ? 12.031  0.985   -7.382  1.00 0.00 ? 34 THR B HG1    1 
ATOM 1131 H HG21   . THR B 2 2  ? 13.952  2.686   -9.795  1.00 0.00 ? 34 THR B HG21   1 
ATOM 1132 H HG22   . THR B 2 2  ? 14.038  1.899   -8.198  1.00 0.00 ? 34 THR B HG22   1 
ATOM 1133 H HG23   . THR B 2 2  ? 13.915  0.916   -9.666  1.00 0.00 ? 34 THR B HG23   1 
ATOM 1134 N N      . ARG B 2 3  ? 9.407   3.211   -9.727  1.00 0.00 ? 35 ARG B N      1 
ATOM 1135 C CA     . ARG B 2 3  ? 7.962   3.204   -9.837  1.00 0.00 ? 35 ARG B CA     1 
ATOM 1136 C C      . ARG B 2 3  ? 7.423   1.930   -9.201  1.00 0.00 ? 35 ARG B C      1 
ATOM 1137 O O      . ARG B 2 3  ? 6.476   1.976   -8.418  1.00 0.00 ? 35 ARG B O      1 
ATOM 1138 C CB     . ARG B 2 3  ? 7.556   3.275   -11.312 1.00 0.00 ? 35 ARG B CB     1 
ATOM 1139 C CG     . ARG B 2 3  ? 7.977   4.601   -11.956 1.00 0.00 ? 35 ARG B CG     1 
ATOM 1140 C CD     . ARG B 2 3  ? 7.582   4.657   -13.433 1.00 0.00 ? 35 ARG B CD     1 
ATOM 1141 N NE     . ARG B 2 3  ? 6.126   4.698   -13.612 1.00 0.00 ? 35 ARG B NE     1 
ATOM 1142 C CZ     . ARG B 2 3  ? 5.322   3.645   -13.842 1.00 0.00 ? 35 ARG B CZ     1 
ATOM 1143 N NH1    . ARG B 2 3  ? 5.796   2.391   -13.867 1.00 0.00 ? 35 ARG B NH1    1 
ATOM 1144 N NH2    . ARG B 2 3  ? 4.013   3.855   -14.042 1.00 0.00 ? 35 ARG B NH2    1 
ATOM 1145 H H      . ARG B 2 3  ? 9.951   3.234   -10.578 1.00 0.00 ? 35 ARG B H      1 
ATOM 1146 H HA     . ARG B 2 3  ? 7.553   4.064   -9.307  1.00 0.00 ? 35 ARG B HA     1 
ATOM 1147 H HB2    . ARG B 2 3  ? 8.014   2.446   -11.849 1.00 0.00 ? 35 ARG B HB2    1 
ATOM 1148 H HB3    . ARG B 2 3  ? 6.472   3.182   -11.364 1.00 0.00 ? 35 ARG B HB3    1 
ATOM 1149 H HG2    . ARG B 2 3  ? 7.500   5.429   -11.431 1.00 0.00 ? 35 ARG B HG2    1 
ATOM 1150 H HG3    . ARG B 2 3  ? 9.058   4.719   -11.899 1.00 0.00 ? 35 ARG B HG3    1 
ATOM 1151 H HD2    . ARG B 2 3  ? 7.985   5.580   -13.846 1.00 0.00 ? 35 ARG B HD2    1 
ATOM 1152 H HD3    . ARG B 2 3  ? 8.036   3.827   -13.973 1.00 0.00 ? 35 ARG B HD3    1 
ATOM 1153 H HE     . ARG B 2 3  ? 5.704   5.615   -13.595 1.00 0.00 ? 35 ARG B HE     1 
ATOM 1154 H HH11   . ARG B 2 3  ? 6.775   2.209   -13.706 1.00 0.00 ? 35 ARG B HH11   1 
ATOM 1155 H HH12   . ARG B 2 3  ? 5.165   1.621   -14.043 1.00 0.00 ? 35 ARG B HH12   1 
ATOM 1156 H HH21   . ARG B 2 3  ? 3.645   4.795   -14.021 1.00 0.00 ? 35 ARG B HH21   1 
ATOM 1157 H HH22   . ARG B 2 3  ? 3.396   3.073   -14.212 1.00 0.00 ? 35 ARG B HH22   1 
ATOM 1158 N N      . GLN B 2 4  ? 8.033   0.791   -9.538  1.00 0.00 ? 36 GLN B N      1 
ATOM 1159 C CA     . GLN B 2 4  ? 7.613   -0.495  -9.015  1.00 0.00 ? 36 GLN B CA     1 
ATOM 1160 C C      . GLN B 2 4  ? 7.629   -0.455  -7.494  1.00 0.00 ? 36 GLN B C      1 
ATOM 1161 O O      . GLN B 2 4  ? 6.617   -0.746  -6.863  1.00 0.00 ? 36 GLN B O      1 
ATOM 1162 C CB     . GLN B 2 4  ? 8.557   -1.592  -9.516  1.00 0.00 ? 36 GLN B CB     1 
ATOM 1163 C CG     . GLN B 2 4  ? 8.321   -1.972  -10.981 1.00 0.00 ? 36 GLN B CG     1 
ATOM 1164 C CD     . GLN B 2 4  ? 8.577   -0.811  -11.932 1.00 0.00 ? 36 GLN B CD     1 
ATOM 1165 O OE1    . GLN B 2 4  ? 7.682   -0.404  -12.670 1.00 0.00 ? 36 GLN B OE1    1 
ATOM 1166 N NE2    . GLN B 2 4  ? 9.798   -0.277  -11.911 1.00 0.00 ? 36 GLN B NE2    1 
ATOM 1167 H H      . GLN B 2 4  ? 8.807   0.812   -10.185 1.00 0.00 ? 36 GLN B H      1 
ATOM 1168 H HA     . GLN B 2 4  ? 6.594   -0.702  -9.344  1.00 0.00 ? 36 GLN B HA     1 
ATOM 1169 H HB2    . GLN B 2 4  ? 9.588   -1.261  -9.385  1.00 0.00 ? 36 GLN B HB2    1 
ATOM 1170 H HB3    . GLN B 2 4  ? 8.394   -2.483  -8.910  1.00 0.00 ? 36 GLN B HB3    1 
ATOM 1171 H HG2    . GLN B 2 4  ? 9.006   -2.781  -11.238 1.00 0.00 ? 36 GLN B HG2    1 
ATOM 1172 H HG3    . GLN B 2 4  ? 7.301   -2.329  -11.115 1.00 0.00 ? 36 GLN B HG3    1 
ATOM 1173 H HE21   . GLN B 2 4  ? 10.498  -0.648  -11.285 1.00 0.00 ? 36 GLN B HE21   1 
ATOM 1174 H HE22   . GLN B 2 4  ? 10.020  0.498   -12.518 1.00 0.00 ? 36 GLN B HE22   1 
ATOM 1175 N N      . ALA B 2 5  ? 8.780   -0.103  -6.909  1.00 0.00 ? 37 ALA B N      1 
ATOM 1176 C CA     . ALA B 2 5  ? 8.940   -0.045  -5.468  1.00 0.00 ? 37 ALA B CA     1 
ATOM 1177 C C      . ALA B 2 5  ? 7.836   0.810   -4.857  1.00 0.00 ? 37 ALA B C      1 
ATOM 1178 O O      . ALA B 2 5  ? 7.219   0.416   -3.872  1.00 0.00 ? 37 ALA B O      1 
ATOM 1179 C CB     . ALA B 2 5  ? 10.305  0.548   -5.142  1.00 0.00 ? 37 ALA B CB     1 
ATOM 1180 H H      . ALA B 2 5  ? 9.584   0.110   -7.482  1.00 0.00 ? 37 ALA B H      1 
ATOM 1181 H HA     . ALA B 2 5  ? 8.879   -1.051  -5.054  1.00 0.00 ? 37 ALA B HA     1 
ATOM 1182 H HB1    . ALA B 2 5  ? 11.086  -0.057  -5.601  1.00 0.00 ? 37 ALA B HB1    1 
ATOM 1183 H HB2    . ALA B 2 5  ? 10.356  1.566   -5.528  1.00 0.00 ? 37 ALA B HB2    1 
ATOM 1184 H HB3    . ALA B 2 5  ? 10.446  0.564   -4.061  1.00 0.00 ? 37 ALA B HB3    1 
ATOM 1185 N N      . ARG B 2 6  ? 7.582   1.977   -5.454  1.00 0.00 ? 38 ARG B N      1 
ATOM 1186 C CA     . ARG B 2 6  ? 6.536   2.863   -4.987  1.00 0.00 ? 38 ARG B CA     1 
ATOM 1187 C C      . ARG B 2 6  ? 5.189   2.174   -5.157  1.00 0.00 ? 38 ARG B C      1 
ATOM 1188 O O      . ARG B 2 6  ? 4.369   2.174   -4.240  1.00 0.00 ? 38 ARG B O      1 
ATOM 1189 C CB     . ARG B 2 6  ? 6.596   4.166   -5.789  1.00 0.00 ? 38 ARG B CB     1 
ATOM 1190 C CG     . ARG B 2 6  ? 5.601   5.210   -5.271  1.00 0.00 ? 38 ARG B CG     1 
ATOM 1191 C CD     . ARG B 2 6  ? 5.754   6.534   -6.021  1.00 0.00 ? 38 ARG B CD     1 
ATOM 1192 N NE     . ARG B 2 6  ? 7.031   7.179   -5.718  1.00 0.00 ? 38 ARG B NE     1 
ATOM 1193 C CZ     . ARG B 2 6  ? 7.446   8.299   -6.327  1.00 0.00 ? 38 ARG B CZ     1 
ATOM 1194 N NH1    . ARG B 2 6  ? 6.678   8.877   -7.260  1.00 0.00 ? 38 ARG B NH1    1 
ATOM 1195 N NH2    . ARG B 2 6  ? 8.628   8.839   -6.002  1.00 0.00 ? 38 ARG B NH2    1 
ATOM 1196 H H      . ARG B 2 6  ? 8.120   2.253   -6.263  1.00 0.00 ? 38 ARG B H      1 
ATOM 1197 H HA     . ARG B 2 6  ? 6.695   3.070   -3.929  1.00 0.00 ? 38 ARG B HA     1 
ATOM 1198 H HB2    . ARG B 2 6  ? 7.610   4.558   -5.710  1.00 0.00 ? 38 ARG B HB2    1 
ATOM 1199 H HB3    . ARG B 2 6  ? 6.384   3.945   -6.835  1.00 0.00 ? 38 ARG B HB3    1 
ATOM 1200 H HG2    . ARG B 2 6  ? 4.581   4.855   -5.418  1.00 0.00 ? 38 ARG B HG2    1 
ATOM 1201 H HG3    . ARG B 2 6  ? 5.767   5.392   -4.210  1.00 0.00 ? 38 ARG B HG3    1 
ATOM 1202 H HD2    . ARG B 2 6  ? 5.679   6.360   -7.095  1.00 0.00 ? 38 ARG B HD2    1 
ATOM 1203 H HD3    . ARG B 2 6  ? 4.948   7.203   -5.717  1.00 0.00 ? 38 ARG B HD3    1 
ATOM 1204 H HE     . ARG B 2 6  ? 7.616   6.753   -5.014  1.00 0.00 ? 38 ARG B HE     1 
ATOM 1205 H HH11   . ARG B 2 6  ? 5.787   8.471   -7.505  1.00 0.00 ? 38 ARG B HH11   1 
ATOM 1206 H HH12   . ARG B 2 6  ? 6.992   9.720   -7.720  1.00 0.00 ? 38 ARG B HH12   1 
ATOM 1207 H HH21   . ARG B 2 6  ? 9.205   8.402   -5.298  1.00 0.00 ? 38 ARG B HH21   1 
ATOM 1208 H HH22   . ARG B 2 6  ? 8.942   9.681   -6.461  1.00 0.00 ? 38 ARG B HH22   1 
ATOM 1209 N N      . ARG B 2 7  ? 4.967   1.574   -6.328  1.00 0.00 ? 39 ARG B N      1 
ATOM 1210 C CA     . ARG B 2 7  ? 3.748   0.833   -6.596  1.00 0.00 ? 39 ARG B CA     1 
ATOM 1211 C C      . ARG B 2 7  ? 3.610   -0.279  -5.564  1.00 0.00 ? 39 ARG B C      1 
ATOM 1212 O O      . ARG B 2 7  ? 2.621   -0.335  -4.836  1.00 0.00 ? 39 ARG B O      1 
ATOM 1213 C CB     . ARG B 2 7  ? 3.800   0.235   -8.005  1.00 0.00 ? 39 ARG B CB     1 
ATOM 1214 C CG     . ARG B 2 7  ? 4.054   1.238   -9.143  1.00 0.00 ? 39 ARG B CG     1 
ATOM 1215 C CD     . ARG B 2 7  ? 2.978   2.316   -9.303  1.00 0.00 ? 39 ARG B CD     1 
ATOM 1216 N NE     . ARG B 2 7  ? 1.634   1.740   -9.424  1.00 0.00 ? 39 ARG B NE     1 
ATOM 1217 C CZ     . ARG B 2 7  ? 1.163   1.142   -10.531 1.00 0.00 ? 39 ARG B CZ     1 
ATOM 1218 N NH1    . ARG B 2 7  ? 1.921   1.036   -11.631 1.00 0.00 ? 39 ARG B NH1    1 
ATOM 1219 N NH2    . ARG B 2 7  ? -0.083  0.647   -10.534 1.00 0.00 ? 39 ARG B NH2    1 
ATOM 1220 H H      . ARG B 2 7  ? 5.680   1.601   -7.042  1.00 0.00 ? 39 ARG B H      1 
ATOM 1221 H HA     . ARG B 2 7  ? 2.891   1.498   -6.500  1.00 0.00 ? 39 ARG B HA     1 
ATOM 1222 H HB2    . ARG B 2 7  ? 4.613   -0.491  -8.025  1.00 0.00 ? 39 ARG B HB2    1 
ATOM 1223 H HB3    . ARG B 2 7  ? 2.869   -0.301  -8.191  1.00 0.00 ? 39 ARG B HB3    1 
ATOM 1224 H HG2    . ARG B 2 7  ? 5.019   1.724   -9.007  1.00 0.00 ? 39 ARG B HG2    1 
ATOM 1225 H HG3    . ARG B 2 7  ? 4.097   0.668   -10.071 1.00 0.00 ? 39 ARG B HG3    1 
ATOM 1226 H HD2    . ARG B 2 7  ? 3.001   3.000   -8.455  1.00 0.00 ? 39 ARG B HD2    1 
ATOM 1227 H HD3    . ARG B 2 7  ? 3.204   2.900   -10.195 1.00 0.00 ? 39 ARG B HD3    1 
ATOM 1228 H HE     . ARG B 2 7  ? 1.031   1.798   -8.616  1.00 0.00 ? 39 ARG B HE     1 
ATOM 1229 H HH11   . ARG B 2 7  ? 2.860   1.407   -11.635 1.00 0.00 ? 39 ARG B HH11   1 
ATOM 1230 H HH12   . ARG B 2 7  ? 1.552   0.585   -12.455 1.00 0.00 ? 39 ARG B HH12   1 
ATOM 1231 H HH21   . ARG B 2 7  ? -0.659  0.723   -9.709  1.00 0.00 ? 39 ARG B HH21   1 
ATOM 1232 H HH22   . ARG B 2 7  ? -0.444  0.197   -11.363 1.00 0.00 ? 39 ARG B HH22   1 
ATOM 1233 N N      . ASN B 2 8  ? 4.611   -1.161  -5.507  1.00 0.00 ? 40 ASN B N      1 
ATOM 1234 C CA     . ASN B 2 8  ? 4.631   -2.267  -4.571  1.00 0.00 ? 40 ASN B CA     1 
ATOM 1235 C C      . ASN B 2 8  ? 4.417   -1.746  -3.155  1.00 0.00 ? 40 ASN B C      1 
ATOM 1236 O O      . ASN B 2 8  ? 3.629   -2.305  -2.397  1.00 0.00 ? 40 ASN B O      1 
ATOM 1237 C CB     . ASN B 2 8  ? 5.977   -2.979  -4.676  1.00 0.00 ? 40 ASN B CB     1 
ATOM 1238 C CG     . ASN B 2 8  ? 6.232   -3.457  -6.100  1.00 0.00 ? 40 ASN B CG     1 
ATOM 1239 O OD1    . ASN B 2 8  ? 5.291   -3.648  -6.867  1.00 0.00 ? 40 ASN B OD1    1 
ATOM 1240 N ND2    . ASN B 2 8  ? 7.507   -3.638  -6.456  1.00 0.00 ? 40 ASN B ND2    1 
ATOM 1241 H H      . ASN B 2 8  ? 5.391   -1.065  -6.140  1.00 0.00 ? 40 ASN B H      1 
ATOM 1242 H HA     . ASN B 2 8  ? 3.831   -2.966  -4.816  1.00 0.00 ? 40 ASN B HA     1 
ATOM 1243 H HB2    . ASN B 2 8  ? 6.767   -2.286  -4.387  1.00 0.00 ? 40 ASN B HB2    1 
ATOM 1244 H HB3    . ASN B 2 8  ? 5.989   -3.835  -4.000  1.00 0.00 ? 40 ASN B HB3    1 
ATOM 1245 H HD21   . ASN B 2 8  ? 8.249   -3.465  -5.793  1.00 0.00 ? 40 ASN B HD21   1 
ATOM 1246 H HD22   . ASN B 2 8  ? 7.731   -3.942  -7.393  1.00 0.00 ? 40 ASN B HD22   1 
ATOM 1247 N N      . ARG B 2 9  ? 5.121   -0.667  -2.803  1.00 0.00 ? 41 ARG B N      1 
ATOM 1248 C CA     . ARG B 2 9  ? 5.017   -0.079  -1.482  1.00 0.00 ? 41 ARG B CA     1 
ATOM 1249 C C      . ARG B 2 9  ? 3.617   0.495   -1.295  1.00 0.00 ? 41 ARG B C      1 
ATOM 1250 O O      . ARG B 2 9  ? 2.941   0.175   -0.321  1.00 0.00 ? 41 ARG B O      1 
ATOM 1251 C CB     . ARG B 2 9  ? 6.075   1.017   -1.344  1.00 0.00 ? 41 ARG B CB     1 
ATOM 1252 C CG     . ARG B 2 9  ? 6.191   1.521   0.101   1.00 0.00 ? 41 ARG B CG     1 
ATOM 1253 C CD     . ARG B 2 9  ? 7.196   2.667   0.212   1.00 0.00 ? 41 ARG B CD     1 
ATOM 1254 N NE     . ARG B 2 9  ? 8.545   2.247   -0.170  1.00 0.00 ? 41 ARG B NE     1 
ATOM 1255 C CZ     . ARG B 2 9  ? 9.576   3.101   -0.247  1.00 0.00 ? 41 ARG B CZ     1 
ATOM 1256 N NH1    . ARG B 2 9  ? 9.397   4.397   0.041   1.00 0.00 ? 41 ARG B NH1    1 
ATOM 1257 N NH2    . ARG B 2 9  ? 10.787  2.657   -0.611  1.00 0.00 ? 41 ARG B NH2    1 
ATOM 1258 H H      . ARG B 2 9  ? 5.757   -0.246  -3.466  1.00 0.00 ? 41 ARG B H      1 
ATOM 1259 H HA     . ARG B 2 9  ? 5.186   -0.855  -0.736  1.00 0.00 ? 41 ARG B HA     1 
ATOM 1260 H HB2    . ARG B 2 9  ? 7.033   0.602   -1.659  1.00 0.00 ? 41 ARG B HB2    1 
ATOM 1261 H HB3    . ARG B 2 9  ? 5.812   1.842   -2.005  1.00 0.00 ? 41 ARG B HB3    1 
ATOM 1262 H HG2    . ARG B 2 9  ? 5.228   1.888   0.451   1.00 0.00 ? 41 ARG B HG2    1 
ATOM 1263 H HG3    . ARG B 2 9  ? 6.515   0.703   0.746   1.00 0.00 ? 41 ARG B HG3    1 
ATOM 1264 H HD2    . ARG B 2 9  ? 6.881   3.493   -0.425  1.00 0.00 ? 41 ARG B HD2    1 
ATOM 1265 H HD3    . ARG B 2 9  ? 7.219   3.012   1.247   1.00 0.00 ? 41 ARG B HD3    1 
ATOM 1266 H HE     . ARG B 2 9  ? 8.691   1.272   -0.385  1.00 0.00 ? 41 ARG B HE     1 
ATOM 1267 H HH11   . ARG B 2 9  ? 8.484   4.731   0.317   1.00 0.00 ? 41 ARG B HH11   1 
ATOM 1268 H HH12   . ARG B 2 9  ? 10.174  5.039   -0.017  1.00 0.00 ? 41 ARG B HH12   1 
ATOM 1269 H HH21   . ARG B 2 9  ? 10.920  1.679   -0.831  1.00 0.00 ? 41 ARG B HH21   1 
ATOM 1270 H HH22   . ARG B 2 9  ? 11.563  3.298   -0.670  1.00 0.00 ? 41 ARG B HH22   1 
ATOM 1271 N N      . ARG B 2 10 ? 3.198   1.356   -2.227  1.00 0.00 ? 42 ARG B N      1 
ATOM 1272 C CA     . ARG B 2 10 ? 1.928   2.051   -2.140  1.00 0.00 ? 42 ARG B CA     1 
ATOM 1273 C C      . ARG B 2 10 ? 0.803   1.041   -1.968  1.00 0.00 ? 42 ARG B C      1 
ATOM 1274 O O      . ARG B 2 10 ? -0.107  1.257   -1.170  1.00 0.00 ? 42 ARG B O      1 
ATOM 1275 C CB     . ARG B 2 10 ? 1.735   2.874   -3.416  1.00 0.00 ? 42 ARG B CB     1 
ATOM 1276 C CG     . ARG B 2 10 ? 0.537   3.824   -3.310  1.00 0.00 ? 42 ARG B CG     1 
ATOM 1277 C CD     . ARG B 2 10 ? 0.336   4.614   -4.605  1.00 0.00 ? 42 ARG B CD     1 
ATOM 1278 N NE     . ARG B 2 10 ? 1.489   5.468   -4.914  1.00 0.00 ? 42 ARG B NE     1 
ATOM 1279 C CZ     . ARG B 2 10 ? 1.766   6.622   -4.289  1.00 0.00 ? 42 ARG B CZ     1 
ATOM 1280 N NH1    . ARG B 2 10 ? 0.973   7.082   -3.311  1.00 0.00 ? 42 ARG B NH1    1 
ATOM 1281 N NH2    . ARG B 2 10 ? 2.852   7.324   -4.644  1.00 0.00 ? 42 ARG B NH2    1 
ATOM 1282 H H      . ARG B 2 10 ? 3.804   1.573   -3.006  1.00 0.00 ? 42 ARG B H      1 
ATOM 1283 H HA     . ARG B 2 10 ? 1.947   2.709   -1.270  1.00 0.00 ? 42 ARG B HA     1 
ATOM 1284 H HB2    . ARG B 2 10 ? 2.645   3.455   -3.576  1.00 0.00 ? 42 ARG B HB2    1 
ATOM 1285 H HB3    . ARG B 2 10 ? 1.598   2.192   -4.254  1.00 0.00 ? 42 ARG B HB3    1 
ATOM 1286 H HG2    . ARG B 2 10 ? -0.373  3.254   -3.123  1.00 0.00 ? 42 ARG B HG2    1 
ATOM 1287 H HG3    . ARG B 2 10 ? 0.691   4.522   -2.488  1.00 0.00 ? 42 ARG B HG3    1 
ATOM 1288 H HD2    . ARG B 2 10 ? 0.186   3.919   -5.431  1.00 0.00 ? 42 ARG B HD2    1 
ATOM 1289 H HD3    . ARG B 2 10 ? -0.558  5.231   -4.511  1.00 0.00 ? 42 ARG B HD3    1 
ATOM 1290 H HE     . ARG B 2 10 ? 2.109   5.155   -5.646  1.00 0.00 ? 42 ARG B HE     1 
ATOM 1291 H HH11   . ARG B 2 10 ? 0.153   6.558   -3.038  1.00 0.00 ? 42 ARG B HH11   1 
ATOM 1292 H HH12   . ARG B 2 10 ? 1.194   7.953   -2.848  1.00 0.00 ? 42 ARG B HH12   1 
ATOM 1293 H HH21   . ARG B 2 10 ? 3.455   6.982   -5.379  1.00 0.00 ? 42 ARG B HH21   1 
ATOM 1294 H HH22   . ARG B 2 10 ? 3.066   8.193   -4.178  1.00 0.00 ? 42 ARG B HH22   1 
ATOM 1295 N N      . ARG B 2 11 ? 0.867   -0.066  -2.712  1.00 0.00 ? 43 ARG B N      1 
ATOM 1296 C CA     . ARG B 2 11 ? -0.136  -1.107  -2.613  1.00 0.00 ? 43 ARG B CA     1 
ATOM 1297 C C      . ARG B 2 11 ? -0.218  -1.578  -1.167  1.00 0.00 ? 43 ARG B C      1 
ATOM 1298 O O      . ARG B 2 11 ? -1.298  -1.896  -0.674  1.00 0.00 ? 43 ARG B O      1 
ATOM 1299 C CB     . ARG B 2 11 ? 0.248   -2.254  -3.551  1.00 0.00 ? 43 ARG B CB     1 
ATOM 1300 C CG     . ARG B 2 11 ? -0.811  -3.364  -3.570  1.00 0.00 ? 43 ARG B CG     1 
ATOM 1301 C CD     . ARG B 2 11 ? -0.504  -4.413  -4.642  1.00 0.00 ? 43 ARG B CD     1 
ATOM 1302 N NE     . ARG B 2 11 ? 0.813   -5.024  -4.447  1.00 0.00 ? 43 ARG B NE     1 
ATOM 1303 C CZ     . ARG B 2 11 ? 1.090   -5.944  -3.510  1.00 0.00 ? 43 ARG B CZ     1 
ATOM 1304 N NH1    . ARG B 2 11 ? 0.141   -6.372  -2.666  1.00 0.00 ? 43 ARG B NH1    1 
ATOM 1305 N NH2    . ARG B 2 11 ? 2.333   -6.439  -3.418  1.00 0.00 ? 43 ARG B NH2    1 
ATOM 1306 H H      . ARG B 2 11 ? 1.634   -0.196  -3.356  1.00 0.00 ? 43 ARG B H      1 
ATOM 1307 H HA     . ARG B 2 11 ? -1.101  -0.690  -2.904  1.00 0.00 ? 43 ARG B HA     1 
ATOM 1308 H HB2    . ARG B 2 11 ? 0.359   -1.845  -4.555  1.00 0.00 ? 43 ARG B HB2    1 
ATOM 1309 H HB3    . ARG B 2 11 ? 1.204   -2.661  -3.225  1.00 0.00 ? 43 ARG B HB3    1 
ATOM 1310 H HG2    . ARG B 2 11 ? -0.850  -3.856  -2.598  1.00 0.00 ? 43 ARG B HG2    1 
ATOM 1311 H HG3    . ARG B 2 11 ? -1.789  -2.936  -3.791  1.00 0.00 ? 43 ARG B HG3    1 
ATOM 1312 H HD2    . ARG B 2 11 ? -1.273  -5.186  -4.618  1.00 0.00 ? 43 ARG B HD2    1 
ATOM 1313 H HD3    . ARG B 2 11 ? -0.527  -3.942  -5.625  1.00 0.00 ? 43 ARG B HD3    1 
ATOM 1314 H HE     . ARG B 2 11 ? 1.553   -4.726  -5.067  1.00 0.00 ? 43 ARG B HE     1 
ATOM 1315 H HH11   . ARG B 2 11 ? -0.797  -6.002  -2.732  1.00 0.00 ? 43 ARG B HH11   1 
ATOM 1316 H HH12   . ARG B 2 11 ? 0.363   -7.062  -1.964  1.00 0.00 ? 43 ARG B HH12   1 
ATOM 1317 H HH21   . ARG B 2 11 ? 3.050   -6.122  -4.053  1.00 0.00 ? 43 ARG B HH21   1 
ATOM 1318 H HH22   . ARG B 2 11 ? 2.551   -7.131  -2.715  1.00 0.00 ? 43 ARG B HH22   1 
ATOM 1319 N N      . ARG B 2 12 ? 0.927   -1.604  -0.483  1.00 0.00 ? 44 ARG B N      1 
ATOM 1320 C CA     . ARG B 2 12 ? 0.982   -1.995  0.912   1.00 0.00 ? 44 ARG B CA     1 
ATOM 1321 C C      . ARG B 2 12 ? 0.212   -0.984  1.750   1.00 0.00 ? 44 ARG B C      1 
ATOM 1322 O O      . ARG B 2 12 ? -0.667  -1.355  2.526   1.00 0.00 ? 44 ARG B O      1 
ATOM 1323 C CB     . ARG B 2 12 ? 2.440   -2.047  1.381   1.00 0.00 ? 44 ARG B CB     1 
ATOM 1324 C CG     . ARG B 2 12 ? 3.364   -2.913  0.515   1.00 0.00 ? 44 ARG B CG     1 
ATOM 1325 C CD     . ARG B 2 12 ? 2.904   -4.366  0.406   1.00 0.00 ? 44 ARG B CD     1 
ATOM 1326 N NE     . ARG B 2 12 ? 3.975   -5.204  -0.130  1.00 0.00 ? 44 ARG B NE     1 
ATOM 1327 C CZ     . ARG B 2 12 ? 3.873   -6.535  -0.238  1.00 0.00 ? 44 ARG B CZ     1 
ATOM 1328 N NH1    . ARG B 2 12 ? 2.750   -7.154  0.150   1.00 0.00 ? 44 ARG B NH1    1 
ATOM 1329 N NH2    . ARG B 2 12 ? 4.895   -7.247  -0.734  1.00 0.00 ? 44 ARG B NH2    1 
ATOM 1330 H H      . ARG B 2 12 ? 1.785   -1.325  -0.936  1.00 0.00 ? 44 ARG B H      1 
ATOM 1331 H HA     . ARG B 2 12 ? 0.519   -2.973  1.034   1.00 0.00 ? 44 ARG B HA     1 
ATOM 1332 H HB2    . ARG B 2 12 ? 2.835   -1.032  1.380   1.00 0.00 ? 44 ARG B HB2    1 
ATOM 1333 H HB3    . ARG B 2 12 ? 2.457   -2.422  2.403   1.00 0.00 ? 44 ARG B HB3    1 
ATOM 1334 H HG2    . ARG B 2 12 ? 3.463   -2.491  -0.484  1.00 0.00 ? 44 ARG B HG2    1 
ATOM 1335 H HG3    . ARG B 2 12 ? 4.348   -2.907  0.985   1.00 0.00 ? 44 ARG B HG3    1 
ATOM 1336 H HD2    . ARG B 2 12 ? 2.630   -4.738  1.393   1.00 0.00 ? 44 ARG B HD2    1 
ATOM 1337 H HD3    . ARG B 2 12 ? 2.049   -4.439  -0.264  1.00 0.00 ? 44 ARG B HD3    1 
ATOM 1338 H HE     . ARG B 2 12 ? 4.827   -4.747  -0.424  1.00 0.00 ? 44 ARG B HE     1 
ATOM 1339 H HH11   . ARG B 2 12 ? 1.981   -6.615  0.520   1.00 0.00 ? 44 ARG B HH11   1 
ATOM 1340 H HH12   . ARG B 2 12 ? 2.673   -8.157  0.072   1.00 0.00 ? 44 ARG B HH12   1 
ATOM 1341 H HH21   . ARG B 2 12 ? 5.738   -6.777  -1.033  1.00 0.00 ? 44 ARG B HH21   1 
ATOM 1342 H HH22   . ARG B 2 12 ? 4.820   -8.251  -0.815  1.00 0.00 ? 44 ARG B HH22   1 
ATOM 1343 N N      . TRP B 2 13 ? 0.553   0.297   1.595   1.00 0.00 ? 45 TRP B N      1 
ATOM 1344 C CA     . TRP B 2 13 ? -0.056  1.364   2.365   1.00 0.00 ? 45 TRP B CA     1 
ATOM 1345 C C      . TRP B 2 13 ? -1.562  1.361   2.157   1.00 0.00 ? 45 TRP B C      1 
ATOM 1346 O O      . TRP B 2 13 ? -2.321  1.355   3.123   1.00 0.00 ? 45 TRP B O      1 
ATOM 1347 C CB     . TRP B 2 13 ? 0.540   2.693   1.920   1.00 0.00 ? 45 TRP B CB     1 
ATOM 1348 C CG     . TRP B 2 13 ? 0.022   3.900   2.635   1.00 0.00 ? 45 TRP B CG     1 
ATOM 1349 C CD1    . TRP B 2 13 ? 0.071   4.101   3.969   1.00 0.00 ? 45 TRP B CD1    1 
ATOM 1350 C CD2    . TRP B 2 13 ? -0.582  5.107   2.080   1.00 0.00 ? 45 TRP B CD2    1 
ATOM 1351 N NE1    . TRP B 2 13 ? -0.418  5.352   4.277   1.00 0.00 ? 45 TRP B NE1    1 
ATOM 1352 C CE2    . TRP B 2 13 ? -0.818  6.023   3.139   1.00 0.00 ? 45 TRP B CE2    1 
ATOM 1353 C CE3    . TRP B 2 13 ? -0.955  5.518   0.790   1.00 0.00 ? 45 TRP B CE3    1 
ATOM 1354 C CZ2    . TRP B 2 13 ? -1.352  7.297   2.925   1.00 0.00 ? 45 TRP B CZ2    1 
ATOM 1355 C CZ3    . TRP B 2 13 ? -1.479  6.799   0.560   1.00 0.00 ? 45 TRP B CZ3    1 
ATOM 1356 C CH2    . TRP B 2 13 ? -1.655  7.697   1.620   1.00 0.00 ? 45 TRP B CH2    1 
ATOM 1357 H H      . TRP B 2 13 ? 1.282   0.541   0.939   1.00 0.00 ? 45 TRP B H      1 
ATOM 1358 H HA     . TRP B 2 13 ? 0.150   1.219   3.424   1.00 0.00 ? 45 TRP B HA     1 
ATOM 1359 H HB2    . TRP B 2 13 ? 1.617   2.647   2.076   1.00 0.00 ? 45 TRP B HB2    1 
ATOM 1360 H HB3    . TRP B 2 13 ? 0.354   2.806   0.853   1.00 0.00 ? 45 TRP B HB3    1 
ATOM 1361 H HD1    . TRP B 2 13 ? 0.465   3.396   4.685   1.00 0.00 ? 45 TRP B HD1    1 
ATOM 1362 H HE1    . TRP B 2 13 ? -0.472  5.750   5.205   1.00 0.00 ? 45 TRP B HE1    1 
ATOM 1363 H HE3    . TRP B 2 13 ? -0.846  4.828   -0.032  1.00 0.00 ? 45 TRP B HE3    1 
ATOM 1364 H HZ2    . TRP B 2 13 ? -1.512  7.971   3.753   1.00 0.00 ? 45 TRP B HZ2    1 
ATOM 1365 H HZ3    . TRP B 2 13 ? -1.744  7.097   -0.443  1.00 0.00 ? 45 TRP B HZ3    1 
ATOM 1366 H HH2    . TRP B 2 13 ? -2.022  8.694   1.431   1.00 0.00 ? 45 TRP B HH2    1 
ATOM 1367 N N      . ARG B 2 14 ? -1.996  1.371   0.895   1.00 0.00 ? 46 ARG B N      1 
ATOM 1368 C CA     . ARG B 2 14 ? -3.409  1.381   0.583   1.00 0.00 ? 46 ARG B CA     1 
ATOM 1369 C C      . ARG B 2 14 ? -4.066  0.165   1.226   1.00 0.00 ? 46 ARG B C      1 
ATOM 1370 O O      . ARG B 2 14 ? -5.022  0.299   1.988   1.00 0.00 ? 46 ARG B O      1 
ATOM 1371 C CB     . ARG B 2 14 ? -3.593  1.355   -0.936  1.00 0.00 ? 46 ARG B CB     1 
ATOM 1372 C CG     . ARG B 2 14 ? -5.077  1.456   -1.295  1.00 0.00 ? 46 ARG B CG     1 
ATOM 1373 C CD     . ARG B 2 14 ? -5.787  1.175   -2.615  1.00 0.00 ? 46 ARG B CD     1 
ATOM 1374 N NE     . ARG B 2 14 ? -4.911  0.438   -3.530  1.00 0.00 ? 46 ARG B NE     1 
ATOM 1375 C CZ     . ARG B 2 14 ? -5.338  -0.238  -4.607  1.00 0.00 ? 46 ARG B CZ     1 
ATOM 1376 N NH1    . ARG B 2 14 ? -6.640  -0.278  -4.922  1.00 0.00 ? 46 ARG B NH1    1 
ATOM 1377 N NH2    . ARG B 2 14 ? -4.451  -0.883  -5.380  1.00 0.00 ? 46 ARG B NH2    1 
ATOM 1378 H H      . ARG B 2 14 ? -1.333  1.377   0.132   1.00 0.00 ? 46 ARG B H      1 
ATOM 1379 H HA     . ARG B 2 14 ? -3.856  2.290   0.987   1.00 0.00 ? 46 ARG B HA     1 
ATOM 1380 H HB2    . ARG B 2 14 ? -3.064  2.208   -1.365  1.00 0.00 ? 46 ARG B HB2    1 
ATOM 1381 H HB3    . ARG B 2 14 ? -3.172  0.435   -1.344  1.00 0.00 ? 46 ARG B HB3    1 
ATOM 1382 H HG2    . ARG B 2 14 ? -5.008  0.368   -1.340  1.00 0.00 ? 46 ARG B HG2    1 
ATOM 1383 H HG3    . ARG B 2 14 ? -4.672  2.234   -1.942  1.00 0.00 ? 46 ARG B HG3    1 
ATOM 1384 H HD2    . ARG B 2 14 ? -6.678  0.589   -2.394  1.00 0.00 ? 46 ARG B HD2    1 
ATOM 1385 H HD3    . ARG B 2 14 ? -6.080  2.119   -3.074  1.00 0.00 ? 46 ARG B HD3    1 
ATOM 1386 H HE     . ARG B 2 14 ? -3.922  0.447   -3.325  1.00 0.00 ? 46 ARG B HE     1 
ATOM 1387 H HH11   . ARG B 2 14 ? -7.314  0.207   -4.349  1.00 0.00 ? 46 ARG B HH11   1 
ATOM 1388 H HH12   . ARG B 2 14 ? -6.947  -0.795  -5.736  1.00 0.00 ? 46 ARG B HH12   1 
ATOM 1389 H HH21   . ARG B 2 14 ? -3.468  -0.855  -5.150  1.00 0.00 ? 46 ARG B HH21   1 
ATOM 1390 H HH22   . ARG B 2 14 ? -4.767  -1.394  -6.190  1.00 0.00 ? 46 ARG B HH22   1 
ATOM 1391 N N      . GLU B 2 15 ? -3.552  -1.024  0.903   1.00 0.00 ? 47 GLU B N      1 
ATOM 1392 C CA     . GLU B 2 15 ? -4.116  -2.274  1.372   1.00 0.00 ? 47 GLU B CA     1 
ATOM 1393 C C      . GLU B 2 15 ? -4.029  -2.334  2.890   1.00 0.00 ? 47 GLU B C      1 
ATOM 1394 O O      . GLU B 2 15 ? -4.973  -2.769  3.548   1.00 0.00 ? 47 GLU B O      1 
ATOM 1395 C CB     . GLU B 2 15 ? -3.339  -3.427  0.732   1.00 0.00 ? 47 GLU B CB     1 
ATOM 1396 C CG     . GLU B 2 15 ? -3.944  -4.793  1.062   1.00 0.00 ? 47 GLU B CG     1 
ATOM 1397 C CD     . GLU B 2 15 ? -3.200  -5.901  0.330   1.00 0.00 ? 47 GLU B CD     1 
ATOM 1398 O OE1    . GLU B 2 15 ? -2.224  -5.617  -0.361  1.00 0.00 ? 47 GLU B OE1    1 
ATOM 1399 O OE2    . GLU B 2 15 ? -3.691  -7.162  0.505   1.00 0.00 ? 47 GLU B OE2    1 
ATOM 1400 H H      . GLU B 2 15 ? -2.762  -1.068  0.276   1.00 0.00 ? 47 GLU B H      1 
ATOM 1401 H HA     . GLU B 2 15 ? -5.164  -2.323  1.077   1.00 0.00 ? 47 GLU B HA     1 
ATOM 1402 H HB2    . GLU B 2 15 ? -3.356  -3.292  -0.349  1.00 0.00 ? 47 GLU B HB2    1 
ATOM 1403 H HB3    . GLU B 2 15 ? -2.305  -3.397  1.077   1.00 0.00 ? 47 GLU B HB3    1 
ATOM 1404 H HG2    . GLU B 2 15 ? -3.878  -4.987  2.134   1.00 0.00 ? 47 GLU B HG2    1 
ATOM 1405 H HG3    . GLU B 2 15 ? -4.989  -4.815  0.757   1.00 0.00 ? 47 GLU B HG3    1 
ATOM 1406 H HE2    . GLU B 2 15 ? -3.193  -7.825  0.022   1.00 0.00 ? 47 GLU B HE2    1 
ATOM 1407 N N      . ARG B 2 16 ? -2.897  -1.897  3.447   1.00 0.00 ? 48 ARG B N      1 
ATOM 1408 C CA     . ARG B 2 16 ? -2.702  -1.905  4.883   1.00 0.00 ? 48 ARG B CA     1 
ATOM 1409 C C      . ARG B 2 16 ? -3.819  -1.085  5.520   1.00 0.00 ? 48 ARG B C      1 
ATOM 1410 O O      . ARG B 2 16 ? -4.566  -1.595  6.354   1.00 0.00 ? 48 ARG B O      1 
ATOM 1411 C CB     . ARG B 2 16 ? -1.310  -1.336  5.189   1.00 0.00 ? 48 ARG B CB     1 
ATOM 1412 C CG     . ARG B 2 16 ? -0.677  -1.893  6.468   1.00 0.00 ? 48 ARG B CG     1 
ATOM 1413 C CD     . ARG B 2 16 ? -1.497  -1.619  7.727   1.00 0.00 ? 48 ARG B CD     1 
ATOM 1414 N NE     . ARG B 2 16 ? -1.739  -0.186  7.908   1.00 0.00 ? 48 ARG B NE     1 
ATOM 1415 C CZ     . ARG B 2 16 ? -2.319  0.320   9.004   1.00 0.00 ? 48 ARG B CZ     1 
ATOM 1416 N NH1    . ARG B 2 16 ? -2.731  -0.497  9.984   1.00 0.00 ? 48 ARG B NH1    1 
ATOM 1417 N NH2    . ARG B 2 16 ? -2.486  1.644   9.125   1.00 0.00 ? 48 ARG B NH2    1 
ATOM 1418 H H      . ARG B 2 16 ? -2.148  -1.552  2.864   1.00 0.00 ? 48 ARG B H      1 
ATOM 1419 H HA     . ARG B 2 16 ? -2.777  -2.933  5.235   1.00 0.00 ? 48 ARG B HA     1 
ATOM 1420 H HB2    . ARG B 2 16 ? -0.654  -1.622  4.366   1.00 0.00 ? 48 ARG B HB2    1 
ATOM 1421 H HB3    . ARG B 2 16 ? -1.338  -0.248  5.228   1.00 0.00 ? 48 ARG B HB3    1 
ATOM 1422 H HG2    . ARG B 2 16 ? -0.534  -2.969  6.365   1.00 0.00 ? 48 ARG B HG2    1 
ATOM 1423 H HG3    . ARG B 2 16 ? 0.300   -1.426  6.591   1.00 0.00 ? 48 ARG B HG3    1 
ATOM 1424 H HD2    . ARG B 2 16 ? -2.442  -2.156  7.681   1.00 0.00 ? 48 ARG B HD2    1 
ATOM 1425 H HD3    . ARG B 2 16 ? -0.935  -1.985  8.587   1.00 0.00 ? 48 ARG B HD3    1 
ATOM 1426 H HE     . ARG B 2 16 ? -1.425  0.441   7.182   1.00 0.00 ? 48 ARG B HE     1 
ATOM 1427 H HH11   . ARG B 2 16 ? -2.604  -1.496  9.899   1.00 0.00 ? 48 ARG B HH11   1 
ATOM 1428 H HH12   . ARG B 2 16 ? -3.170  -0.113  10.809  1.00 0.00 ? 48 ARG B HH12   1 
ATOM 1429 H HH21   . ARG B 2 16 ? -2.169  2.262   8.392   1.00 0.00 ? 48 ARG B HH21   1 
ATOM 1430 H HH22   . ARG B 2 16 ? -2.921  2.025   9.953   1.00 0.00 ? 48 ARG B HH22   1 
ATOM 1431 N N      . GLN B 2 17 ? -3.973  0.169   5.086   1.00 0.00 ? 49 GLN B N      1 
ATOM 1432 C CA     . GLN B 2 17 ? -5.044  1.026   5.537   1.00 0.00 ? 49 GLN B CA     1 
ATOM 1433 C C      . GLN B 2 17 ? -6.382  0.331   5.329   1.00 0.00 ? 49 GLN B C      1 
ATOM 1434 O O      . GLN B 2 17 ? -7.343  0.589   6.051   1.00 0.00 ? 49 GLN B O      1 
ATOM 1435 C CB     . GLN B 2 17 ? -4.982  2.325   4.732   1.00 0.00 ? 49 GLN B CB     1 
ATOM 1436 C CG     . GLN B 2 17 ? -5.702  3.467   5.444   1.00 0.00 ? 49 GLN B CG     1 
ATOM 1437 C CD     . GLN B 2 17 ? -4.939  3.946   6.675   1.00 0.00 ? 49 GLN B CD     1 
ATOM 1438 O OE1    . GLN B 2 17 ? -3.806  3.537   6.919   1.00 0.00 ? 49 GLN B OE1    1 
ATOM 1439 N NE2    . GLN B 2 17 ? -5.575  4.809   7.463   1.00 0.00 ? 49 GLN B NE2    1 
ATOM 1440 H H      . GLN B 2 17 ? -3.323  0.565   4.426   1.00 0.00 ? 49 GLN B H      1 
ATOM 1441 H HA     . GLN B 2 17 ? -4.902  1.210   6.601   1.00 0.00 ? 49 GLN B HA     1 
ATOM 1442 H HB2    . GLN B 2 17 ? -3.942  2.599   4.555   1.00 0.00 ? 49 GLN B HB2    1 
ATOM 1443 H HB3    . GLN B 2 17 ? -5.460  2.149   3.768   1.00 0.00 ? 49 GLN B HB3    1 
ATOM 1444 H HG2    . GLN B 2 17 ? -5.801  4.303   4.753   1.00 0.00 ? 49 GLN B HG2    1 
ATOM 1445 H HG3    . GLN B 2 17 ? -6.697  3.132   5.741   1.00 0.00 ? 49 GLN B HG3    1 
ATOM 1446 H HE21   . GLN B 2 17 ? -6.511  5.106   7.224   1.00 0.00 ? 49 GLN B HE21   1 
ATOM 1447 H HE22   . GLN B 2 17 ? -5.121  5.148   8.298   1.00 0.00 ? 49 GLN B HE22   1 
ATOM 1448 N N      . ARG B 2 18 ? -6.430  -0.565  4.340   1.00 0.00 ? 50 ARG B N      1 
ATOM 1449 C CA     . ARG B 2 18 ? -7.631  -1.306  4.011   1.00 0.00 ? 50 ARG B CA     1 
ATOM 1450 C C      . ARG B 2 18 ? -8.084  -2.094  5.232   1.00 0.00 ? 50 ARG B C      1 
ATOM 1451 O O      . ARG B 2 18 ? -9.238  -1.995  5.644   1.00 0.00 ? 50 ARG B O      1 
ATOM 1452 C CB     . ARG B 2 18 ? -7.315  -2.238  2.836   1.00 0.00 ? 50 ARG B CB     1 
ATOM 1453 C CG     . ARG B 2 18 ? -8.423  -3.240  2.477   1.00 0.00 ? 50 ARG B CG     1 
ATOM 1454 C CD     . ARG B 2 18 ? -9.780  -2.589  2.207   1.00 0.00 ? 50 ARG B CD     1 
ATOM 1455 N NE     . ARG B 2 18 ? -9.673  -1.510  1.223   1.00 0.00 ? 50 ARG B NE     1 
ATOM 1456 C CZ     . ARG B 2 18 ? -10.699 -0.711  0.899   1.00 0.00 ? 50 ARG B CZ     1 
ATOM 1457 N NH1    . ARG B 2 18 ? -11.888 -0.867  1.497   1.00 0.00 ? 50 ARG B NH1    1 
ATOM 1458 N NH2    . ARG B 2 18 ? -10.536 0.244   -0.026  1.00 0.00 ? 50 ARG B NH2    1 
ATOM 1459 H H      . ARG B 2 18 ? -5.602  -0.734  3.788   1.00 0.00 ? 50 ARG B H      1 
ATOM 1460 H HA     . ARG B 2 18 ? -8.409  -0.597  3.735   1.00 0.00 ? 50 ARG B HA     1 
ATOM 1461 H HB2    . ARG B 2 18 ? -7.085  -1.626  1.963   1.00 0.00 ? 50 ARG B HB2    1 
ATOM 1462 H HB3    . ARG B 2 18 ? -6.423  -2.811  3.090   1.00 0.00 ? 50 ARG B HB3    1 
ATOM 1463 H HG2    . ARG B 2 18 ? -8.113  -3.762  1.572   1.00 0.00 ? 50 ARG B HG2    1 
ATOM 1464 H HG3    . ARG B 2 18 ? -8.535  -3.980  3.269   1.00 0.00 ? 50 ARG B HG3    1 
ATOM 1465 H HD2    . ARG B 2 18 ? -10.451 -3.352  1.812   1.00 0.00 ? 50 ARG B HD2    1 
ATOM 1466 H HD3    . ARG B 2 18 ? -10.204 -2.209  3.136   1.00 0.00 ? 50 ARG B HD3    1 
ATOM 1467 H HE     . ARG B 2 18 ? -8.784  -1.381  0.764   1.00 0.00 ? 50 ARG B HE     1 
ATOM 1468 H HH11   . ARG B 2 18 ? -12.011 -1.582  2.198   1.00 0.00 ? 50 ARG B HH11   1 
ATOM 1469 H HH12   . ARG B 2 18 ? -12.660 -0.264  1.249   1.00 0.00 ? 50 ARG B HH12   1 
ATOM 1470 H HH21   . ARG B 2 18 ? -9.640  0.363   -0.478  1.00 0.00 ? 50 ARG B HH21   1 
ATOM 1471 H HH22   . ARG B 2 18 ? -11.309 0.844   -0.274  1.00 0.00 ? 50 ARG B HH22   1 
ATOM 1472 N N      . ALA B 2 19 ? -7.171  -2.876  5.814   1.00 0.00 ? 51 ALA B N      1 
ATOM 1473 C CA     . ALA B 2 19 ? -7.480  -3.668  6.987   1.00 0.00 ? 51 ALA B CA     1 
ATOM 1474 C C      . ALA B 2 19 ? -7.999  -2.760  8.094   1.00 0.00 ? 51 ALA B C      1 
ATOM 1475 O O      . ALA B 2 19 ? -9.054  -3.021  8.668   1.00 0.00 ? 51 ALA B O      1 
ATOM 1476 C CB     . ALA B 2 19 ? -6.216  -4.391  7.447   1.00 0.00 ? 51 ALA B CB     1 
ATOM 1477 H H      . ALA B 2 19 ? -6.234  -2.918  5.438   1.00 0.00 ? 51 ALA B H      1 
ATOM 1478 H HA     . ALA B 2 19 ? -8.246  -4.401  6.738   1.00 0.00 ? 51 ALA B HA     1 
ATOM 1479 H HB1    . ALA B 2 19 ? -5.857  -5.039  6.648   1.00 0.00 ? 51 ALA B HB1    1 
ATOM 1480 H HB2    . ALA B 2 19 ? -5.448  -3.661  7.697   1.00 0.00 ? 51 ALA B HB2    1 
ATOM 1481 H HB3    . ALA B 2 19 ? -6.444  -4.994  8.328   1.00 0.00 ? 51 ALA B HB3    1 
ATOM 1482 N N      . ALA B 2 20 ? -7.258  -1.689  8.387   1.00 0.00 ? 52 ALA B N      1 
ATOM 1483 C CA     . ALA B 2 20 ? -7.644  -0.750  9.423   1.00 0.00 ? 52 ALA B CA     1 
ATOM 1484 C C      . ALA B 2 20 ? -8.999  -0.147  9.085   1.00 0.00 ? 52 ALA B C      1 
ATOM 1485 O O      . ALA B 2 20 ? -9.923  -0.202  9.893   1.00 0.00 ? 52 ALA B O      1 
ATOM 1486 C CB     . ALA B 2 20 ? -6.583  0.344   9.521   1.00 0.00 ? 52 ALA B CB     1 
ATOM 1487 H H      . ALA B 2 20 ? -6.403  -1.518  7.881   1.00 0.00 ? 52 ALA B H      1 
ATOM 1488 H HA     . ALA B 2 20 ? -7.716  -1.269  10.378  1.00 0.00 ? 52 ALA B HA     1 
ATOM 1489 H HB1    . ALA B 2 20 ? -6.498  0.857   8.564   1.00 0.00 ? 52 ALA B HB1    1 
ATOM 1490 H HB2    . ALA B 2 20 ? -6.867  1.058   10.294  1.00 0.00 ? 52 ALA B HB2    1 
ATOM 1491 H HB3    . ALA B 2 20 ? -5.625  -0.107  9.778   1.00 0.00 ? 52 ALA B HB3    1 
ATOM 1492 N N      . ALA B 2 21 ? -9.116  0.428   7.885   1.00 0.00 ? 53 ALA B N      1 
ATOM 1493 C CA     . ALA B 2 21 ? -10.350 1.048   7.448   1.00 0.00 ? 53 ALA B CA     1 
ATOM 1494 C C      . ALA B 2 21 ? -11.489 0.041   7.534   1.00 0.00 ? 53 ALA B C      1 
ATOM 1495 O O      . ALA B 2 21 ? -12.493 0.289   8.196   1.00 0.00 ? 53 ALA B O      1 
ATOM 1496 C CB     . ALA B 2 21 ? -10.182 1.535   6.012   1.00 0.00 ? 53 ALA B CB     1 
ATOM 1497 H H      . ALA B 2 21 ? -8.325  0.445   7.258   1.00 0.00 ? 53 ALA B H      1 
ATOM 1498 H HA     . ALA B 2 21 ? -10.578 1.895   8.095   1.00 0.00 ? 53 ALA B HA     1 
ATOM 1499 H HB1    . ALA B 2 21 ? -9.941  0.688   5.367   1.00 0.00 ? 53 ALA B HB1    1 
ATOM 1500 H HB2    . ALA B 2 21 ? -11.107 1.999   5.675   1.00 0.00 ? 53 ALA B HB2    1 
ATOM 1501 H HB3    . ALA B 2 21 ? -9.372  2.263   5.970   1.00 0.00 ? 53 ALA B HB3    1 
ATOM 1502 N N      . ALA B 2 22 ? -11.329 -1.100  6.857   1.00 0.00 ? 54 ALA B N      1 
ATOM 1503 C CA     . ALA B 2 22 ? -12.338 -2.138  6.855   1.00 0.00 ? 54 ALA B CA     1 
ATOM 1504 C C      . ALA B 2 22 ? -12.511 -2.681  8.266   1.00 0.00 ? 54 ALA B C      1 
ATOM 1505 O O      . ALA B 2 22 ? -13.627 -2.980  8.686   1.00 0.00 ? 54 ALA B O      1 
ATOM 1506 C CB     . ALA B 2 22 ? -11.903 -3.250  5.906   1.00 0.00 ? 54 ALA B CB     1 
ATOM 1507 H H      . ALA B 2 22 ? -10.480 -1.255  6.332   1.00 0.00 ? 54 ALA B H      1 
ATOM 1508 H HA     . ALA B 2 22 ? -13.286 -1.724  6.517   1.00 0.00 ? 54 ALA B HA     1 
ATOM 1509 H HB1    . ALA B 2 22 ? -10.949 -3.658  6.236   1.00 0.00 ? 54 ALA B HB1    1 
ATOM 1510 H HB2    . ALA B 2 22 ? -12.656 -4.039  5.903   1.00 0.00 ? 54 ALA B HB2    1 
ATOM 1511 H HB3    . ALA B 2 22 ? -11.794 -2.845  4.900   1.00 0.00 ? 54 ALA B HB3    1 
ATOM 1512 N N      . ARG B 2 23 ? -11.402 -2.796  9.000   1.00 0.00 ? 55 ARG B N      1 
ATOM 1513 C CA     . ARG B 2 23 ? -11.426 -3.276  10.365  1.00 0.00 ? 55 ARG B CA     1 
ATOM 1514 C C      . ARG B 2 23 ? -11.953 -2.180  11.280  1.00 0.00 ? 55 ARG B C      1 
ATOM 1515 O O      . ARG B 2 23 ? -11.229 -1.737  12.170  1.00 0.00 ? 55 ARG B O      1 
ATOM 1516 C CB     . ARG B 2 23 ? -10.015 -3.676  10.780  1.00 0.00 ? 55 ARG B CB     1 
ATOM 1517 C CG     . ARG B 2 23 ? -10.058 -4.223  12.205  1.00 0.00 ? 55 ARG B CG     1 
ATOM 1518 C CD     . ARG B 2 23 ? -8.654  -4.586  12.689  1.00 0.00 ? 55 ARG B CD     1 
ATOM 1519 N NE     . ARG B 2 23 ? -8.693  -5.118  14.054  1.00 0.00 ? 55 ARG B NE     1 
ATOM 1520 C CZ     . ARG B 2 23 ? -9.104  -6.356  14.372  1.00 0.00 ? 55 ARG B CZ     1 
ATOM 1521 N NH1    . ARG B 2 23 ? -9.498  -7.212  13.417  1.00 0.00 ? 55 ARG B NH1    1 
ATOM 1522 N NH2    . ARG B 2 23 ? -9.127  -6.739  15.655  1.00 0.00 ? 55 ARG B NH2    1 
ATOM 1523 O OXT    . ARG B 2 23 ? -13.228 -1.762  11.032  1.00 0.00 ? 55 ARG B OXT    1 
ATOM 1524 H H      . ARG B 2 23 ? -10.511 -2.537  8.598   1.00 0.00 ? 55 ARG B H      1 
ATOM 1525 H HA     . ARG B 2 23 ? -12.084 -4.143  10.434  1.00 0.00 ? 55 ARG B HA     1 
ATOM 1526 H HB2    . ARG B 2 23 ? -9.644  -4.447  10.106  1.00 0.00 ? 55 ARG B HB2    1 
ATOM 1527 H HB3    . ARG B 2 23 ? -9.364  -2.802  10.733  1.00 0.00 ? 55 ARG B HB3    1 
ATOM 1528 H HG2    . ARG B 2 23 ? -10.480 -3.467  12.867  1.00 0.00 ? 55 ARG B HG2    1 
ATOM 1529 H HG3    . ARG B 2 23 ? -10.692 -5.108  12.221  1.00 0.00 ? 55 ARG B HG3    1 
ATOM 1530 H HD2    . ARG B 2 23 ? -8.208  -5.315  12.011  1.00 0.00 ? 55 ARG B HD2    1 
ATOM 1531 H HD3    . ARG B 2 23 ? -8.038  -3.687  12.691  1.00 0.00 ? 55 ARG B HD3    1 
ATOM 1532 H HE     . ARG B 2 23 ? -8.401  -4.499  14.797  1.00 0.00 ? 55 ARG B HE     1 
ATOM 1533 H HH11   . ARG B 2 23 ? -9.486  -6.929  12.448  1.00 0.00 ? 55 ARG B HH11   1 
ATOM 1534 H HH12   . ARG B 2 23 ? -9.807  -8.140  13.668  1.00 0.00 ? 55 ARG B HH12   1 
ATOM 1535 H HH21   . ARG B 2 23 ? -8.838  -6.098  16.380  1.00 0.00 ? 55 ARG B HH21   1 
ATOM 1536 H HH22   . ARG B 2 23 ? -9.442  -7.668  15.900  1.00 0.00 ? 55 ARG B HH22   1 
# 
